data_9RDC
#
_entry.id   9RDC
#
_cell.length_a   85.874
_cell.length_b   136.912
_cell.length_c   195.574
_cell.angle_alpha   90.00
_cell.angle_beta   90.00
_cell.angle_gamma   90.00
#
_symmetry.space_group_name_H-M   'P 21 21 21'
#
loop_
_entity.id
_entity.type
_entity.pdbx_description
1 polymer 'RxLR effector protein PITG_16705'
2 polymer 'Target of myb protein 1'
#
loop_
_entity_poly.entity_id
_entity_poly.type
_entity_poly.pdbx_seq_one_letter_code
_entity_poly.pdbx_strand_id
1 'polypeptide(L)'
;GPAPSIVENIKALVKSSAVTPAKLQQWLDERLPAGLVFKNMNLDEPNIFSLLHEPNFAKWVQYADDLSAKSSHKESSVIS
TLTSLHGDKVVYDTIQAAKLYPQLSELALKLEKDQIRFWIATRKDPSVVFEALNLNWAGISIFPKPEFSAWLKYVDDVNA
RHPKEAPLSIIPTLKQRFSRGDEAGTDVLLKLIANGKATTEAKTVANKVESALFDFWLNSRETPDKVMDAFKYGTTTQAF
LGSPRWKEWERYLSAYNARYPEKKATAIETLTRKYGDAQLLDTLIGASSKGETKTLAAKLQAQQFDRWMNLKESPLDVYN
RLRSSYGDTAFFNEPQLNVWVSYMNVFVDKNPSKVDKMFLELGDTFGDMRLFRVLGEAKKFPNLESTATKLQMEKASTLF
ASGKSPEGIFKVLALDNVGDDILSNTLFHKWLAYLQKFNKEHPNNQESWFDMLRISYQPFGVERIIETGRKNPLTRLMAE
KVENAYHNYWLDIKMEPKTAFRSLHLDESGEKLLADPKFNTWVQYLKTFNDRYPNEKTTVIDGLRDNSHDIALLRMFSAA
KNDPSTEKLATDLQSALILKWQDAKKTPEELKRVFVGVPAADEMLDRYIKLLAVASSTP
;
A,B
2 'polypeptide(L)'
;GPMVNSMVERATSDMLIGPDWAMNIEICDICNHDPAQAKDVVKGIKRRLGSKNPKVQLLALTLLETIVKNCGDIVHMHVA
EKDLLHEMVKIVKKKQPDLHVKEKVLILIDTWQEAFGGPRARYPQFYGAYQELLRIGAVFPQRSERSAPV
;
C,D
#
# COMPACT_ATOMS: atom_id res chain seq x y z
N VAL A 19 -10.85 27.77 34.49
CA VAL A 19 -10.91 29.24 34.76
C VAL A 19 -12.06 29.83 33.94
N THR A 20 -12.36 31.12 34.18
CA THR A 20 -13.69 31.67 33.94
C THR A 20 -13.84 32.17 32.50
N PRO A 21 -15.10 32.24 32.02
CA PRO A 21 -15.45 33.07 30.87
C PRO A 21 -14.89 34.50 30.91
N ALA A 22 -14.79 35.09 32.11
CA ALA A 22 -14.20 36.41 32.26
C ALA A 22 -12.73 36.41 31.84
N LYS A 23 -12.01 35.38 32.28
CA LYS A 23 -10.62 35.21 31.92
C LYS A 23 -10.47 35.00 30.41
N LEU A 24 -11.40 34.25 29.83
CA LEU A 24 -11.45 34.08 28.38
C LEU A 24 -11.68 35.42 27.66
N GLN A 25 -12.66 36.20 28.11
CA GLN A 25 -12.96 37.48 27.47
C GLN A 25 -11.78 38.43 27.59
N GLN A 26 -11.16 38.45 28.78
CA GLN A 26 -9.92 39.15 29.00
C GLN A 26 -8.87 38.71 27.97
N TRP A 27 -8.67 37.40 27.89
CA TRP A 27 -7.69 36.85 26.98
C TRP A 27 -8.01 37.18 25.52
N LEU A 28 -9.31 37.23 25.19
CA LEU A 28 -9.74 37.59 23.85
C LEU A 28 -9.41 39.05 23.56
N ASP A 29 -9.66 39.92 24.53
CA ASP A 29 -9.28 41.31 24.43
C ASP A 29 -7.77 41.42 24.24
N GLU A 30 -7.04 40.60 25.01
CA GLU A 30 -5.58 40.50 24.92
C GLU A 30 -5.14 39.74 23.66
N ARG A 31 -6.08 39.14 22.91
CA ARG A 31 -5.82 38.41 21.68
C ARG A 31 -4.82 37.29 21.92
N LEU A 32 -5.01 36.49 22.97
CA LEU A 32 -4.14 35.35 23.21
C LEU A 32 -4.25 34.32 22.10
N PRO A 33 -3.13 33.69 21.68
CA PRO A 33 -3.21 32.66 20.65
C PRO A 33 -4.01 31.44 21.10
N ALA A 34 -4.73 30.84 20.17
CA ALA A 34 -5.63 29.75 20.45
C ALA A 34 -4.89 28.59 21.11
N GLY A 35 -3.73 28.24 20.51
CA GLY A 35 -2.95 27.12 20.98
C GLY A 35 -2.51 27.28 22.43
N LEU A 36 -2.12 28.49 22.83
CA LEU A 36 -1.74 28.71 24.21
C LEU A 36 -2.95 28.50 25.12
N VAL A 37 -4.10 29.06 24.72
CA VAL A 37 -5.31 28.93 25.52
C VAL A 37 -5.63 27.46 25.72
N PHE A 38 -5.49 26.66 24.65
CA PHE A 38 -5.69 25.21 24.75
C PHE A 38 -4.89 24.63 25.91
N LYS A 39 -3.61 24.96 25.94
CA LYS A 39 -2.72 24.42 26.95
C LYS A 39 -3.05 24.99 28.32
N ASN A 40 -3.44 26.28 28.39
CA ASN A 40 -3.93 26.90 29.63
C ASN A 40 -5.14 26.14 30.16
N MET A 41 -5.97 25.61 29.25
CA MET A 41 -7.15 24.86 29.64
C MET A 41 -6.82 23.41 30.03
N ASN A 42 -5.55 22.99 29.99
CA ASN A 42 -5.13 21.62 30.23
C ASN A 42 -5.87 20.63 29.32
N LEU A 43 -6.14 21.08 28.09
CA LEU A 43 -6.79 20.22 27.12
C LEU A 43 -5.80 19.22 26.53
N ASP A 44 -4.58 19.13 27.09
CA ASP A 44 -3.74 17.95 26.89
C ASP A 44 -4.33 16.68 27.56
N GLU A 45 -5.42 16.23 26.95
CA GLU A 45 -6.04 14.95 27.20
C GLU A 45 -5.07 13.87 26.73
N PRO A 46 -4.99 12.70 27.40
CA PRO A 46 -4.16 11.62 26.87
C PRO A 46 -4.61 11.01 25.53
N ASN A 47 -5.89 11.11 25.18
CA ASN A 47 -6.38 10.46 23.97
C ASN A 47 -7.16 11.48 23.15
N ILE A 48 -6.78 11.59 21.88
CA ILE A 48 -7.39 12.54 20.96
C ILE A 48 -8.87 12.24 20.77
N PHE A 49 -9.25 10.97 20.73
CA PHE A 49 -10.65 10.63 20.48
C PHE A 49 -11.52 11.04 21.67
N SER A 50 -10.95 11.05 22.88
CA SER A 50 -11.63 11.52 24.07
C SER A 50 -11.88 13.02 24.03
N LEU A 51 -10.89 13.78 23.51
CA LEU A 51 -10.84 15.23 23.66
C LEU A 51 -12.17 15.89 23.33
N LEU A 52 -12.73 15.52 22.20
CA LEU A 52 -13.92 16.20 21.69
C LEU A 52 -15.13 16.03 22.60
N HIS A 53 -15.12 15.04 23.50
CA HIS A 53 -16.20 14.85 24.45
C HIS A 53 -16.15 15.85 25.60
N GLU A 54 -15.01 16.47 25.90
CA GLU A 54 -14.96 17.41 27.01
C GLU A 54 -15.73 18.69 26.66
N PRO A 55 -16.73 19.12 27.45
CA PRO A 55 -17.45 20.36 27.14
C PRO A 55 -16.53 21.58 27.01
N ASN A 56 -15.44 21.59 27.81
CA ASN A 56 -14.44 22.64 27.80
C ASN A 56 -13.90 22.88 26.38
N PHE A 57 -13.68 21.79 25.64
CA PHE A 57 -13.13 21.88 24.30
C PHE A 57 -14.02 22.76 23.42
N ALA A 58 -15.35 22.61 23.54
CA ALA A 58 -16.26 23.39 22.72
C ALA A 58 -16.10 24.88 22.99
N LYS A 59 -15.96 25.26 24.27
CA LYS A 59 -15.77 26.65 24.62
C LYS A 59 -14.50 27.18 23.96
N TRP A 60 -13.45 26.37 23.96
CA TRP A 60 -12.22 26.74 23.29
C TRP A 60 -12.43 26.94 21.79
N VAL A 61 -13.26 26.12 21.17
CA VAL A 61 -13.59 26.30 19.76
C VAL A 61 -14.18 27.69 19.57
N GLN A 62 -15.15 28.05 20.42
CA GLN A 62 -15.80 29.34 20.29
C GLN A 62 -14.77 30.45 20.42
N TYR A 63 -13.87 30.31 21.43
CA TYR A 63 -12.80 31.26 21.61
C TYR A 63 -11.99 31.40 20.31
N ALA A 64 -11.57 30.27 19.79
CA ALA A 64 -10.72 30.23 18.61
C ALA A 64 -11.41 30.89 17.41
N ASP A 65 -12.70 30.60 17.21
CA ASP A 65 -13.48 31.20 16.14
C ASP A 65 -13.55 32.71 16.33
N ASP A 66 -13.93 33.13 17.54
CA ASP A 66 -14.09 34.55 17.83
C ASP A 66 -12.75 35.27 17.66
N LEU A 67 -11.65 34.61 18.04
CA LEU A 67 -10.32 35.13 17.80
C LEU A 67 -10.07 35.28 16.29
N SER A 68 -10.38 34.23 15.52
CA SER A 68 -10.16 34.23 14.09
C SER A 68 -10.86 35.39 13.41
N ALA A 69 -12.01 35.78 13.94
CA ALA A 69 -12.77 36.90 13.40
C ALA A 69 -11.98 38.20 13.41
N LYS A 70 -10.99 38.34 14.29
CA LYS A 70 -10.18 39.54 14.26
C LYS A 70 -8.68 39.25 14.11
N SER A 71 -8.26 37.99 13.99
CA SER A 71 -6.92 37.68 13.57
C SER A 71 -6.78 37.91 12.07
N SER A 72 -5.53 37.88 11.59
CA SER A 72 -5.19 37.96 10.17
C SER A 72 -5.74 36.77 9.40
N HIS A 73 -5.59 35.57 9.96
CA HIS A 73 -6.01 34.38 9.24
C HIS A 73 -7.53 34.24 9.35
N LYS A 74 -8.17 33.98 8.23
CA LYS A 74 -9.57 33.59 8.26
C LYS A 74 -9.71 32.21 8.90
N GLU A 75 -8.90 31.28 8.42
CA GLU A 75 -9.18 29.86 8.58
C GLU A 75 -9.02 29.41 10.03
N SER A 76 -9.56 28.21 10.28
CA SER A 76 -9.73 27.67 11.61
C SER A 76 -8.39 27.35 12.27
N SER A 77 -8.01 28.22 13.20
CA SER A 77 -6.87 28.00 14.07
C SER A 77 -6.97 26.68 14.79
N VAL A 78 -8.19 26.24 15.08
CA VAL A 78 -8.40 24.95 15.73
C VAL A 78 -7.66 23.87 14.95
N ILE A 79 -7.98 23.78 13.66
CA ILE A 79 -7.42 22.72 12.83
C ILE A 79 -5.89 22.81 12.86
N SER A 80 -5.38 24.03 12.66
CA SER A 80 -3.96 24.28 12.67
C SER A 80 -3.35 23.68 13.94
N THR A 81 -3.94 24.06 15.09
CA THR A 81 -3.49 23.55 16.38
C THR A 81 -3.46 22.02 16.36
N LEU A 82 -4.60 21.43 16.03
CA LEU A 82 -4.75 19.99 16.19
C LEU A 82 -3.83 19.21 15.25
N THR A 83 -3.76 19.63 13.97
CA THR A 83 -2.91 18.98 12.99
C THR A 83 -1.44 19.12 13.42
N SER A 84 -1.09 20.26 14.00
CA SER A 84 0.26 20.49 14.47
C SER A 84 0.63 19.57 15.63
N LEU A 85 -0.36 19.13 16.41
CA LEU A 85 -0.10 18.15 17.43
C LEU A 85 -0.05 16.73 16.88
N HIS A 86 -0.92 16.39 15.94
CA HIS A 86 -1.22 14.99 15.69
C HIS A 86 -1.03 14.55 14.24
N GLY A 87 -0.90 15.48 13.29
CA GLY A 87 -0.80 15.16 11.88
C GLY A 87 -2.18 14.96 11.25
N ASP A 88 -2.27 15.30 9.98
CA ASP A 88 -3.54 15.56 9.31
C ASP A 88 -4.47 14.35 9.36
N LYS A 89 -3.94 13.16 9.04
CA LYS A 89 -4.77 11.96 8.96
C LYS A 89 -5.46 11.73 10.30
N VAL A 90 -4.69 11.84 11.38
CA VAL A 90 -5.17 11.51 12.71
C VAL A 90 -6.33 12.45 13.06
N VAL A 91 -6.16 13.72 12.70
CA VAL A 91 -7.21 14.70 12.95
C VAL A 91 -8.46 14.28 12.20
N TYR A 92 -8.31 14.04 10.90
CA TYR A 92 -9.45 13.75 10.06
C TYR A 92 -10.19 12.51 10.58
N ASP A 93 -9.43 11.44 10.81
CA ASP A 93 -9.97 10.22 11.37
C ASP A 93 -10.70 10.47 12.70
N THR A 94 -10.13 11.36 13.52
CA THR A 94 -10.75 11.67 14.80
C THR A 94 -12.07 12.39 14.58
N ILE A 95 -12.09 13.34 13.65
CA ILE A 95 -13.34 14.02 13.34
C ILE A 95 -14.35 12.99 12.82
N GLN A 96 -13.89 12.04 11.98
CA GLN A 96 -14.79 11.02 11.46
C GLN A 96 -15.33 10.15 12.60
N ALA A 97 -14.48 9.79 13.56
CA ALA A 97 -14.90 9.09 14.76
C ALA A 97 -15.92 9.93 15.55
N ALA A 98 -15.75 11.26 15.54
CA ALA A 98 -16.64 12.16 16.24
C ALA A 98 -18.04 12.18 15.60
N LYS A 99 -18.13 11.95 14.30
CA LYS A 99 -19.43 11.96 13.63
C LYS A 99 -20.36 10.89 14.18
N LEU A 100 -19.82 9.83 14.79
CA LEU A 100 -20.60 8.70 15.25
C LEU A 100 -21.58 9.18 16.31
N TYR A 101 -21.06 9.78 17.39
CA TYR A 101 -21.90 10.20 18.50
C TYR A 101 -22.74 11.41 18.11
N PRO A 102 -24.08 11.27 17.95
CA PRO A 102 -24.85 12.25 17.21
C PRO A 102 -24.89 13.64 17.85
N GLN A 103 -24.77 13.70 19.18
CA GLN A 103 -24.68 14.97 19.90
C GLN A 103 -23.40 15.73 19.52
N LEU A 104 -22.37 15.03 19.01
CA LEU A 104 -21.18 15.66 18.45
C LEU A 104 -21.30 15.91 16.94
N SER A 105 -22.38 15.46 16.29
CA SER A 105 -22.45 15.44 14.83
C SER A 105 -22.30 16.85 14.26
N GLU A 106 -23.04 17.81 14.81
CA GLU A 106 -23.04 19.17 14.30
C GLU A 106 -21.65 19.79 14.38
N LEU A 107 -20.95 19.52 15.50
CA LEU A 107 -19.61 20.03 15.66
C LEU A 107 -18.71 19.31 14.65
N ALA A 108 -18.78 17.97 14.61
CA ALA A 108 -17.94 17.17 13.73
C ALA A 108 -18.07 17.61 12.27
N LEU A 109 -19.28 17.97 11.84
CA LEU A 109 -19.44 18.38 10.45
C LEU A 109 -18.84 19.78 10.26
N LYS A 110 -18.99 20.69 11.25
CA LYS A 110 -18.31 21.97 11.19
C LYS A 110 -16.80 21.77 11.05
N LEU A 111 -16.28 20.87 11.89
CA LEU A 111 -14.86 20.56 11.93
C LEU A 111 -14.39 20.02 10.58
N GLU A 112 -15.15 19.12 9.95
CA GLU A 112 -14.80 18.60 8.65
C GLU A 112 -14.66 19.75 7.65
N LYS A 113 -15.68 20.63 7.61
CA LYS A 113 -15.65 21.76 6.70
C LYS A 113 -14.41 22.61 6.96
N ASP A 114 -14.18 22.88 8.24
CA ASP A 114 -13.05 23.69 8.66
C ASP A 114 -11.75 23.05 8.21
N GLN A 115 -11.61 21.72 8.38
CA GLN A 115 -10.39 21.03 8.01
C GLN A 115 -10.10 21.18 6.51
N ILE A 116 -11.16 21.08 5.71
CA ILE A 116 -11.03 21.28 4.28
C ILE A 116 -10.56 22.71 4.01
N ARG A 117 -11.25 23.70 4.59
CA ARG A 117 -10.88 25.10 4.40
C ARG A 117 -9.40 25.30 4.71
N PHE A 118 -9.03 24.77 5.88
CA PHE A 118 -7.67 24.82 6.37
C PHE A 118 -6.70 24.23 5.35
N TRP A 119 -6.94 22.99 4.93
CA TRP A 119 -6.07 22.34 3.98
C TRP A 119 -5.87 23.19 2.73
N ILE A 120 -6.98 23.70 2.21
CA ILE A 120 -6.95 24.49 0.99
C ILE A 120 -6.10 25.74 1.23
N ALA A 121 -6.35 26.44 2.34
CA ALA A 121 -5.63 27.66 2.66
C ALA A 121 -4.14 27.38 2.81
N THR A 122 -3.80 26.26 3.45
CA THR A 122 -2.41 25.95 3.79
C THR A 122 -1.71 25.23 2.64
N ARG A 123 -2.35 25.09 1.46
CA ARG A 123 -1.79 24.41 0.30
C ARG A 123 -1.19 23.07 0.69
N LYS A 124 -1.94 22.28 1.48
CA LYS A 124 -1.43 21.02 1.99
C LYS A 124 -1.27 20.05 0.83
N ASP A 125 -0.23 19.22 0.91
CA ASP A 125 0.17 18.40 -0.22
C ASP A 125 -0.91 17.35 -0.50
N PRO A 126 -1.32 17.15 -1.78
CA PRO A 126 -2.39 16.22 -2.10
C PRO A 126 -2.20 14.82 -1.51
N SER A 127 -0.95 14.35 -1.42
CA SER A 127 -0.64 13.05 -0.85
C SER A 127 -1.21 12.91 0.56
N VAL A 128 -1.16 13.98 1.34
CA VAL A 128 -1.64 13.91 2.72
C VAL A 128 -3.16 13.72 2.68
N VAL A 129 -3.84 14.43 1.78
CA VAL A 129 -5.29 14.35 1.68
C VAL A 129 -5.65 12.94 1.21
N PHE A 130 -4.92 12.44 0.21
CA PHE A 130 -5.16 11.12 -0.32
C PHE A 130 -5.10 10.07 0.79
N GLU A 131 -4.04 10.16 1.60
CA GLU A 131 -3.81 9.26 2.70
C GLU A 131 -4.91 9.38 3.74
N ALA A 132 -5.25 10.62 4.09
CA ALA A 132 -6.24 10.90 5.11
C ALA A 132 -7.60 10.36 4.67
N LEU A 133 -7.91 10.44 3.37
CA LEU A 133 -9.13 9.88 2.82
C LEU A 133 -9.16 8.35 2.84
N ASN A 134 -8.06 7.67 3.22
CA ASN A 134 -8.00 6.22 3.15
C ASN A 134 -8.27 5.72 1.73
N LEU A 135 -7.66 6.40 0.75
CA LEU A 135 -7.63 5.86 -0.61
C LEU A 135 -6.60 4.72 -0.75
N ASN A 136 -5.94 4.34 0.36
CA ASN A 136 -5.21 3.07 0.52
C ASN A 136 -5.94 1.87 -0.10
N TRP A 137 -7.27 1.83 0.03
CA TRP A 137 -8.08 0.66 -0.27
C TRP A 137 -8.12 0.39 -1.78
N ALA A 138 -8.46 1.42 -2.54
CA ALA A 138 -9.15 1.22 -3.81
C ALA A 138 -8.38 0.41 -4.86
N GLY A 139 -7.07 0.67 -5.06
CA GLY A 139 -6.30 0.00 -6.10
C GLY A 139 -6.94 0.07 -7.49
N ILE A 140 -7.63 -1.00 -7.89
CA ILE A 140 -8.30 -1.11 -9.18
C ILE A 140 -9.28 0.04 -9.39
N SER A 141 -10.03 0.36 -8.33
CA SER A 141 -11.26 1.11 -8.49
C SER A 141 -11.11 2.46 -7.79
N ILE A 142 -10.03 3.16 -8.11
CA ILE A 142 -9.88 4.51 -7.61
C ILE A 142 -10.99 5.40 -8.16
N PHE A 143 -11.28 5.28 -9.46
CA PHE A 143 -12.00 6.32 -10.16
C PHE A 143 -13.45 6.44 -9.70
N PRO A 144 -14.22 5.34 -9.50
CA PRO A 144 -15.64 5.51 -9.20
C PRO A 144 -15.89 6.07 -7.81
N LYS A 145 -14.91 5.95 -6.91
CA LYS A 145 -15.17 6.22 -5.50
C LYS A 145 -15.29 7.72 -5.23
N PRO A 146 -16.31 8.15 -4.46
CA PRO A 146 -16.59 9.57 -4.31
C PRO A 146 -15.47 10.34 -3.63
N GLU A 147 -14.72 9.64 -2.78
CA GLU A 147 -13.63 10.25 -2.06
C GLU A 147 -12.54 10.66 -3.05
N PHE A 148 -12.30 9.79 -4.04
CA PHE A 148 -11.33 10.14 -5.05
C PHE A 148 -11.79 11.39 -5.82
N SER A 149 -13.07 11.43 -6.17
CA SER A 149 -13.65 12.59 -6.82
C SER A 149 -13.45 13.86 -5.99
N ALA A 150 -13.73 13.73 -4.69
CA ALA A 150 -13.53 14.81 -3.74
C ALA A 150 -12.07 15.24 -3.74
N TRP A 151 -11.15 14.27 -3.86
CA TRP A 151 -9.73 14.53 -3.88
C TRP A 151 -9.35 15.37 -5.10
N LEU A 152 -9.93 15.07 -6.26
CA LEU A 152 -9.69 15.90 -7.44
C LEU A 152 -10.27 17.31 -7.24
N LYS A 153 -11.48 17.36 -6.66
CA LYS A 153 -12.11 18.64 -6.32
C LYS A 153 -11.15 19.47 -5.47
N TYR A 154 -10.56 18.85 -4.45
CA TYR A 154 -9.60 19.51 -3.59
C TYR A 154 -8.47 20.12 -4.42
N VAL A 155 -7.92 19.34 -5.35
CA VAL A 155 -6.79 19.79 -6.15
C VAL A 155 -7.21 21.01 -6.95
N ASP A 156 -8.35 20.89 -7.66
CA ASP A 156 -8.82 22.01 -8.46
C ASP A 156 -9.06 23.25 -7.60
N ASP A 157 -9.69 23.07 -6.43
CA ASP A 157 -10.00 24.16 -5.53
C ASP A 157 -8.74 24.86 -5.04
N VAL A 158 -7.73 24.06 -4.66
CA VAL A 158 -6.48 24.63 -4.16
C VAL A 158 -5.87 25.53 -5.23
N ASN A 159 -5.71 24.99 -6.44
CA ASN A 159 -5.15 25.74 -7.54
C ASN A 159 -5.93 27.04 -7.80
N ALA A 160 -7.26 26.96 -7.66
CA ALA A 160 -8.14 28.11 -7.85
C ALA A 160 -7.85 29.20 -6.81
N ARG A 161 -7.64 28.81 -5.55
CA ARG A 161 -7.33 29.76 -4.50
C ARG A 161 -5.92 30.31 -4.69
N HIS A 162 -5.02 29.53 -5.29
CA HIS A 162 -3.62 29.89 -5.39
C HIS A 162 -3.18 30.02 -6.86
N PRO A 163 -3.71 31.00 -7.62
CA PRO A 163 -3.34 31.15 -9.02
C PRO A 163 -1.94 31.72 -9.22
N LYS A 164 -1.41 32.41 -8.20
CA LYS A 164 -0.09 33.02 -8.29
C LYS A 164 1.00 31.96 -8.28
N GLU A 165 0.84 30.95 -7.42
CA GLU A 165 1.86 29.93 -7.23
C GLU A 165 1.87 28.98 -8.42
N ALA A 166 2.99 28.26 -8.56
CA ALA A 166 3.02 27.14 -9.48
C ALA A 166 1.94 26.14 -9.04
N PRO A 167 1.20 25.53 -9.99
CA PRO A 167 0.09 24.68 -9.63
C PRO A 167 0.54 23.34 -9.05
N LEU A 168 -0.34 22.71 -8.28
CA LEU A 168 -0.07 21.41 -7.69
C LEU A 168 -0.72 20.32 -8.53
N SER A 169 -0.19 19.11 -8.44
CA SER A 169 -0.71 18.01 -9.24
C SER A 169 -0.83 16.72 -8.41
N ILE A 170 -1.81 15.90 -8.82
CA ILE A 170 -2.05 14.57 -8.29
C ILE A 170 -0.91 13.61 -8.57
N ILE A 171 -0.22 13.81 -9.69
CA ILE A 171 0.45 12.74 -10.39
C ILE A 171 1.55 12.13 -9.52
N PRO A 172 2.43 12.92 -8.85
CA PRO A 172 3.47 12.33 -8.03
C PRO A 172 2.92 11.35 -7.00
N THR A 173 1.79 11.73 -6.36
CA THR A 173 1.17 10.90 -5.36
C THR A 173 0.85 9.53 -5.96
N LEU A 174 0.25 9.54 -7.15
CA LEU A 174 -0.19 8.32 -7.78
C LEU A 174 1.01 7.43 -8.13
N LYS A 175 2.02 8.03 -8.75
CA LYS A 175 3.21 7.29 -9.17
C LYS A 175 3.86 6.63 -7.98
N GLN A 176 4.14 7.43 -6.96
CA GLN A 176 4.94 6.99 -5.82
C GLN A 176 4.22 5.90 -5.05
N ARG A 177 2.89 5.86 -5.10
CA ARG A 177 2.12 4.86 -4.38
C ARG A 177 2.24 3.51 -5.06
N PHE A 178 1.97 3.46 -6.37
CA PHE A 178 1.81 2.16 -6.99
C PHE A 178 3.14 1.50 -7.33
N SER A 179 4.20 2.25 -7.65
CA SER A 179 5.52 1.63 -7.74
C SER A 179 6.62 2.64 -7.50
N ARG A 180 7.72 2.10 -6.96
CA ARG A 180 8.88 2.87 -6.57
C ARG A 180 9.82 2.96 -7.76
N GLY A 181 9.32 3.46 -8.88
CA GLY A 181 10.04 3.50 -10.13
C GLY A 181 9.25 4.37 -11.09
N ASP A 182 9.89 5.41 -11.62
CA ASP A 182 9.27 6.44 -12.44
C ASP A 182 8.46 5.79 -13.55
N GLU A 183 9.14 4.98 -14.35
CA GLU A 183 8.48 4.28 -15.44
C GLU A 183 7.47 3.30 -14.91
N ALA A 184 7.88 2.43 -13.98
CA ALA A 184 7.07 1.28 -13.59
C ALA A 184 5.72 1.72 -13.00
N GLY A 185 5.73 2.74 -12.14
CA GLY A 185 4.49 3.28 -11.58
C GLY A 185 3.56 3.80 -12.68
N THR A 186 4.16 4.46 -13.67
CA THR A 186 3.41 5.03 -14.76
C THR A 186 2.73 3.92 -15.57
N ASP A 187 3.37 2.75 -15.69
CA ASP A 187 2.76 1.64 -16.41
C ASP A 187 1.38 1.32 -15.82
N VAL A 188 1.32 1.19 -14.49
CA VAL A 188 0.07 0.78 -13.89
C VAL A 188 -0.97 1.88 -14.12
N LEU A 189 -0.54 3.14 -14.04
CA LEU A 189 -1.43 4.25 -14.29
C LEU A 189 -2.02 4.15 -15.70
N LEU A 190 -1.17 3.90 -16.70
CA LEU A 190 -1.65 3.74 -18.06
C LEU A 190 -2.68 2.61 -18.16
N LYS A 191 -2.42 1.47 -17.52
CA LYS A 191 -3.36 0.37 -17.51
C LYS A 191 -4.70 0.83 -16.95
N LEU A 192 -4.63 1.57 -15.83
CA LEU A 192 -5.82 1.98 -15.14
C LEU A 192 -6.60 2.98 -15.98
N ILE A 193 -5.91 3.89 -16.64
CA ILE A 193 -6.56 4.83 -17.53
C ILE A 193 -7.29 4.08 -18.63
N ALA A 194 -6.59 3.11 -19.25
CA ALA A 194 -7.14 2.42 -20.41
C ALA A 194 -8.43 1.69 -20.06
N ASN A 195 -8.44 0.90 -18.98
CA ASN A 195 -9.65 0.16 -18.65
C ASN A 195 -10.71 1.11 -18.08
N GLY A 196 -10.32 2.23 -17.46
CA GLY A 196 -11.28 3.26 -17.07
C GLY A 196 -12.03 3.86 -18.26
N LYS A 197 -11.33 4.09 -19.38
CA LYS A 197 -11.97 4.60 -20.58
C LYS A 197 -12.99 3.62 -21.14
N ALA A 198 -12.72 2.32 -21.02
CA ALA A 198 -13.57 1.31 -21.63
C ALA A 198 -14.96 1.29 -20.98
N THR A 199 -15.02 1.39 -19.64
CA THR A 199 -16.31 1.50 -18.95
C THR A 199 -16.84 2.92 -19.06
N THR A 200 -18.12 3.05 -19.44
CA THR A 200 -18.82 4.34 -19.48
C THR A 200 -18.74 5.06 -18.13
N GLU A 201 -18.86 4.27 -17.03
CA GLU A 201 -18.85 4.77 -15.67
C GLU A 201 -17.62 5.60 -15.37
N ALA A 202 -16.44 5.02 -15.63
CA ALA A 202 -15.19 5.67 -15.27
C ALA A 202 -14.70 6.64 -16.36
N LYS A 203 -15.27 6.62 -17.57
CA LYS A 203 -14.66 7.22 -18.75
C LYS A 203 -14.36 8.71 -18.53
N THR A 204 -15.32 9.44 -17.97
CA THR A 204 -15.15 10.87 -17.69
C THR A 204 -13.96 11.10 -16.76
N VAL A 205 -13.91 10.32 -15.70
CA VAL A 205 -12.88 10.41 -14.68
C VAL A 205 -11.53 10.09 -15.32
N ALA A 206 -11.50 8.99 -16.08
CA ALA A 206 -10.32 8.53 -16.80
C ALA A 206 -9.75 9.65 -17.66
N ASN A 207 -10.61 10.37 -18.39
CA ASN A 207 -10.16 11.46 -19.25
C ASN A 207 -9.53 12.59 -18.43
N LYS A 208 -10.10 12.92 -17.25
CA LYS A 208 -9.50 13.95 -16.43
C LYS A 208 -8.10 13.51 -15.97
N VAL A 209 -7.99 12.25 -15.53
CA VAL A 209 -6.72 11.72 -15.05
C VAL A 209 -5.68 11.81 -16.17
N GLU A 210 -6.06 11.39 -17.37
CA GLU A 210 -5.18 11.45 -18.52
C GLU A 210 -4.71 12.88 -18.74
N SER A 211 -5.65 13.83 -18.76
CA SER A 211 -5.31 15.22 -19.02
C SER A 211 -4.30 15.71 -17.99
N ALA A 212 -4.49 15.32 -16.73
CA ALA A 212 -3.58 15.72 -15.67
C ALA A 212 -2.18 15.13 -15.91
N LEU A 213 -2.13 13.86 -16.26
CA LEU A 213 -0.85 13.21 -16.53
C LEU A 213 -0.12 13.92 -17.66
N PHE A 214 -0.85 14.23 -18.73
CA PHE A 214 -0.29 14.97 -19.84
C PHE A 214 0.28 16.29 -19.37
N ASP A 215 -0.55 17.07 -18.65
CA ASP A 215 -0.14 18.38 -18.18
C ASP A 215 1.11 18.26 -17.32
N PHE A 216 1.14 17.20 -16.48
CA PHE A 216 2.30 16.96 -15.65
C PHE A 216 3.56 16.84 -16.51
N TRP A 217 3.54 15.97 -17.52
CA TRP A 217 4.69 15.82 -18.40
C TRP A 217 5.07 17.14 -19.06
N LEU A 218 4.08 17.87 -19.56
CA LEU A 218 4.34 19.14 -20.23
C LEU A 218 5.03 20.12 -19.30
N ASN A 219 4.52 20.22 -18.07
CA ASN A 219 4.97 21.23 -17.13
C ASN A 219 6.33 20.86 -16.58
N SER A 220 6.59 19.56 -16.45
CA SER A 220 7.90 19.07 -16.05
C SER A 220 8.88 19.04 -17.23
N ARG A 221 8.39 19.33 -18.46
CA ARG A 221 9.18 19.39 -19.68
C ARG A 221 9.78 18.03 -20.01
N GLU A 222 9.10 16.95 -19.61
CA GLU A 222 9.61 15.61 -19.86
C GLU A 222 9.49 15.30 -21.35
N THR A 223 10.62 14.96 -21.98
CA THR A 223 10.68 14.85 -23.43
C THR A 223 9.84 13.67 -23.91
N PRO A 224 9.36 13.69 -25.18
CA PRO A 224 8.76 12.52 -25.77
C PRO A 224 9.63 11.27 -25.65
N ASP A 225 10.95 11.45 -25.82
CA ASP A 225 11.94 10.39 -25.72
C ASP A 225 11.84 9.69 -24.36
N LYS A 226 11.87 10.51 -23.31
CA LYS A 226 11.75 9.98 -21.96
C LYS A 226 10.38 9.33 -21.77
N VAL A 227 9.34 10.04 -22.22
CA VAL A 227 7.96 9.62 -22.00
C VAL A 227 7.70 8.27 -22.66
N MET A 228 8.35 8.04 -23.81
CA MET A 228 8.18 6.78 -24.50
C MET A 228 8.56 5.60 -23.62
N ASP A 229 9.64 5.72 -22.83
CA ASP A 229 10.06 4.64 -21.95
C ASP A 229 8.93 4.16 -21.05
N ALA A 230 8.10 5.11 -20.62
CA ALA A 230 6.93 4.78 -19.85
C ALA A 230 5.97 3.89 -20.65
N PHE A 231 5.62 4.31 -21.86
CA PHE A 231 4.66 3.54 -22.64
C PHE A 231 5.22 2.18 -23.04
N LYS A 232 6.53 2.14 -23.32
CA LYS A 232 7.27 0.93 -23.68
C LYS A 232 7.40 -0.05 -22.51
N TYR A 233 7.15 0.38 -21.28
CA TYR A 233 7.49 -0.43 -20.12
C TYR A 233 6.80 -1.79 -20.18
N GLY A 234 7.50 -2.82 -19.69
CA GLY A 234 6.96 -4.17 -19.64
C GLY A 234 7.21 -4.95 -20.93
N THR A 235 7.24 -4.28 -22.09
CA THR A 235 7.15 -4.92 -23.39
C THR A 235 8.50 -4.90 -24.11
N THR A 236 8.61 -5.76 -25.12
CA THR A 236 9.62 -5.62 -26.15
C THR A 236 9.29 -4.38 -26.96
N THR A 237 10.33 -3.79 -27.57
CA THR A 237 10.18 -2.67 -28.48
C THR A 237 9.14 -2.98 -29.54
N GLN A 238 9.21 -4.18 -30.10
CA GLN A 238 8.30 -4.68 -31.12
C GLN A 238 6.86 -4.59 -30.64
N ALA A 239 6.60 -5.16 -29.47
CA ALA A 239 5.27 -5.29 -28.92
C ALA A 239 4.64 -3.92 -28.70
N PHE A 240 5.43 -2.96 -28.21
CA PHE A 240 4.92 -1.62 -27.99
C PHE A 240 4.33 -1.06 -29.28
N LEU A 241 5.00 -1.28 -30.41
CA LEU A 241 4.54 -0.71 -31.67
C LEU A 241 3.20 -1.30 -32.08
N GLY A 242 3.00 -2.60 -31.85
CA GLY A 242 1.73 -3.25 -32.15
C GLY A 242 0.57 -2.80 -31.25
N SER A 243 0.88 -2.28 -30.06
CA SER A 243 -0.11 -2.00 -29.03
C SER A 243 -0.92 -0.74 -29.35
N PRO A 244 -2.09 -0.54 -28.70
CA PRO A 244 -2.76 0.75 -28.68
C PRO A 244 -1.88 1.91 -28.21
N ARG A 245 -0.99 1.60 -27.25
CA ARG A 245 -0.17 2.60 -26.57
C ARG A 245 0.65 3.43 -27.54
N TRP A 246 1.09 2.83 -28.65
CA TRP A 246 1.83 3.55 -29.67
C TRP A 246 1.11 4.84 -30.08
N LYS A 247 -0.15 4.70 -30.48
CA LYS A 247 -0.95 5.84 -30.90
C LYS A 247 -1.08 6.87 -29.77
N GLU A 248 -1.22 6.37 -28.55
CA GLU A 248 -1.33 7.21 -27.37
C GLU A 248 -0.05 8.04 -27.22
N TRP A 249 1.11 7.41 -27.43
CA TRP A 249 2.36 8.13 -27.35
C TRP A 249 2.52 9.13 -28.50
N GLU A 250 2.06 8.77 -29.71
CA GLU A 250 2.02 9.74 -30.81
C GLU A 250 1.20 10.97 -30.40
N ARG A 251 0.07 10.72 -29.73
CA ARG A 251 -0.78 11.80 -29.25
C ARG A 251 0.01 12.69 -28.29
N TYR A 252 0.82 12.09 -27.42
CA TYR A 252 1.69 12.87 -26.57
C TYR A 252 2.67 13.69 -27.40
N LEU A 253 3.34 13.04 -28.37
CA LEU A 253 4.34 13.71 -29.16
C LEU A 253 3.73 14.96 -29.79
N SER A 254 2.57 14.80 -30.42
CA SER A 254 1.89 15.90 -31.05
C SER A 254 1.57 16.99 -30.03
N ALA A 255 1.13 16.63 -28.82
CA ALA A 255 0.87 17.60 -27.77
C ALA A 255 2.14 18.34 -27.36
N TYR A 256 3.24 17.59 -27.20
CA TYR A 256 4.51 18.16 -26.82
C TYR A 256 4.95 19.20 -27.83
N ASN A 257 4.90 18.86 -29.12
CA ASN A 257 5.26 19.75 -30.21
C ASN A 257 4.45 21.04 -30.16
N ALA A 258 3.15 20.94 -29.80
CA ALA A 258 2.27 22.10 -29.75
C ALA A 258 2.73 23.09 -28.68
N ARG A 259 3.10 22.60 -27.49
CA ARG A 259 3.47 23.44 -26.37
C ARG A 259 4.86 24.06 -26.60
N TYR A 260 5.77 23.28 -27.23
CA TYR A 260 7.15 23.70 -27.38
C TYR A 260 7.59 23.53 -28.83
N PRO A 261 7.06 24.36 -29.76
CA PRO A 261 7.36 24.20 -31.18
C PRO A 261 8.82 24.44 -31.56
N GLU A 262 9.56 25.22 -30.75
CA GLU A 262 10.99 25.37 -30.98
C GLU A 262 11.73 24.03 -30.84
N LYS A 263 11.18 23.10 -30.05
CA LYS A 263 11.75 21.77 -29.85
C LYS A 263 10.98 20.69 -30.60
N LYS A 264 10.23 21.06 -31.65
CA LYS A 264 9.39 20.14 -32.38
C LYS A 264 10.18 18.95 -32.91
N ALA A 265 9.56 17.77 -32.85
CA ALA A 265 10.18 16.52 -33.30
C ALA A 265 9.12 15.59 -33.87
N THR A 266 9.47 14.83 -34.92
CA THR A 266 8.58 13.80 -35.42
C THR A 266 9.05 12.46 -34.86
N ALA A 267 8.18 11.45 -35.03
CA ALA A 267 8.38 10.13 -34.45
C ALA A 267 9.72 9.58 -34.87
N ILE A 268 9.96 9.50 -36.18
CA ILE A 268 11.15 8.82 -36.67
C ILE A 268 12.41 9.55 -36.21
N GLU A 269 12.37 10.88 -36.21
CA GLU A 269 13.49 11.67 -35.74
C GLU A 269 13.80 11.30 -34.29
N THR A 270 12.72 11.29 -33.49
CA THR A 270 12.83 10.96 -32.07
C THR A 270 13.43 9.55 -31.92
N LEU A 271 12.85 8.59 -32.64
CA LEU A 271 13.31 7.21 -32.62
C LEU A 271 14.78 7.11 -32.98
N THR A 272 15.19 7.86 -34.00
CA THR A 272 16.56 7.87 -34.46
C THR A 272 17.45 8.32 -33.30
N ARG A 273 17.11 9.46 -32.69
CA ARG A 273 18.02 10.00 -31.70
C ARG A 273 18.06 9.11 -30.46
N LYS A 274 16.96 8.39 -30.14
CA LYS A 274 16.93 7.51 -28.98
C LYS A 274 17.81 6.29 -29.21
N TYR A 275 17.58 5.55 -30.31
CA TYR A 275 18.18 4.24 -30.46
C TYR A 275 19.33 4.20 -31.45
N GLY A 276 19.39 5.16 -32.38
CA GLY A 276 20.35 5.12 -33.48
C GLY A 276 19.80 4.29 -34.64
N ASP A 277 20.26 4.60 -35.84
CA ASP A 277 19.64 4.10 -37.04
C ASP A 277 19.68 2.57 -37.12
N ALA A 278 20.77 1.95 -36.63
CA ALA A 278 20.95 0.52 -36.76
C ALA A 278 19.86 -0.26 -36.05
N GLN A 279 19.67 0.02 -34.75
CA GLN A 279 18.65 -0.72 -33.99
C GLN A 279 17.27 -0.42 -34.55
N LEU A 280 17.04 0.85 -34.91
CA LEU A 280 15.78 1.27 -35.53
C LEU A 280 15.50 0.42 -36.76
N LEU A 281 16.52 0.33 -37.62
CA LEU A 281 16.39 -0.43 -38.83
C LEU A 281 16.03 -1.88 -38.49
N ASP A 282 16.78 -2.49 -37.57
CA ASP A 282 16.51 -3.85 -37.15
C ASP A 282 15.08 -4.02 -36.68
N THR A 283 14.60 -3.04 -35.91
CA THR A 283 13.25 -3.13 -35.40
C THR A 283 12.25 -2.99 -36.55
N LEU A 284 12.49 -2.06 -37.48
CA LEU A 284 11.61 -1.92 -38.63
C LEU A 284 11.58 -3.19 -39.48
N ILE A 285 12.73 -3.82 -39.66
CA ILE A 285 12.79 -5.13 -40.28
C ILE A 285 11.85 -6.10 -39.56
N GLY A 286 12.04 -6.24 -38.24
CA GLY A 286 11.23 -7.17 -37.46
C GLY A 286 9.74 -6.89 -37.62
N ALA A 287 9.37 -5.63 -37.44
CA ALA A 287 7.99 -5.18 -37.53
C ALA A 287 7.41 -5.36 -38.93
N SER A 288 8.20 -5.28 -39.97
CA SER A 288 7.68 -5.42 -41.32
C SER A 288 7.25 -6.85 -41.61
N SER A 289 7.76 -7.83 -40.85
CA SER A 289 7.44 -9.22 -41.07
C SER A 289 6.07 -9.60 -40.52
N LYS A 290 5.60 -8.90 -39.49
CA LYS A 290 4.44 -9.31 -38.72
C LYS A 290 3.21 -8.48 -39.05
N GLY A 291 2.08 -9.17 -39.16
CA GLY A 291 0.83 -8.62 -39.63
C GLY A 291 0.42 -7.36 -38.86
N GLU A 292 0.51 -7.40 -37.53
CA GLU A 292 0.03 -6.32 -36.66
C GLU A 292 0.71 -4.99 -37.00
N THR A 293 2.02 -5.06 -37.32
CA THR A 293 2.87 -3.89 -37.41
C THR A 293 3.21 -3.55 -38.87
N LYS A 294 2.98 -4.48 -39.81
CA LYS A 294 3.57 -4.45 -41.14
C LYS A 294 3.38 -3.11 -41.82
N THR A 295 2.15 -2.61 -41.77
CA THR A 295 1.72 -1.38 -42.41
C THR A 295 2.65 -0.24 -42.03
N LEU A 296 2.73 0.02 -40.72
CA LEU A 296 3.45 1.19 -40.28
C LEU A 296 4.95 0.92 -40.33
N ALA A 297 5.38 -0.33 -40.19
CA ALA A 297 6.78 -0.67 -40.40
C ALA A 297 7.26 -0.13 -41.73
N ALA A 298 6.50 -0.41 -42.78
CA ALA A 298 6.86 0.06 -44.10
C ALA A 298 6.84 1.58 -44.16
N LYS A 299 5.82 2.21 -43.55
CA LYS A 299 5.69 3.66 -43.61
C LYS A 299 6.91 4.32 -42.98
N LEU A 300 7.23 3.89 -41.76
CA LEU A 300 8.34 4.45 -41.01
C LEU A 300 9.65 4.17 -41.74
N GLN A 301 9.77 2.98 -42.34
CA GLN A 301 10.95 2.66 -43.14
C GLN A 301 11.14 3.68 -44.27
N ALA A 302 10.04 3.99 -44.98
CA ALA A 302 10.09 4.93 -46.08
C ALA A 302 10.53 6.30 -45.56
N GLN A 303 9.98 6.71 -44.41
CA GLN A 303 10.36 7.98 -43.81
C GLN A 303 11.85 7.98 -43.44
N GLN A 304 12.37 6.85 -42.97
CA GLN A 304 13.78 6.77 -42.64
C GLN A 304 14.63 7.00 -43.87
N PHE A 305 14.19 6.41 -44.98
CA PHE A 305 14.84 6.64 -46.26
C PHE A 305 14.78 8.11 -46.61
N ASP A 306 13.60 8.72 -46.46
CA ASP A 306 13.40 10.11 -46.79
C ASP A 306 14.39 10.99 -46.03
N ARG A 307 14.66 10.65 -44.76
CA ARG A 307 15.67 11.37 -43.99
C ARG A 307 17.02 11.30 -44.70
N TRP A 308 17.47 10.09 -44.97
CA TRP A 308 18.76 9.90 -45.61
C TRP A 308 18.85 10.61 -46.96
N MET A 309 17.74 10.62 -47.69
CA MET A 309 17.66 11.37 -48.93
C MET A 309 17.78 12.88 -48.70
N ASN A 310 17.09 13.42 -47.69
CA ASN A 310 17.15 14.84 -47.38
C ASN A 310 18.55 15.23 -46.88
N LEU A 311 19.27 14.27 -46.28
CA LEU A 311 20.67 14.45 -45.90
C LEU A 311 21.63 14.24 -47.09
N LYS A 312 21.08 13.80 -48.25
CA LYS A 312 21.82 13.58 -49.48
C LYS A 312 22.90 12.52 -49.26
N GLU A 313 22.51 11.46 -48.55
CA GLU A 313 23.41 10.35 -48.29
C GLU A 313 23.26 9.30 -49.39
N SER A 314 24.38 9.02 -50.09
CA SER A 314 24.41 7.95 -51.07
C SER A 314 24.34 6.61 -50.37
N PRO A 315 23.92 5.52 -51.07
CA PRO A 315 23.77 4.23 -50.43
C PRO A 315 25.01 3.76 -49.67
N LEU A 316 26.16 4.04 -50.25
CA LEU A 316 27.41 3.65 -49.64
C LEU A 316 27.68 4.54 -48.42
N ASP A 317 27.32 5.84 -48.48
CA ASP A 317 27.39 6.68 -47.28
C ASP A 317 26.53 6.10 -46.15
N VAL A 318 25.34 5.62 -46.51
CA VAL A 318 24.42 5.03 -45.54
C VAL A 318 25.06 3.78 -44.94
N TYR A 319 25.69 2.97 -45.79
CA TYR A 319 26.36 1.78 -45.30
C TYR A 319 27.44 2.18 -44.28
N ASN A 320 28.23 3.21 -44.60
CA ASN A 320 29.23 3.74 -43.68
C ASN A 320 28.67 4.07 -42.32
N ARG A 321 27.55 4.80 -42.36
CA ARG A 321 26.90 5.20 -41.13
C ARG A 321 26.59 3.99 -40.26
N LEU A 322 25.94 3.00 -40.88
CA LEU A 322 25.31 1.95 -40.13
C LEU A 322 26.27 0.82 -39.78
N ARG A 323 27.43 0.72 -40.46
CA ARG A 323 28.42 -0.30 -40.12
C ARG A 323 28.82 -0.26 -38.65
N SER A 324 28.88 0.97 -38.12
CA SER A 324 29.58 1.26 -36.89
C SER A 324 28.75 0.94 -35.64
N SER A 325 27.76 0.03 -35.71
CA SER A 325 27.35 -0.64 -34.48
C SER A 325 26.91 -2.09 -34.71
N TYR A 326 25.77 -2.32 -35.38
CA TYR A 326 25.02 -3.56 -35.14
C TYR A 326 25.23 -4.54 -36.29
N GLY A 327 24.63 -4.20 -37.43
CA GLY A 327 24.53 -5.15 -38.51
C GLY A 327 25.53 -4.84 -39.62
N ASP A 328 26.83 -5.13 -39.45
CA ASP A 328 27.80 -5.22 -40.55
C ASP A 328 28.11 -6.69 -40.83
N THR A 329 28.49 -7.39 -39.75
CA THR A 329 28.53 -8.85 -39.70
C THR A 329 27.24 -9.50 -40.21
N ALA A 330 26.09 -8.86 -39.96
CA ALA A 330 24.78 -9.32 -40.38
C ALA A 330 24.16 -8.26 -41.28
N PHE A 331 24.95 -7.79 -42.24
CA PHE A 331 24.48 -6.85 -43.22
C PHE A 331 24.20 -7.56 -44.51
N PHE A 332 25.17 -8.35 -44.97
CA PHE A 332 25.09 -8.93 -46.29
C PHE A 332 24.06 -10.05 -46.36
N ASN A 333 23.70 -10.64 -45.22
CA ASN A 333 22.67 -11.66 -45.25
C ASN A 333 21.26 -11.06 -45.34
N GLU A 334 20.33 -11.92 -45.76
CA GLU A 334 18.92 -11.71 -45.55
C GLU A 334 18.65 -11.49 -44.07
N PRO A 335 17.73 -10.58 -43.66
CA PRO A 335 17.02 -9.67 -44.55
C PRO A 335 17.72 -8.36 -44.88
N GLN A 336 18.75 -7.98 -44.13
CA GLN A 336 19.23 -6.60 -44.07
C GLN A 336 19.52 -6.07 -45.46
N LEU A 337 20.22 -6.87 -46.25
CA LEU A 337 20.59 -6.54 -47.63
C LEU A 337 19.39 -6.05 -48.43
N ASN A 338 18.30 -6.82 -48.34
CA ASN A 338 17.12 -6.57 -49.16
C ASN A 338 16.61 -5.15 -48.95
N VAL A 339 16.64 -4.72 -47.69
CA VAL A 339 16.17 -3.38 -47.35
C VAL A 339 17.15 -2.34 -47.87
N TRP A 340 18.46 -2.61 -47.81
CA TRP A 340 19.45 -1.71 -48.37
C TRP A 340 19.19 -1.47 -49.84
N VAL A 341 18.96 -2.57 -50.56
CA VAL A 341 18.62 -2.52 -51.97
C VAL A 341 17.34 -1.70 -52.16
N SER A 342 16.37 -1.82 -51.24
CA SER A 342 15.18 -1.00 -51.30
C SER A 342 15.51 0.50 -51.25
N TYR A 343 16.49 0.90 -50.42
CA TYR A 343 16.94 2.28 -50.42
C TYR A 343 17.60 2.64 -51.75
N MET A 344 18.40 1.72 -52.31
CA MET A 344 19.04 1.97 -53.59
C MET A 344 17.99 2.29 -54.66
N ASN A 345 16.90 1.51 -54.67
CA ASN A 345 15.81 1.71 -55.60
C ASN A 345 15.27 3.14 -55.51
N VAL A 346 15.02 3.60 -54.29
CA VAL A 346 14.52 4.94 -54.04
C VAL A 346 15.55 5.98 -54.46
N PHE A 347 16.81 5.75 -54.08
CA PHE A 347 17.90 6.67 -54.40
C PHE A 347 17.96 6.93 -55.89
N VAL A 348 17.90 5.87 -56.69
CA VAL A 348 17.99 6.01 -58.13
C VAL A 348 16.72 6.62 -58.70
N ASP A 349 15.57 6.40 -58.05
CA ASP A 349 14.35 7.09 -58.47
C ASP A 349 14.53 8.60 -58.40
N LYS A 350 15.33 9.09 -57.45
CA LYS A 350 15.64 10.51 -57.38
C LYS A 350 16.89 10.86 -58.21
N ASN A 351 17.79 9.89 -58.40
CA ASN A 351 19.05 10.11 -59.12
C ASN A 351 19.23 9.06 -60.22
N PRO A 352 18.42 9.14 -61.31
CA PRO A 352 18.53 8.16 -62.38
C PRO A 352 19.85 8.21 -63.12
N SER A 353 20.44 9.41 -63.21
CA SER A 353 21.62 9.72 -63.99
C SER A 353 22.83 8.90 -63.54
N LYS A 354 22.99 8.75 -62.23
CA LYS A 354 24.20 8.23 -61.65
C LYS A 354 24.11 6.75 -61.29
N VAL A 355 23.07 6.05 -61.75
CA VAL A 355 22.87 4.65 -61.40
C VAL A 355 24.08 3.81 -61.80
N ASP A 356 24.62 4.04 -63.01
CA ASP A 356 25.78 3.31 -63.50
C ASP A 356 26.96 3.54 -62.54
N LYS A 357 27.23 4.83 -62.31
CA LYS A 357 28.34 5.24 -61.47
C LYS A 357 28.25 4.60 -60.08
N MET A 358 27.04 4.52 -59.52
CA MET A 358 26.80 3.88 -58.24
C MET A 358 27.32 2.44 -58.27
N PHE A 359 26.75 1.62 -59.15
CA PHE A 359 27.10 0.21 -59.15
C PHE A 359 28.58 0.01 -59.44
N LEU A 360 29.13 0.83 -60.34
CA LEU A 360 30.54 0.76 -60.66
C LEU A 360 31.38 0.97 -59.40
N GLU A 361 31.04 1.98 -58.58
CA GLU A 361 31.72 2.24 -57.32
C GLU A 361 31.58 1.04 -56.38
N LEU A 362 30.42 0.40 -56.36
CA LEU A 362 30.24 -0.80 -55.54
C LEU A 362 31.23 -1.87 -56.01
N GLY A 363 31.31 -2.02 -57.34
CA GLY A 363 32.17 -3.00 -57.98
C GLY A 363 33.63 -2.86 -57.60
N ASP A 364 34.19 -1.65 -57.64
CA ASP A 364 35.61 -1.52 -57.32
C ASP A 364 35.82 -1.64 -55.82
N THR A 365 34.81 -1.29 -55.01
CA THR A 365 34.93 -1.29 -53.55
C THR A 365 34.88 -2.68 -52.97
N PHE A 366 34.04 -3.56 -53.53
CA PHE A 366 33.75 -4.84 -52.91
C PHE A 366 34.20 -5.98 -53.79
N GLY A 367 34.30 -7.16 -53.20
CA GLY A 367 34.64 -8.36 -53.95
C GLY A 367 33.46 -8.78 -54.82
N ASP A 368 33.76 -9.41 -55.98
CA ASP A 368 32.75 -9.74 -56.97
C ASP A 368 31.61 -10.54 -56.36
N MET A 369 31.90 -11.51 -55.49
CA MET A 369 30.82 -12.35 -54.98
C MET A 369 29.79 -11.53 -54.21
N ARG A 370 30.25 -10.53 -53.45
CA ARG A 370 29.38 -9.63 -52.71
C ARG A 370 28.51 -8.85 -53.71
N LEU A 371 29.14 -8.31 -54.75
CA LEU A 371 28.40 -7.57 -55.76
C LEU A 371 27.31 -8.45 -56.38
N PHE A 372 27.65 -9.70 -56.75
CA PHE A 372 26.67 -10.62 -57.32
C PHE A 372 25.49 -10.77 -56.39
N ARG A 373 25.78 -10.92 -55.10
CA ARG A 373 24.75 -11.08 -54.10
C ARG A 373 23.80 -9.88 -54.14
N VAL A 374 24.36 -8.68 -54.29
CA VAL A 374 23.57 -7.46 -54.39
C VAL A 374 22.69 -7.54 -55.64
N LEU A 375 23.35 -7.84 -56.76
CA LEU A 375 22.71 -7.71 -58.05
C LEU A 375 21.52 -8.64 -58.19
N GLY A 376 21.62 -9.86 -57.63
CA GLY A 376 20.51 -10.79 -57.58
C GLY A 376 19.24 -10.13 -57.04
N GLU A 377 19.38 -9.44 -55.90
CA GLU A 377 18.27 -8.73 -55.27
C GLU A 377 17.85 -7.53 -56.11
N ALA A 378 18.82 -6.79 -56.66
CA ALA A 378 18.55 -5.58 -57.43
C ALA A 378 17.62 -5.84 -58.61
N LYS A 379 17.73 -7.03 -59.21
CA LYS A 379 16.90 -7.41 -60.34
C LYS A 379 15.40 -7.43 -60.00
N LYS A 380 15.06 -7.58 -58.71
CA LYS A 380 13.67 -7.58 -58.28
C LYS A 380 13.03 -6.20 -58.45
N PHE A 381 13.85 -5.14 -58.36
CA PHE A 381 13.35 -3.78 -58.34
C PHE A 381 13.33 -3.19 -59.75
N PRO A 382 12.14 -2.81 -60.29
CA PRO A 382 12.03 -2.35 -61.67
C PRO A 382 13.01 -1.25 -62.07
N ASN A 383 13.25 -0.28 -61.18
CA ASN A 383 14.14 0.84 -61.47
C ASN A 383 15.56 0.37 -61.76
N LEU A 384 15.95 -0.76 -61.15
CA LEU A 384 17.29 -1.29 -61.24
C LEU A 384 17.41 -2.41 -62.28
N GLU A 385 16.31 -3.13 -62.55
CA GLU A 385 16.29 -4.42 -63.21
C GLU A 385 17.16 -4.44 -64.47
N SER A 386 16.95 -3.45 -65.34
CA SER A 386 17.63 -3.37 -66.63
C SER A 386 19.14 -3.25 -66.43
N THR A 387 19.55 -2.17 -65.75
CA THR A 387 20.96 -1.86 -65.60
C THR A 387 21.65 -2.91 -64.74
N ALA A 388 20.95 -3.47 -63.74
CA ALA A 388 21.44 -4.58 -62.95
C ALA A 388 21.72 -5.78 -63.84
N THR A 389 20.72 -6.16 -64.66
CA THR A 389 20.82 -7.31 -65.55
C THR A 389 22.04 -7.15 -66.46
N LYS A 390 22.21 -5.96 -67.03
CA LYS A 390 23.35 -5.66 -67.90
C LYS A 390 24.64 -6.04 -67.19
N LEU A 391 24.90 -5.41 -66.03
CA LEU A 391 26.19 -5.59 -65.39
C LEU A 391 26.35 -7.03 -64.89
N GLN A 392 25.28 -7.64 -64.39
CA GLN A 392 25.27 -9.05 -64.02
C GLN A 392 25.85 -9.90 -65.15
N MET A 393 25.35 -9.70 -66.37
CA MET A 393 25.81 -10.44 -67.53
C MET A 393 27.24 -10.07 -67.90
N GLU A 394 27.60 -8.78 -67.89
CA GLU A 394 28.95 -8.35 -68.21
C GLU A 394 29.96 -9.07 -67.30
N LYS A 395 29.68 -9.04 -66.00
CA LYS A 395 30.56 -9.69 -65.02
C LYS A 395 30.60 -11.19 -65.29
N ALA A 396 29.44 -11.82 -65.47
CA ALA A 396 29.34 -13.24 -65.68
C ALA A 396 30.17 -13.69 -66.90
N SER A 397 30.06 -12.93 -67.99
CA SER A 397 30.77 -13.22 -69.22
C SER A 397 32.27 -13.24 -68.99
N THR A 398 32.76 -12.26 -68.22
CA THR A 398 34.16 -12.16 -67.87
C THR A 398 34.61 -13.42 -67.15
N LEU A 399 33.80 -13.85 -66.19
CA LEU A 399 34.11 -15.02 -65.39
C LEU A 399 34.15 -16.28 -66.24
N PHE A 400 33.20 -16.43 -67.17
CA PHE A 400 33.22 -17.56 -68.09
C PHE A 400 34.51 -17.57 -68.92
N ALA A 401 34.94 -16.40 -69.40
CA ALA A 401 36.14 -16.28 -70.21
C ALA A 401 37.43 -16.66 -69.47
N SER A 402 37.41 -16.66 -68.12
CA SER A 402 38.58 -16.95 -67.32
C SER A 402 39.01 -18.42 -67.39
N GLY A 403 38.06 -19.34 -67.61
CA GLY A 403 38.35 -20.76 -67.62
C GLY A 403 38.59 -21.33 -66.23
N LYS A 404 38.14 -20.62 -65.17
CA LYS A 404 38.34 -21.09 -63.81
C LYS A 404 37.38 -22.25 -63.50
N SER A 405 37.49 -22.82 -62.29
CA SER A 405 36.67 -23.96 -61.91
C SER A 405 35.20 -23.56 -61.78
N PRO A 406 34.26 -24.40 -62.30
CA PRO A 406 32.84 -24.17 -62.06
C PRO A 406 32.47 -24.00 -60.59
N GLU A 407 33.12 -24.78 -59.70
CA GLU A 407 32.96 -24.64 -58.26
C GLU A 407 33.16 -23.21 -57.81
N GLY A 408 34.31 -22.65 -58.21
CA GLY A 408 34.66 -21.29 -57.81
C GLY A 408 33.66 -20.30 -58.38
N ILE A 409 33.38 -20.44 -59.67
CA ILE A 409 32.51 -19.52 -60.38
C ILE A 409 31.11 -19.52 -59.77
N PHE A 410 30.60 -20.70 -59.42
CA PHE A 410 29.30 -20.85 -58.79
C PHE A 410 29.16 -19.93 -57.58
N LYS A 411 30.17 -19.94 -56.72
CA LYS A 411 30.19 -19.17 -55.47
C LYS A 411 30.28 -17.68 -55.77
N VAL A 412 31.11 -17.31 -56.74
CA VAL A 412 31.26 -15.91 -57.13
C VAL A 412 29.94 -15.37 -57.66
N LEU A 413 29.18 -16.19 -58.39
CA LEU A 413 27.89 -15.75 -58.90
C LEU A 413 26.82 -15.67 -57.81
N ALA A 414 27.16 -16.04 -56.57
CA ALA A 414 26.26 -16.00 -55.44
C ALA A 414 25.05 -16.91 -55.66
N LEU A 415 25.27 -18.02 -56.39
CA LEU A 415 24.19 -18.95 -56.70
C LEU A 415 23.73 -19.69 -55.46
N ASP A 416 24.65 -19.84 -54.49
CA ASP A 416 24.36 -20.35 -53.16
C ASP A 416 23.31 -19.54 -52.38
N ASN A 417 22.96 -18.32 -52.84
CA ASN A 417 22.04 -17.48 -52.09
C ASN A 417 20.84 -17.02 -52.92
N VAL A 418 20.50 -17.77 -53.97
CA VAL A 418 19.30 -17.49 -54.76
C VAL A 418 18.03 -17.96 -54.02
N GLY A 419 18.09 -19.11 -53.34
CA GLY A 419 16.95 -19.66 -52.63
C GLY A 419 16.23 -20.71 -53.46
N ASP A 420 14.95 -20.95 -53.15
CA ASP A 420 14.21 -22.11 -53.65
C ASP A 420 13.96 -22.02 -55.16
N ASP A 421 13.87 -20.80 -55.70
CA ASP A 421 13.46 -20.62 -57.10
C ASP A 421 14.65 -20.55 -58.06
N ILE A 422 15.83 -20.99 -57.63
CA ILE A 422 17.03 -21.02 -58.45
C ILE A 422 16.80 -21.59 -59.86
N LEU A 423 15.90 -22.56 -60.01
CA LEU A 423 15.72 -23.20 -61.31
C LEU A 423 15.12 -22.27 -62.35
N SER A 424 14.47 -21.19 -61.90
CA SER A 424 14.01 -20.11 -62.76
C SER A 424 15.13 -19.14 -63.15
N ASN A 425 16.28 -19.21 -62.49
CA ASN A 425 17.24 -18.11 -62.48
C ASN A 425 18.18 -18.21 -63.68
N THR A 426 18.25 -17.11 -64.45
CA THR A 426 19.02 -17.02 -65.68
C THR A 426 20.51 -17.31 -65.45
N LEU A 427 21.08 -16.82 -64.35
CA LEU A 427 22.49 -17.04 -64.04
C LEU A 427 22.78 -18.52 -63.89
N PHE A 428 21.93 -19.21 -63.13
CA PHE A 428 22.11 -20.64 -62.91
C PHE A 428 22.18 -21.39 -64.23
N HIS A 429 21.30 -21.04 -65.19
CA HIS A 429 21.27 -21.66 -66.51
C HIS A 429 22.56 -21.37 -67.28
N LYS A 430 23.03 -20.12 -67.22
CA LYS A 430 24.29 -19.75 -67.84
C LYS A 430 25.45 -20.53 -67.24
N TRP A 431 25.41 -20.70 -65.91
CA TRP A 431 26.45 -21.43 -65.20
C TRP A 431 26.46 -22.89 -65.64
N LEU A 432 25.28 -23.51 -65.81
CA LEU A 432 25.20 -24.87 -66.33
C LEU A 432 25.88 -24.97 -67.70
N ALA A 433 25.58 -24.01 -68.59
CA ALA A 433 26.17 -24.01 -69.92
C ALA A 433 27.70 -23.99 -69.83
N TYR A 434 28.23 -23.18 -68.91
CA TYR A 434 29.65 -23.14 -68.67
C TYR A 434 30.13 -24.49 -68.17
N LEU A 435 29.41 -25.11 -67.23
CA LEU A 435 29.80 -26.41 -66.69
C LEU A 435 29.97 -27.43 -67.81
N GLN A 436 28.99 -27.47 -68.73
CA GLN A 436 29.04 -28.46 -69.80
C GLN A 436 30.25 -28.21 -70.69
N LYS A 437 30.48 -26.94 -71.07
CA LYS A 437 31.64 -26.59 -71.87
C LYS A 437 32.92 -27.00 -71.14
N PHE A 438 33.01 -26.59 -69.87
CA PHE A 438 34.15 -26.90 -69.04
C PHE A 438 34.38 -28.40 -68.98
N ASN A 439 33.31 -29.20 -68.75
CA ASN A 439 33.45 -30.63 -68.55
C ASN A 439 33.97 -31.32 -69.82
N LYS A 440 33.52 -30.89 -71.01
CA LYS A 440 34.08 -31.38 -72.26
C LYS A 440 35.56 -31.04 -72.39
N GLU A 441 35.91 -29.81 -71.99
CA GLU A 441 37.28 -29.32 -72.09
C GLU A 441 38.17 -29.85 -70.97
N HIS A 442 37.60 -30.35 -69.87
CA HIS A 442 38.35 -30.94 -68.76
C HIS A 442 37.80 -32.34 -68.48
N PRO A 443 37.99 -33.30 -69.41
CA PRO A 443 37.40 -34.62 -69.23
C PRO A 443 37.99 -35.42 -68.07
N ASN A 444 39.23 -35.09 -67.68
CA ASN A 444 39.90 -35.73 -66.56
C ASN A 444 39.54 -35.11 -65.22
N ASN A 445 38.90 -33.93 -65.23
CA ASN A 445 38.70 -33.15 -64.03
C ASN A 445 37.29 -32.56 -64.03
N GLN A 446 36.27 -33.41 -64.27
CA GLN A 446 34.90 -32.93 -64.43
C GLN A 446 34.29 -32.57 -63.08
N GLU A 447 33.32 -31.64 -63.09
CA GLU A 447 32.62 -31.21 -61.88
C GLU A 447 31.13 -31.51 -62.02
N SER A 448 30.48 -31.73 -60.86
CA SER A 448 29.07 -32.09 -60.81
C SER A 448 28.24 -30.89 -60.38
N TRP A 449 27.29 -30.51 -61.24
CA TRP A 449 26.30 -29.49 -60.92
C TRP A 449 25.57 -29.82 -59.63
N PHE A 450 25.14 -31.07 -59.50
CA PHE A 450 24.31 -31.46 -58.38
C PHE A 450 25.06 -31.27 -57.06
N ASP A 451 26.35 -31.60 -57.06
CA ASP A 451 27.16 -31.50 -55.86
C ASP A 451 27.14 -30.08 -55.32
N MET A 452 27.31 -29.10 -56.23
CA MET A 452 27.30 -27.71 -55.83
C MET A 452 25.98 -27.35 -55.14
N LEU A 453 24.87 -27.80 -55.73
CA LEU A 453 23.55 -27.53 -55.19
C LEU A 453 23.41 -28.20 -53.81
N ARG A 454 23.79 -29.48 -53.74
CA ARG A 454 23.71 -30.27 -52.53
C ARG A 454 24.46 -29.57 -51.39
N ILE A 455 25.72 -29.21 -51.65
CA ILE A 455 26.61 -28.66 -50.64
C ILE A 455 26.03 -27.36 -50.12
N SER A 456 25.73 -26.46 -51.07
CA SER A 456 25.41 -25.09 -50.74
C SER A 456 24.05 -24.96 -50.05
N TYR A 457 23.03 -25.71 -50.51
CA TYR A 457 21.68 -25.57 -49.99
C TYR A 457 21.33 -26.63 -48.95
N GLN A 458 22.20 -27.62 -48.73
CA GLN A 458 21.96 -28.67 -47.74
C GLN A 458 20.74 -29.51 -48.11
N PRO A 459 20.59 -30.73 -47.54
CA PRO A 459 19.58 -31.66 -48.02
C PRO A 459 18.17 -31.08 -48.04
N PHE A 460 17.82 -30.35 -46.98
CA PHE A 460 16.45 -29.88 -46.79
C PHE A 460 16.13 -28.81 -47.82
N GLY A 461 17.11 -27.97 -48.13
CA GLY A 461 16.96 -26.96 -49.18
C GLY A 461 16.76 -27.58 -50.55
N VAL A 462 17.58 -28.59 -50.87
CA VAL A 462 17.43 -29.34 -52.10
C VAL A 462 15.99 -29.84 -52.22
N GLU A 463 15.48 -30.37 -51.11
CA GLU A 463 14.15 -30.94 -51.08
C GLU A 463 13.09 -29.88 -51.41
N ARG A 464 13.18 -28.70 -50.77
CA ARG A 464 12.24 -27.62 -51.05
C ARG A 464 12.36 -27.13 -52.49
N ILE A 465 13.60 -27.10 -52.99
CA ILE A 465 13.87 -26.67 -54.34
C ILE A 465 13.12 -27.57 -55.32
N ILE A 466 13.19 -28.90 -55.12
CA ILE A 466 12.50 -29.87 -55.97
C ILE A 466 11.01 -29.57 -55.93
N GLU A 467 10.45 -29.44 -54.73
CA GLU A 467 9.02 -29.18 -54.57
C GLU A 467 8.59 -27.92 -55.32
N THR A 468 9.44 -26.88 -55.24
CA THR A 468 9.16 -25.61 -55.89
C THR A 468 9.26 -25.76 -57.41
N GLY A 469 10.35 -26.40 -57.86
CA GLY A 469 10.60 -26.56 -59.28
C GLY A 469 9.59 -27.46 -59.98
N ARG A 470 9.02 -28.44 -59.26
CA ARG A 470 7.96 -29.28 -59.82
C ARG A 470 6.70 -28.45 -60.07
N LYS A 471 6.35 -27.58 -59.12
CA LYS A 471 5.13 -26.81 -59.19
C LYS A 471 5.11 -25.87 -60.41
N ASN A 472 6.25 -25.26 -60.77
CA ASN A 472 6.35 -24.44 -61.96
C ASN A 472 6.61 -25.33 -63.19
N PRO A 473 5.73 -25.34 -64.22
CA PRO A 473 5.94 -26.17 -65.41
C PRO A 473 7.26 -25.89 -66.14
N LEU A 474 7.69 -24.63 -66.21
CA LEU A 474 8.93 -24.29 -66.89
C LEU A 474 10.13 -25.00 -66.26
N THR A 475 10.12 -25.13 -64.92
CA THR A 475 11.21 -25.76 -64.19
C THR A 475 10.99 -27.26 -64.03
N ARG A 476 9.81 -27.79 -64.37
CA ARG A 476 9.42 -29.15 -64.00
C ARG A 476 10.46 -30.18 -64.45
N LEU A 477 10.85 -30.14 -65.73
CA LEU A 477 11.80 -31.11 -66.26
C LEU A 477 13.13 -31.03 -65.50
N MET A 478 13.58 -29.81 -65.25
CA MET A 478 14.80 -29.60 -64.50
C MET A 478 14.67 -30.19 -63.10
N ALA A 479 13.52 -29.97 -62.47
CA ALA A 479 13.25 -30.45 -61.13
C ALA A 479 13.31 -31.97 -61.10
N GLU A 480 12.77 -32.63 -62.13
CA GLU A 480 12.85 -34.09 -62.24
C GLU A 480 14.32 -34.52 -62.33
N LYS A 481 15.13 -33.78 -63.09
CA LYS A 481 16.55 -34.11 -63.19
C LYS A 481 17.19 -34.06 -61.81
N VAL A 482 16.85 -33.01 -61.04
CA VAL A 482 17.43 -32.83 -59.73
C VAL A 482 16.96 -33.97 -58.83
N GLU A 483 15.67 -34.28 -58.88
CA GLU A 483 15.08 -35.34 -58.07
C GLU A 483 15.83 -36.66 -58.29
N ASN A 484 16.10 -36.96 -59.56
CA ASN A 484 16.87 -38.12 -59.97
C ASN A 484 18.25 -38.07 -59.34
N ALA A 485 18.94 -36.93 -59.51
CA ALA A 485 20.30 -36.82 -59.00
C ALA A 485 20.35 -37.00 -57.49
N TYR A 486 19.37 -36.47 -56.77
CA TYR A 486 19.31 -36.64 -55.32
C TYR A 486 19.19 -38.13 -54.96
N HIS A 487 18.36 -38.85 -55.70
CA HIS A 487 18.20 -40.26 -55.47
C HIS A 487 19.47 -41.00 -55.88
N ASN A 488 20.11 -40.57 -56.97
CA ASN A 488 21.38 -41.16 -57.38
C ASN A 488 22.44 -41.01 -56.28
N TYR A 489 22.45 -39.81 -55.67
CA TYR A 489 23.31 -39.58 -54.53
C TYR A 489 22.96 -40.57 -53.42
N TRP A 490 21.68 -40.78 -53.13
CA TRP A 490 21.26 -41.77 -52.16
C TRP A 490 21.82 -43.17 -52.48
N LEU A 491 21.85 -43.54 -53.76
CA LEU A 491 22.45 -44.79 -54.19
C LEU A 491 23.95 -44.78 -53.90
N ASP A 492 24.61 -43.68 -54.29
CA ASP A 492 26.04 -43.57 -54.14
C ASP A 492 26.46 -43.66 -52.67
N ILE A 493 25.63 -43.16 -51.76
CA ILE A 493 25.92 -43.22 -50.33
C ILE A 493 25.28 -44.46 -49.69
N LYS A 494 24.60 -45.31 -50.48
CA LYS A 494 24.04 -46.57 -50.03
C LYS A 494 23.00 -46.30 -48.94
N MET A 495 22.17 -45.28 -49.13
CA MET A 495 21.07 -45.04 -48.19
C MET A 495 20.10 -46.22 -48.25
N GLU A 496 19.87 -46.88 -47.10
CA GLU A 496 18.97 -48.01 -47.06
C GLU A 496 17.55 -47.54 -47.37
N PRO A 497 16.75 -48.30 -48.15
CA PRO A 497 15.35 -47.94 -48.40
C PRO A 497 14.55 -47.59 -47.15
N LYS A 498 14.80 -48.28 -46.02
CA LYS A 498 14.20 -47.94 -44.75
C LYS A 498 14.41 -46.46 -44.42
N THR A 499 15.65 -46.00 -44.60
CA THR A 499 16.04 -44.64 -44.34
C THR A 499 15.39 -43.70 -45.36
N ALA A 500 15.40 -44.09 -46.65
CA ALA A 500 14.79 -43.29 -47.69
C ALA A 500 13.30 -43.02 -47.43
N PHE A 501 12.60 -44.01 -46.85
CA PHE A 501 11.19 -43.87 -46.52
C PHE A 501 10.97 -42.68 -45.58
N ARG A 502 11.75 -42.65 -44.49
CA ARG A 502 11.70 -41.55 -43.55
C ARG A 502 12.16 -40.24 -44.18
N SER A 503 13.17 -40.32 -45.07
CA SER A 503 13.73 -39.18 -45.77
C SER A 503 12.67 -38.45 -46.60
N LEU A 504 11.67 -39.22 -47.07
CA LEU A 504 10.59 -38.66 -47.84
C LEU A 504 9.34 -38.40 -46.99
N HIS A 505 9.48 -38.50 -45.66
CA HIS A 505 8.43 -38.24 -44.69
C HIS A 505 7.17 -39.07 -44.96
N LEU A 506 7.37 -40.30 -45.41
CA LEU A 506 6.26 -41.20 -45.67
C LEU A 506 5.64 -41.68 -44.36
N ASP A 507 6.45 -41.66 -43.29
CA ASP A 507 5.99 -41.92 -41.93
C ASP A 507 4.84 -41.00 -41.52
N GLU A 508 4.69 -39.83 -42.15
CA GLU A 508 3.64 -38.87 -41.84
C GLU A 508 2.31 -39.18 -42.54
N SER A 509 2.31 -39.93 -43.64
CA SER A 509 1.14 -40.02 -44.53
C SER A 509 -0.03 -40.85 -43.95
N GLY A 510 0.21 -41.58 -42.84
CA GLY A 510 -0.88 -42.22 -42.12
C GLY A 510 -1.50 -43.37 -42.91
N GLU A 511 -2.82 -43.54 -42.80
CA GLU A 511 -3.59 -44.57 -43.49
C GLU A 511 -3.39 -44.54 -45.02
N LYS A 512 -3.14 -43.33 -45.55
CA LYS A 512 -3.15 -43.10 -46.98
C LYS A 512 -1.78 -43.32 -47.60
N LEU A 513 -0.84 -44.03 -46.96
CA LEU A 513 0.54 -44.04 -47.44
C LEU A 513 0.63 -44.53 -48.88
N LEU A 514 -0.14 -45.57 -49.25
CA LEU A 514 -0.05 -46.14 -50.59
C LEU A 514 -0.56 -45.16 -51.65
N ALA A 515 -1.53 -44.32 -51.26
CA ALA A 515 -2.06 -43.28 -52.13
C ALA A 515 -1.07 -42.15 -52.35
N ASP A 516 -0.07 -42.00 -51.45
CA ASP A 516 0.90 -40.93 -51.56
C ASP A 516 1.71 -41.09 -52.85
N PRO A 517 1.79 -40.06 -53.72
CA PRO A 517 2.60 -40.15 -54.92
C PRO A 517 4.03 -40.58 -54.69
N LYS A 518 4.62 -40.11 -53.59
CA LYS A 518 6.02 -40.35 -53.28
C LYS A 518 6.24 -41.83 -52.93
N PHE A 519 5.19 -42.52 -52.46
CA PHE A 519 5.30 -43.94 -52.17
C PHE A 519 5.83 -44.69 -53.39
N ASN A 520 5.21 -44.40 -54.54
CA ASN A 520 5.61 -44.99 -55.81
C ASN A 520 7.08 -44.71 -56.09
N THR A 521 7.52 -43.46 -55.86
CA THR A 521 8.90 -43.09 -56.06
C THR A 521 9.82 -43.93 -55.17
N TRP A 522 9.41 -44.14 -53.91
CA TRP A 522 10.19 -44.91 -52.97
C TRP A 522 10.30 -46.37 -53.38
N VAL A 523 9.21 -46.98 -53.87
CA VAL A 523 9.24 -48.32 -54.44
C VAL A 523 10.28 -48.38 -55.56
N GLN A 524 10.25 -47.40 -56.46
CA GLN A 524 11.16 -47.40 -57.59
C GLN A 524 12.60 -47.23 -57.12
N TYR A 525 12.85 -46.41 -56.10
CA TYR A 525 14.18 -46.31 -55.51
C TYR A 525 14.60 -47.68 -54.98
N LEU A 526 13.72 -48.31 -54.19
CA LEU A 526 14.01 -49.59 -53.57
C LEU A 526 14.39 -50.63 -54.62
N LYS A 527 13.67 -50.65 -55.75
CA LYS A 527 14.01 -51.52 -56.86
C LYS A 527 15.42 -51.19 -57.37
N THR A 528 15.69 -49.91 -57.65
CA THR A 528 16.97 -49.50 -58.23
C THR A 528 18.12 -49.86 -57.30
N PHE A 529 17.90 -49.65 -55.99
CA PHE A 529 18.84 -50.05 -54.97
C PHE A 529 19.14 -51.54 -55.05
N ASN A 530 18.09 -52.35 -55.11
CA ASN A 530 18.23 -53.79 -55.25
C ASN A 530 19.04 -54.16 -56.51
N ASP A 531 18.84 -53.43 -57.60
CA ASP A 531 19.58 -53.66 -58.83
C ASP A 531 21.06 -53.35 -58.66
N ARG A 532 21.40 -52.25 -57.98
CA ARG A 532 22.79 -51.91 -57.73
C ARG A 532 23.44 -52.85 -56.70
N TYR A 533 22.62 -53.32 -55.75
CA TYR A 533 23.12 -54.06 -54.60
C TYR A 533 22.29 -55.32 -54.41
N PRO A 534 22.46 -56.34 -55.26
CA PRO A 534 21.67 -57.55 -55.16
C PRO A 534 21.96 -58.39 -53.91
N ASN A 535 23.12 -58.16 -53.27
CA ASN A 535 23.56 -58.98 -52.15
C ASN A 535 22.76 -58.65 -50.90
N GLU A 536 22.42 -57.37 -50.70
CA GLU A 536 21.61 -56.93 -49.58
C GLU A 536 20.19 -56.57 -50.04
N LYS A 537 19.66 -57.31 -51.01
CA LYS A 537 18.37 -56.99 -51.62
C LYS A 537 17.25 -57.09 -50.58
N THR A 538 16.30 -56.13 -50.66
CA THR A 538 15.28 -55.93 -49.65
C THR A 538 13.92 -55.77 -50.35
N THR A 539 12.85 -56.37 -49.78
CA THR A 539 11.54 -56.28 -50.39
C THR A 539 10.83 -55.04 -49.88
N VAL A 540 9.79 -54.64 -50.64
CA VAL A 540 8.90 -53.57 -50.23
C VAL A 540 8.30 -53.92 -48.86
N ILE A 541 7.84 -55.16 -48.72
CA ILE A 541 7.14 -55.52 -47.50
C ILE A 541 8.11 -55.47 -46.31
N ASP A 542 9.36 -55.93 -46.51
CA ASP A 542 10.37 -55.80 -45.46
C ASP A 542 10.60 -54.34 -45.10
N GLY A 543 10.69 -53.47 -46.12
CA GLY A 543 10.84 -52.05 -45.91
C GLY A 543 9.68 -51.47 -45.08
N LEU A 544 8.45 -51.88 -45.43
CA LEU A 544 7.27 -51.49 -44.68
C LEU A 544 7.31 -52.03 -43.24
N ARG A 545 7.75 -53.28 -43.09
CA ARG A 545 7.86 -53.92 -41.78
C ARG A 545 8.90 -53.22 -40.90
N ASP A 546 10.00 -52.77 -41.50
CA ASP A 546 11.02 -52.03 -40.75
C ASP A 546 10.45 -50.75 -40.16
N ASN A 547 9.60 -50.06 -40.94
CA ASN A 547 9.07 -48.75 -40.56
C ASN A 547 7.80 -48.87 -39.70
N SER A 548 7.08 -50.01 -39.75
CA SER A 548 5.86 -50.17 -38.95
C SER A 548 5.46 -51.62 -38.74
N HIS A 549 4.64 -51.83 -37.70
CA HIS A 549 4.24 -53.13 -37.23
C HIS A 549 2.94 -53.54 -37.92
N ASP A 550 2.68 -54.85 -37.86
CA ASP A 550 1.70 -55.56 -38.66
C ASP A 550 0.32 -54.93 -38.51
N ILE A 551 -0.04 -54.58 -37.29
CA ILE A 551 -1.40 -54.18 -37.00
C ILE A 551 -1.67 -52.81 -37.64
N ALA A 552 -0.72 -51.88 -37.61
CA ALA A 552 -0.89 -50.63 -38.34
C ALA A 552 -1.00 -50.91 -39.85
N LEU A 553 -0.15 -51.82 -40.32
CA LEU A 553 -0.05 -52.11 -41.74
C LEU A 553 -1.37 -52.68 -42.25
N LEU A 554 -1.97 -53.65 -41.55
CA LEU A 554 -3.21 -54.19 -42.10
C LEU A 554 -4.38 -53.23 -41.89
N ARG A 555 -4.31 -52.30 -40.94
CA ARG A 555 -5.25 -51.19 -40.90
C ARG A 555 -5.13 -50.37 -42.19
N MET A 556 -3.89 -50.10 -42.62
CA MET A 556 -3.65 -49.41 -43.87
C MET A 556 -4.10 -50.24 -45.07
N PHE A 557 -3.92 -51.57 -45.03
CA PHE A 557 -4.34 -52.41 -46.14
C PHE A 557 -5.86 -52.48 -46.28
N SER A 558 -6.55 -52.66 -45.15
CA SER A 558 -8.00 -52.68 -45.17
C SER A 558 -8.55 -51.35 -45.71
N ALA A 559 -7.93 -50.22 -45.35
CA ALA A 559 -8.26 -48.93 -45.92
C ALA A 559 -8.00 -48.89 -47.42
N ALA A 560 -6.80 -49.32 -47.85
CA ALA A 560 -6.35 -49.26 -49.22
C ALA A 560 -7.18 -50.10 -50.17
N LYS A 561 -7.77 -51.20 -49.68
CA LYS A 561 -8.69 -51.99 -50.48
C LYS A 561 -9.92 -51.17 -50.93
N ASN A 562 -10.30 -50.11 -50.18
CA ASN A 562 -11.41 -49.27 -50.57
C ASN A 562 -11.10 -48.38 -51.77
N ASP A 563 -9.81 -48.13 -52.07
CA ASP A 563 -9.41 -47.32 -53.21
C ASP A 563 -9.06 -48.24 -54.38
N PRO A 564 -9.80 -48.20 -55.52
CA PRO A 564 -9.49 -49.03 -56.67
C PRO A 564 -8.06 -48.91 -57.20
N SER A 565 -7.49 -47.70 -57.20
CA SER A 565 -6.15 -47.48 -57.71
C SER A 565 -5.08 -48.21 -56.91
N THR A 566 -5.37 -48.50 -55.64
CA THR A 566 -4.45 -49.16 -54.72
C THR A 566 -4.90 -50.56 -54.33
N GLU A 567 -6.12 -50.98 -54.73
CA GLU A 567 -6.72 -52.24 -54.28
C GLU A 567 -5.80 -53.42 -54.56
N LYS A 568 -5.36 -53.51 -55.82
CA LYS A 568 -4.51 -54.58 -56.28
C LYS A 568 -3.22 -54.61 -55.48
N LEU A 569 -2.61 -53.44 -55.30
CA LEU A 569 -1.40 -53.28 -54.50
C LEU A 569 -1.63 -53.83 -53.09
N ALA A 570 -2.72 -53.41 -52.46
CA ALA A 570 -3.08 -53.85 -51.13
C ALA A 570 -3.11 -55.38 -51.05
N THR A 571 -3.76 -56.00 -52.04
CA THR A 571 -3.92 -57.45 -52.02
C THR A 571 -2.55 -58.14 -52.16
N ASP A 572 -1.71 -57.63 -53.06
CA ASP A 572 -0.38 -58.18 -53.26
C ASP A 572 0.45 -58.11 -51.96
N LEU A 573 0.31 -57.00 -51.26
CA LEU A 573 1.04 -56.78 -50.02
C LEU A 573 0.50 -57.68 -48.91
N GLN A 574 -0.82 -57.89 -48.88
CA GLN A 574 -1.39 -58.84 -47.96
C GLN A 574 -0.75 -60.21 -48.14
N SER A 575 -0.63 -60.64 -49.39
CA SER A 575 0.04 -61.90 -49.68
C SER A 575 1.50 -61.86 -49.22
N ALA A 576 2.21 -60.77 -49.56
CA ALA A 576 3.63 -60.67 -49.24
C ALA A 576 3.87 -60.71 -47.73
N LEU A 577 2.98 -60.07 -46.96
CA LEU A 577 2.96 -60.10 -45.51
C LEU A 577 2.82 -61.53 -45.02
N ILE A 578 1.85 -62.24 -45.58
CA ILE A 578 1.59 -63.62 -45.21
C ILE A 578 2.86 -64.46 -45.41
N LEU A 579 3.55 -64.26 -46.53
CA LEU A 579 4.81 -64.94 -46.81
C LEU A 579 5.84 -64.71 -45.70
N LYS A 580 5.87 -63.49 -45.17
CA LYS A 580 6.78 -63.17 -44.10
C LYS A 580 6.40 -63.90 -42.81
N TRP A 581 5.11 -64.02 -42.50
CA TRP A 581 4.69 -64.82 -41.36
C TRP A 581 5.15 -66.27 -41.49
N GLN A 582 5.08 -66.82 -42.71
CA GLN A 582 5.56 -68.17 -42.98
C GLN A 582 7.07 -68.24 -42.76
N ASP A 583 7.83 -67.29 -43.31
CA ASP A 583 9.26 -67.26 -43.11
C ASP A 583 9.62 -67.14 -41.63
N ALA A 584 8.81 -66.37 -40.90
CA ALA A 584 8.95 -66.15 -39.47
C ALA A 584 8.42 -67.31 -38.64
N LYS A 585 7.67 -68.25 -39.27
CA LYS A 585 7.20 -69.48 -38.65
C LYS A 585 6.25 -69.16 -37.49
N LYS A 586 5.51 -68.05 -37.61
CA LYS A 586 4.59 -67.63 -36.58
C LYS A 586 3.42 -68.61 -36.48
N THR A 587 2.92 -68.85 -35.25
CA THR A 587 1.73 -69.66 -35.08
C THR A 587 0.49 -68.76 -35.20
N PRO A 588 -0.60 -69.23 -35.85
CA PRO A 588 -1.85 -68.50 -35.88
C PRO A 588 -2.35 -68.09 -34.49
N GLU A 589 -2.13 -68.91 -33.46
CA GLU A 589 -2.54 -68.55 -32.12
C GLU A 589 -1.85 -67.28 -31.64
N GLU A 590 -0.54 -67.16 -31.87
CA GLU A 590 0.20 -65.96 -31.49
C GLU A 590 -0.42 -64.72 -32.14
N LEU A 591 -0.75 -64.87 -33.42
CA LEU A 591 -1.32 -63.77 -34.18
C LEU A 591 -2.71 -63.42 -33.67
N LYS A 592 -3.57 -64.45 -33.48
CA LYS A 592 -4.90 -64.26 -32.90
C LYS A 592 -4.84 -63.55 -31.54
N ARG A 593 -3.91 -63.97 -30.68
CA ARG A 593 -3.73 -63.41 -29.35
C ARG A 593 -3.39 -61.92 -29.42
N VAL A 594 -2.45 -61.57 -30.32
CA VAL A 594 -1.93 -60.22 -30.36
C VAL A 594 -2.92 -59.26 -31.05
N PHE A 595 -3.84 -59.77 -31.87
CA PHE A 595 -4.90 -58.96 -32.47
C PHE A 595 -6.13 -58.95 -31.56
N VAL A 596 -6.86 -57.86 -31.56
CA VAL A 596 -8.17 -57.85 -30.91
C VAL A 596 -8.99 -56.74 -31.56
N GLY A 597 -10.16 -57.10 -32.12
CA GLY A 597 -11.10 -56.16 -32.72
C GLY A 597 -10.55 -55.46 -33.96
N VAL A 598 -9.67 -56.15 -34.70
CA VAL A 598 -8.83 -55.52 -35.70
C VAL A 598 -9.44 -55.76 -37.08
N PRO A 599 -9.64 -54.70 -37.90
CA PRO A 599 -10.04 -54.88 -39.30
C PRO A 599 -9.14 -55.80 -40.11
N ALA A 600 -9.78 -56.64 -40.95
CA ALA A 600 -9.17 -57.62 -41.84
C ALA A 600 -8.40 -58.72 -41.10
N ALA A 601 -8.41 -58.74 -39.75
CA ALA A 601 -7.56 -59.66 -39.01
C ALA A 601 -8.00 -61.10 -39.31
N ASP A 602 -9.30 -61.36 -39.14
CA ASP A 602 -9.83 -62.69 -39.32
C ASP A 602 -9.68 -63.18 -40.75
N GLU A 603 -9.90 -62.31 -41.76
CA GLU A 603 -9.68 -62.66 -43.16
C GLU A 603 -8.24 -63.19 -43.34
N MET A 604 -7.28 -62.38 -42.88
CA MET A 604 -5.87 -62.70 -43.05
C MET A 604 -5.46 -63.94 -42.24
N LEU A 605 -6.03 -64.08 -41.03
CA LEU A 605 -5.80 -65.26 -40.19
C LEU A 605 -6.29 -66.52 -40.90
N ASP A 606 -7.52 -66.49 -41.37
CA ASP A 606 -8.15 -67.61 -42.06
C ASP A 606 -7.33 -68.01 -43.28
N ARG A 607 -6.83 -67.01 -44.02
CA ARG A 607 -5.97 -67.23 -45.17
C ARG A 607 -4.66 -67.89 -44.73
N TYR A 608 -4.01 -67.33 -43.69
CA TYR A 608 -2.76 -67.89 -43.18
C TYR A 608 -2.95 -69.33 -42.69
N ILE A 609 -4.05 -69.57 -41.99
CA ILE A 609 -4.48 -70.88 -41.54
C ILE A 609 -4.59 -71.84 -42.73
N LYS A 610 -5.25 -71.40 -43.81
CA LYS A 610 -5.41 -72.20 -45.02
C LYS A 610 -4.05 -72.55 -45.62
N LEU A 611 -3.15 -71.56 -45.68
CA LEU A 611 -1.81 -71.78 -46.22
C LEU A 611 -1.02 -72.76 -45.34
N LEU A 612 -1.14 -72.61 -44.01
CA LEU A 612 -0.52 -73.54 -43.06
C LEU A 612 -0.99 -74.98 -43.29
N ALA A 613 -2.29 -75.17 -43.59
CA ALA A 613 -2.85 -76.49 -43.86
C ALA A 613 -2.23 -77.13 -45.11
N VAL A 614 -2.09 -76.32 -46.17
CA VAL A 614 -1.51 -76.79 -47.44
C VAL A 614 -0.03 -77.15 -47.23
N ALA A 615 0.67 -76.35 -46.41
CA ALA A 615 2.08 -76.58 -46.13
C ALA A 615 2.25 -77.86 -45.29
N SER A 616 1.32 -78.09 -44.35
CA SER A 616 1.40 -79.21 -43.43
C SER A 616 1.18 -80.53 -44.19
N VAL B 19 29.65 -16.01 -29.04
CA VAL B 19 30.91 -16.80 -28.94
C VAL B 19 30.55 -18.28 -29.01
N THR B 20 31.58 -19.13 -29.15
CA THR B 20 31.38 -20.53 -29.51
C THR B 20 31.13 -21.40 -28.29
N PRO B 21 30.31 -22.47 -28.45
CA PRO B 21 30.20 -23.53 -27.47
C PRO B 21 31.51 -24.03 -26.87
N ALA B 22 32.58 -24.10 -27.68
CA ALA B 22 33.87 -24.56 -27.16
C ALA B 22 34.39 -23.61 -26.09
N LYS B 23 34.20 -22.30 -26.31
CA LYS B 23 34.59 -21.28 -25.36
C LYS B 23 33.80 -21.45 -24.06
N LEU B 24 32.49 -21.72 -24.19
CA LEU B 24 31.65 -22.01 -23.04
C LEU B 24 32.14 -23.25 -22.28
N GLN B 25 32.46 -24.31 -23.00
CA GLN B 25 32.92 -25.55 -22.38
C GLN B 25 34.24 -25.32 -21.65
N GLN B 26 35.13 -24.56 -22.28
CA GLN B 26 36.37 -24.12 -21.66
C GLN B 26 36.07 -23.39 -20.35
N TRP B 27 35.19 -22.38 -20.48
CA TRP B 27 34.86 -21.54 -19.35
C TRP B 27 34.22 -22.35 -18.21
N LEU B 28 33.40 -23.33 -18.60
CA LEU B 28 32.77 -24.27 -17.67
C LEU B 28 33.83 -25.04 -16.91
N ASP B 29 34.80 -25.57 -17.65
CA ASP B 29 35.87 -26.35 -17.07
C ASP B 29 36.74 -25.47 -16.16
N GLU B 30 36.96 -24.21 -16.58
CA GLU B 30 37.67 -23.25 -15.75
C GLU B 30 36.84 -22.82 -14.55
N ARG B 31 35.50 -22.93 -14.70
CA ARG B 31 34.51 -22.58 -13.69
C ARG B 31 34.39 -21.06 -13.60
N LEU B 32 33.99 -20.44 -14.72
CA LEU B 32 33.75 -19.00 -14.72
C LEU B 32 32.40 -18.72 -14.07
N PRO B 33 32.27 -17.61 -13.29
CA PRO B 33 30.95 -17.20 -12.79
C PRO B 33 30.00 -16.84 -13.91
N ALA B 34 28.74 -17.22 -13.75
CA ALA B 34 27.75 -17.04 -14.80
C ALA B 34 27.60 -15.56 -15.12
N GLY B 35 27.53 -14.71 -14.09
CA GLY B 35 27.43 -13.28 -14.27
C GLY B 35 28.55 -12.69 -15.11
N LEU B 36 29.79 -13.20 -14.97
CA LEU B 36 30.87 -12.72 -15.79
C LEU B 36 30.63 -13.09 -17.26
N VAL B 37 30.24 -14.36 -17.48
CA VAL B 37 29.95 -14.84 -18.82
C VAL B 37 28.87 -13.96 -19.44
N PHE B 38 27.81 -13.66 -18.66
CA PHE B 38 26.73 -12.80 -19.12
C PHE B 38 27.27 -11.50 -19.67
N LYS B 39 28.16 -10.87 -18.90
CA LYS B 39 28.76 -9.59 -19.30
C LYS B 39 29.60 -9.76 -20.54
N ASN B 40 30.37 -10.86 -20.62
CA ASN B 40 31.16 -11.18 -21.79
C ASN B 40 30.27 -11.37 -23.02
N MET B 41 29.06 -11.90 -22.79
CA MET B 41 28.08 -12.10 -23.85
C MET B 41 27.42 -10.78 -24.28
N ASN B 42 27.68 -9.68 -23.54
CA ASN B 42 27.09 -8.38 -23.78
C ASN B 42 25.57 -8.45 -23.63
N LEU B 43 25.08 -9.38 -22.80
CA LEU B 43 23.68 -9.47 -22.45
C LEU B 43 23.25 -8.32 -21.54
N ASP B 44 24.22 -7.50 -21.13
CA ASP B 44 23.97 -6.32 -20.32
C ASP B 44 23.49 -5.16 -21.18
N GLU B 45 22.80 -5.41 -22.31
CA GLU B 45 22.21 -4.32 -23.08
C GLU B 45 21.05 -3.74 -22.27
N PRO B 46 20.76 -2.43 -22.34
CA PRO B 46 19.69 -1.87 -21.50
C PRO B 46 18.23 -2.28 -21.75
N ASN B 47 17.87 -3.56 -21.99
CA ASN B 47 16.46 -3.94 -22.06
C ASN B 47 16.24 -5.36 -21.55
N ILE B 48 15.87 -5.43 -20.27
CA ILE B 48 15.52 -6.68 -19.62
C ILE B 48 14.33 -7.35 -20.30
N PHE B 49 13.34 -6.58 -20.78
CA PHE B 49 12.13 -7.22 -21.31
C PHE B 49 12.44 -7.97 -22.60
N SER B 50 13.33 -7.42 -23.41
CA SER B 50 13.78 -8.08 -24.62
C SER B 50 14.67 -9.27 -24.31
N LEU B 51 15.46 -9.20 -23.23
CA LEU B 51 16.55 -10.11 -22.95
C LEU B 51 16.15 -11.57 -23.14
N LEU B 52 15.03 -11.94 -22.52
CA LEU B 52 14.61 -13.34 -22.48
C LEU B 52 14.35 -13.92 -23.86
N HIS B 53 14.03 -13.07 -24.84
CA HIS B 53 13.78 -13.51 -26.19
C HIS B 53 15.05 -13.89 -26.94
N GLU B 54 16.23 -13.42 -26.50
CA GLU B 54 17.45 -13.78 -27.20
C GLU B 54 17.78 -15.26 -27.00
N PRO B 55 18.01 -16.05 -28.07
CA PRO B 55 18.51 -17.41 -27.92
C PRO B 55 19.79 -17.51 -27.09
N ASN B 56 20.66 -16.49 -27.21
CA ASN B 56 21.88 -16.39 -26.42
C ASN B 56 21.60 -16.50 -24.92
N PHE B 57 20.53 -15.84 -24.49
CA PHE B 57 20.12 -15.88 -23.10
C PHE B 57 19.87 -17.32 -22.68
N ALA B 58 19.16 -18.07 -23.51
CA ALA B 58 18.85 -19.47 -23.23
C ALA B 58 20.13 -20.28 -23.03
N LYS B 59 21.10 -20.09 -23.92
CA LYS B 59 22.36 -20.81 -23.82
C LYS B 59 23.05 -20.45 -22.51
N TRP B 60 23.04 -19.16 -22.19
CA TRP B 60 23.69 -18.69 -20.99
C TRP B 60 23.05 -19.27 -19.74
N VAL B 61 21.71 -19.36 -19.75
CA VAL B 61 20.98 -20.00 -18.66
C VAL B 61 21.48 -21.42 -18.49
N GLN B 62 21.62 -22.14 -19.62
CA GLN B 62 22.10 -23.51 -19.56
C GLN B 62 23.49 -23.55 -18.94
N TYR B 63 24.37 -22.61 -19.35
CA TYR B 63 25.69 -22.50 -18.75
C TYR B 63 25.57 -22.33 -17.23
N ALA B 64 24.70 -21.41 -16.81
CA ALA B 64 24.53 -21.11 -15.40
C ALA B 64 24.10 -22.36 -14.62
N ASP B 65 23.08 -23.06 -15.15
CA ASP B 65 22.60 -24.28 -14.52
C ASP B 65 23.69 -25.34 -14.46
N ASP B 66 24.38 -25.56 -15.58
CA ASP B 66 25.43 -26.56 -15.66
C ASP B 66 26.55 -26.21 -14.67
N LEU B 67 26.86 -24.91 -14.54
CA LEU B 67 27.82 -24.46 -13.56
C LEU B 67 27.34 -24.78 -12.13
N SER B 68 26.07 -24.50 -11.86
CA SER B 68 25.43 -24.80 -10.58
C SER B 68 25.62 -26.26 -10.20
N ALA B 69 25.51 -27.14 -11.20
CA ALA B 69 25.55 -28.57 -10.98
C ALA B 69 26.89 -29.01 -10.40
N LYS B 70 27.98 -28.34 -10.80
CA LYS B 70 29.30 -28.69 -10.31
C LYS B 70 29.85 -27.57 -9.42
N SER B 71 28.96 -27.01 -8.60
CA SER B 71 29.35 -26.00 -7.65
C SER B 71 28.50 -26.11 -6.40
N SER B 72 28.99 -25.46 -5.33
CA SER B 72 28.47 -25.61 -3.99
C SER B 72 27.06 -25.03 -3.87
N HIS B 73 26.84 -23.85 -4.47
CA HIS B 73 25.53 -23.24 -4.39
C HIS B 73 24.58 -23.93 -5.36
N LYS B 74 23.48 -24.45 -4.83
CA LYS B 74 22.55 -25.20 -5.65
C LYS B 74 21.61 -24.22 -6.36
N GLU B 75 21.31 -23.11 -5.68
CA GLU B 75 20.27 -22.19 -6.14
C GLU B 75 20.70 -21.49 -7.43
N SER B 76 19.67 -20.99 -8.11
CA SER B 76 19.75 -20.55 -9.49
C SER B 76 20.57 -19.28 -9.61
N SER B 77 21.81 -19.44 -10.06
CA SER B 77 22.75 -18.35 -10.28
C SER B 77 22.15 -17.27 -11.16
N VAL B 78 21.30 -17.71 -12.10
CA VAL B 78 20.60 -16.81 -13.01
C VAL B 78 19.90 -15.72 -12.20
N ILE B 79 19.07 -16.15 -11.24
CA ILE B 79 18.24 -15.24 -10.50
C ILE B 79 19.14 -14.28 -9.74
N SER B 80 20.15 -14.82 -9.06
CA SER B 80 21.09 -14.01 -8.31
C SER B 80 21.60 -12.87 -9.18
N THR B 81 22.07 -13.23 -10.38
CA THR B 81 22.55 -12.27 -11.37
C THR B 81 21.47 -11.23 -11.67
N LEU B 82 20.29 -11.70 -12.06
CA LEU B 82 19.27 -10.79 -12.55
C LEU B 82 18.73 -9.86 -11.47
N THR B 83 18.52 -10.37 -10.24
CA THR B 83 18.02 -9.58 -9.14
C THR B 83 19.06 -8.55 -8.73
N SER B 84 20.33 -8.97 -8.65
CA SER B 84 21.42 -8.07 -8.34
C SER B 84 21.51 -6.94 -9.37
N LEU B 85 21.16 -7.23 -10.62
CA LEU B 85 21.13 -6.20 -11.64
C LEU B 85 19.90 -5.31 -11.55
N HIS B 86 18.72 -5.90 -11.40
CA HIS B 86 17.51 -5.16 -11.72
C HIS B 86 16.52 -5.04 -10.57
N GLY B 87 16.74 -5.74 -9.46
CA GLY B 87 15.80 -5.76 -8.35
C GLY B 87 14.65 -6.73 -8.60
N ASP B 88 14.18 -7.32 -7.51
CA ASP B 88 13.44 -8.57 -7.58
C ASP B 88 12.14 -8.41 -8.33
N LYS B 89 11.41 -7.32 -8.06
CA LYS B 89 10.11 -7.11 -8.69
C LYS B 89 10.28 -7.09 -10.20
N VAL B 90 11.31 -6.39 -10.70
CA VAL B 90 11.49 -6.21 -12.13
C VAL B 90 11.71 -7.58 -12.76
N VAL B 91 12.53 -8.40 -12.11
CA VAL B 91 12.79 -9.74 -12.61
C VAL B 91 11.49 -10.53 -12.70
N TYR B 92 10.76 -10.53 -11.58
CA TYR B 92 9.52 -11.28 -11.49
C TYR B 92 8.53 -10.80 -12.55
N ASP B 93 8.29 -9.48 -12.61
CA ASP B 93 7.42 -8.89 -13.61
C ASP B 93 7.83 -9.28 -15.04
N THR B 94 9.14 -9.31 -15.28
CA THR B 94 9.64 -9.72 -16.58
C THR B 94 9.28 -11.18 -16.85
N ILE B 95 9.49 -12.05 -15.86
CA ILE B 95 9.14 -13.46 -16.03
C ILE B 95 7.64 -13.60 -16.27
N GLN B 96 6.82 -12.83 -15.54
CA GLN B 96 5.37 -12.87 -15.73
C GLN B 96 5.00 -12.44 -17.15
N ALA B 97 5.67 -11.41 -17.67
CA ALA B 97 5.52 -11.04 -19.07
C ALA B 97 5.97 -12.18 -19.99
N ALA B 98 7.04 -12.89 -19.59
CA ALA B 98 7.62 -13.94 -20.41
C ALA B 98 6.68 -15.13 -20.59
N LYS B 99 5.83 -15.40 -19.60
CA LYS B 99 4.87 -16.49 -19.72
C LYS B 99 3.92 -16.28 -20.88
N LEU B 100 3.69 -15.04 -21.30
CA LEU B 100 2.70 -14.74 -22.32
C LEU B 100 3.09 -15.45 -23.62
N TYR B 101 4.34 -15.28 -24.06
CA TYR B 101 4.79 -15.84 -25.31
C TYR B 101 5.07 -17.33 -25.16
N PRO B 102 4.23 -18.21 -25.78
CA PRO B 102 4.13 -19.59 -25.33
C PRO B 102 5.40 -20.43 -25.52
N GLN B 103 6.21 -20.11 -26.52
CA GLN B 103 7.51 -20.74 -26.72
C GLN B 103 8.42 -20.52 -25.51
N LEU B 104 8.25 -19.38 -24.85
CA LEU B 104 9.00 -19.11 -23.63
C LEU B 104 8.34 -19.72 -22.39
N SER B 105 7.09 -20.20 -22.50
CA SER B 105 6.27 -20.49 -21.32
C SER B 105 6.98 -21.45 -20.37
N GLU B 106 7.46 -22.56 -20.92
CA GLU B 106 8.12 -23.58 -20.13
C GLU B 106 9.37 -23.03 -19.44
N LEU B 107 10.09 -22.18 -20.16
CA LEU B 107 11.29 -21.54 -19.63
C LEU B 107 10.88 -20.61 -18.49
N ALA B 108 9.90 -19.74 -18.77
CA ALA B 108 9.42 -18.75 -17.82
C ALA B 108 8.94 -19.42 -16.52
N LEU B 109 8.27 -20.56 -16.65
CA LEU B 109 7.84 -21.33 -15.50
C LEU B 109 9.04 -21.84 -14.70
N LYS B 110 10.08 -22.35 -15.39
CA LYS B 110 11.30 -22.77 -14.69
C LYS B 110 11.90 -21.59 -13.93
N LEU B 111 11.97 -20.45 -14.60
CA LEU B 111 12.53 -19.23 -14.03
C LEU B 111 11.74 -18.80 -12.79
N GLU B 112 10.42 -18.88 -12.83
CA GLU B 112 9.61 -18.56 -11.67
C GLU B 112 9.99 -19.46 -10.49
N LYS B 113 10.06 -20.78 -10.74
CA LYS B 113 10.44 -21.73 -9.70
C LYS B 113 11.81 -21.36 -9.13
N ASP B 114 12.76 -21.08 -10.05
CA ASP B 114 14.09 -20.66 -9.69
C ASP B 114 14.06 -19.44 -8.78
N GLN B 115 13.27 -18.43 -9.15
CA GLN B 115 13.19 -17.19 -8.40
C GLN B 115 12.68 -17.43 -6.99
N ILE B 116 11.69 -18.31 -6.87
CA ILE B 116 11.14 -18.67 -5.58
C ILE B 116 12.22 -19.35 -4.75
N ARG B 117 12.85 -20.40 -5.31
CA ARG B 117 13.79 -21.17 -4.50
C ARG B 117 14.96 -20.27 -4.09
N PHE B 118 15.37 -19.40 -5.01
CA PHE B 118 16.33 -18.36 -4.71
C PHE B 118 15.91 -17.50 -3.52
N TRP B 119 14.73 -16.88 -3.63
CA TRP B 119 14.22 -16.01 -2.58
C TRP B 119 14.21 -16.72 -1.22
N ILE B 120 13.70 -17.94 -1.21
CA ILE B 120 13.66 -18.73 0.00
C ILE B 120 15.08 -18.94 0.53
N ALA B 121 16.00 -19.37 -0.33
CA ALA B 121 17.36 -19.66 0.06
C ALA B 121 18.04 -18.40 0.63
N THR B 122 17.72 -17.24 0.06
CA THR B 122 18.39 -16.00 0.39
C THR B 122 17.63 -15.22 1.47
N ARG B 123 16.59 -15.81 2.08
CA ARG B 123 15.80 -15.23 3.17
C ARG B 123 15.45 -13.78 2.90
N LYS B 124 14.89 -13.55 1.70
CA LYS B 124 14.48 -12.23 1.28
C LYS B 124 13.39 -11.70 2.19
N ASP B 125 13.36 -10.37 2.36
CA ASP B 125 12.38 -9.76 3.25
C ASP B 125 11.00 -9.90 2.64
N PRO B 126 9.97 -10.33 3.43
CA PRO B 126 8.64 -10.56 2.88
C PRO B 126 8.07 -9.39 2.11
N SER B 127 8.40 -8.16 2.52
CA SER B 127 7.90 -6.97 1.85
C SER B 127 8.28 -6.97 0.36
N VAL B 128 9.48 -7.46 0.04
CA VAL B 128 9.94 -7.54 -1.33
C VAL B 128 9.00 -8.45 -2.12
N VAL B 129 8.71 -9.61 -1.52
CA VAL B 129 7.92 -10.65 -2.16
C VAL B 129 6.50 -10.12 -2.35
N PHE B 130 5.97 -9.49 -1.29
CA PHE B 130 4.65 -8.90 -1.35
C PHE B 130 4.53 -7.93 -2.51
N GLU B 131 5.51 -7.03 -2.61
CA GLU B 131 5.56 -6.00 -3.64
C GLU B 131 5.67 -6.66 -5.01
N ALA B 132 6.53 -7.66 -5.12
CA ALA B 132 6.75 -8.37 -6.37
C ALA B 132 5.45 -9.01 -6.84
N LEU B 133 4.66 -9.56 -5.91
CA LEU B 133 3.37 -10.16 -6.23
C LEU B 133 2.33 -9.12 -6.68
N ASN B 134 2.63 -7.82 -6.56
CA ASN B 134 1.68 -6.75 -6.84
C ASN B 134 0.45 -6.89 -5.94
N LEU B 135 0.67 -7.23 -4.66
CA LEU B 135 -0.36 -7.18 -3.63
C LEU B 135 -0.75 -5.75 -3.28
N ASN B 136 -0.02 -4.76 -3.81
CA ASN B 136 -0.26 -3.34 -3.65
C ASN B 136 -1.74 -2.96 -3.68
N TRP B 137 -2.56 -3.62 -4.53
CA TRP B 137 -3.91 -3.16 -4.75
C TRP B 137 -4.83 -3.52 -3.59
N ALA B 138 -4.68 -4.74 -3.02
CA ALA B 138 -5.79 -5.47 -2.39
C ALA B 138 -6.67 -4.67 -1.42
N GLY B 139 -6.09 -3.84 -0.55
CA GLY B 139 -6.86 -3.14 0.47
C GLY B 139 -7.55 -4.13 1.40
N ILE B 140 -8.87 -4.02 1.53
CA ILE B 140 -9.69 -4.92 2.35
C ILE B 140 -9.57 -6.37 1.88
N SER B 141 -9.40 -6.57 0.58
CA SER B 141 -9.65 -7.85 -0.05
C SER B 141 -8.45 -8.79 0.00
N ILE B 142 -7.51 -8.61 0.94
CA ILE B 142 -6.23 -9.24 0.74
C ILE B 142 -6.31 -10.73 1.03
N PHE B 143 -7.06 -11.12 2.06
CA PHE B 143 -6.96 -12.47 2.59
C PHE B 143 -7.53 -13.50 1.62
N PRO B 144 -8.66 -13.26 0.89
CA PRO B 144 -9.16 -14.25 -0.05
C PRO B 144 -8.24 -14.58 -1.23
N LYS B 145 -7.28 -13.73 -1.57
CA LYS B 145 -6.53 -13.94 -2.80
C LYS B 145 -5.50 -15.06 -2.65
N PRO B 146 -5.41 -16.02 -3.59
CA PRO B 146 -4.49 -17.15 -3.42
C PRO B 146 -3.02 -16.74 -3.38
N GLU B 147 -2.71 -15.59 -4.01
CA GLU B 147 -1.38 -15.04 -3.96
C GLU B 147 -1.00 -14.71 -2.51
N PHE B 148 -1.96 -14.18 -1.75
CA PHE B 148 -1.72 -13.93 -0.34
C PHE B 148 -1.38 -15.23 0.38
N SER B 149 -2.16 -16.29 0.12
CA SER B 149 -1.89 -17.61 0.68
C SER B 149 -0.48 -18.06 0.33
N ALA B 150 -0.11 -17.88 -0.94
CA ALA B 150 1.22 -18.21 -1.40
C ALA B 150 2.26 -17.42 -0.62
N TRP B 151 1.99 -16.13 -0.37
CA TRP B 151 2.90 -15.25 0.37
C TRP B 151 3.14 -15.79 1.79
N LEU B 152 2.07 -16.26 2.44
CA LEU B 152 2.19 -16.91 3.74
C LEU B 152 3.07 -18.16 3.60
N LYS B 153 2.77 -18.99 2.59
CA LYS B 153 3.51 -20.20 2.34
C LYS B 153 5.00 -19.89 2.22
N TYR B 154 5.31 -18.85 1.44
CA TYR B 154 6.69 -18.42 1.25
C TYR B 154 7.33 -18.09 2.60
N VAL B 155 6.63 -17.30 3.43
CA VAL B 155 7.15 -16.92 4.73
C VAL B 155 7.44 -18.17 5.56
N ASP B 156 6.47 -19.08 5.59
CA ASP B 156 6.58 -20.34 6.30
C ASP B 156 7.81 -21.12 5.79
N ASP B 157 7.93 -21.23 4.45
CA ASP B 157 9.01 -21.96 3.81
C ASP B 157 10.37 -21.36 4.18
N VAL B 158 10.48 -20.03 4.14
CA VAL B 158 11.71 -19.34 4.48
C VAL B 158 12.10 -19.71 5.91
N ASN B 159 11.17 -19.51 6.85
CA ASN B 159 11.40 -19.83 8.25
C ASN B 159 11.83 -21.29 8.43
N ALA B 160 11.23 -22.19 7.65
CA ALA B 160 11.57 -23.61 7.69
C ALA B 160 13.02 -23.84 7.29
N ARG B 161 13.42 -23.21 6.18
CA ARG B 161 14.74 -23.43 5.62
C ARG B 161 15.82 -22.78 6.49
N HIS B 162 15.47 -21.74 7.25
CA HIS B 162 16.45 -21.02 8.05
C HIS B 162 16.07 -21.09 9.52
N PRO B 163 16.22 -22.25 10.19
CA PRO B 163 15.96 -22.35 11.62
C PRO B 163 17.04 -21.67 12.47
N LYS B 164 18.21 -21.42 11.88
CA LYS B 164 19.36 -20.83 12.55
C LYS B 164 19.14 -19.37 12.95
N GLU B 165 18.37 -18.58 12.17
CA GLU B 165 18.18 -17.19 12.52
C GLU B 165 16.79 -16.95 13.07
N ALA B 166 16.62 -15.78 13.68
CA ALA B 166 15.33 -15.35 14.17
C ALA B 166 14.32 -15.33 13.02
N PRO B 167 13.05 -15.69 13.30
CA PRO B 167 12.09 -15.85 12.23
C PRO B 167 11.64 -14.53 11.62
N LEU B 168 11.19 -14.61 10.36
CA LEU B 168 10.55 -13.49 9.69
C LEU B 168 9.05 -13.58 9.90
N SER B 169 8.38 -12.42 9.75
CA SER B 169 6.95 -12.35 9.90
C SER B 169 6.36 -11.43 8.84
N ILE B 170 5.09 -11.69 8.51
CA ILE B 170 4.27 -10.86 7.64
C ILE B 170 3.99 -9.48 8.21
N ILE B 171 3.93 -9.39 9.53
CA ILE B 171 3.15 -8.37 10.21
C ILE B 171 3.64 -6.98 9.86
N PRO B 172 4.96 -6.68 9.88
CA PRO B 172 5.43 -5.35 9.53
C PRO B 172 4.88 -4.86 8.21
N THR B 173 4.90 -5.76 7.20
CA THR B 173 4.46 -5.42 5.87
C THR B 173 3.02 -4.92 5.90
N LEU B 174 2.18 -5.64 6.65
CA LEU B 174 0.77 -5.32 6.69
C LEU B 174 0.57 -3.93 7.31
N LYS B 175 1.17 -3.71 8.49
CA LYS B 175 1.00 -2.44 9.16
C LYS B 175 1.44 -1.29 8.27
N GLN B 176 2.65 -1.41 7.72
CA GLN B 176 3.23 -0.40 6.85
C GLN B 176 2.31 -0.08 5.68
N ARG B 177 1.66 -1.12 5.13
CA ARG B 177 0.79 -0.95 3.99
C ARG B 177 -0.43 -0.10 4.36
N PHE B 178 -0.96 -0.33 5.56
CA PHE B 178 -2.25 0.23 5.92
C PHE B 178 -2.10 1.64 6.45
N SER B 179 -1.16 1.86 7.39
CA SER B 179 -0.91 3.19 7.92
C SER B 179 0.49 3.31 8.52
N ARG B 180 0.96 4.55 8.62
CA ARG B 180 2.32 4.84 9.04
C ARG B 180 2.51 4.43 10.50
N GLY B 181 1.60 4.90 11.35
CA GLY B 181 1.71 4.73 12.77
C GLY B 181 1.54 3.26 13.18
N ASP B 182 2.43 2.81 14.06
CA ASP B 182 2.37 1.50 14.70
C ASP B 182 0.94 1.26 15.20
N GLU B 183 0.42 2.24 15.94
CA GLU B 183 -0.91 2.23 16.47
C GLU B 183 -1.92 2.09 15.33
N ALA B 184 -1.94 3.08 14.46
CA ALA B 184 -3.03 3.26 13.52
C ALA B 184 -3.12 2.08 12.56
N GLY B 185 -1.97 1.61 12.07
CA GLY B 185 -1.91 0.50 11.14
C GLY B 185 -2.50 -0.76 11.74
N THR B 186 -2.32 -0.95 13.05
CA THR B 186 -2.82 -2.14 13.70
C THR B 186 -4.35 -2.14 13.66
N ASP B 187 -4.97 -0.97 13.88
CA ASP B 187 -6.41 -0.89 13.95
C ASP B 187 -7.03 -1.42 12.67
N VAL B 188 -6.51 -0.98 11.52
CA VAL B 188 -7.04 -1.37 10.24
C VAL B 188 -6.89 -2.89 10.10
N LEU B 189 -5.71 -3.39 10.44
CA LEU B 189 -5.44 -4.81 10.37
C LEU B 189 -6.46 -5.61 11.18
N LEU B 190 -6.70 -5.18 12.42
CA LEU B 190 -7.63 -5.89 13.28
C LEU B 190 -9.03 -5.89 12.64
N LYS B 191 -9.46 -4.74 12.12
CA LYS B 191 -10.75 -4.67 11.44
C LYS B 191 -10.81 -5.64 10.27
N LEU B 192 -9.71 -5.78 9.54
CA LEU B 192 -9.64 -6.76 8.46
C LEU B 192 -9.81 -8.17 9.01
N ILE B 193 -9.11 -8.48 10.11
CA ILE B 193 -9.22 -9.81 10.69
C ILE B 193 -10.66 -10.08 11.10
N ALA B 194 -11.30 -9.11 11.75
CA ALA B 194 -12.70 -9.25 12.16
C ALA B 194 -13.59 -9.54 10.94
N ASN B 195 -13.39 -8.79 9.86
CA ASN B 195 -14.10 -8.95 8.60
C ASN B 195 -13.87 -10.34 8.01
N GLY B 196 -12.63 -10.83 8.12
CA GLY B 196 -12.27 -12.13 7.58
C GLY B 196 -12.91 -13.26 8.37
N LYS B 197 -12.88 -13.18 9.69
CA LYS B 197 -13.38 -14.24 10.56
C LYS B 197 -14.86 -14.51 10.34
N ALA B 198 -15.66 -13.48 10.02
CA ALA B 198 -17.07 -13.69 9.73
C ALA B 198 -17.26 -14.54 8.47
N THR B 199 -16.44 -14.30 7.44
CA THR B 199 -16.63 -14.99 6.16
C THR B 199 -15.98 -16.37 6.20
N THR B 200 -16.72 -17.39 5.76
CA THR B 200 -16.20 -18.75 5.67
C THR B 200 -14.95 -18.82 4.78
N GLU B 201 -14.94 -18.04 3.70
CA GLU B 201 -13.83 -17.96 2.76
C GLU B 201 -12.49 -17.70 3.46
N ALA B 202 -12.45 -16.61 4.24
CA ALA B 202 -11.22 -16.08 4.76
C ALA B 202 -10.91 -16.62 6.17
N LYS B 203 -11.84 -17.34 6.81
CA LYS B 203 -11.78 -17.61 8.26
C LYS B 203 -10.45 -18.27 8.65
N THR B 204 -10.04 -19.28 7.88
CA THR B 204 -8.80 -20.01 8.11
C THR B 204 -7.62 -19.04 8.08
N VAL B 205 -7.57 -18.23 7.03
CA VAL B 205 -6.50 -17.29 6.79
C VAL B 205 -6.46 -16.30 7.94
N ALA B 206 -7.64 -15.75 8.28
CA ALA B 206 -7.79 -14.77 9.34
C ALA B 206 -7.19 -15.29 10.65
N ASN B 207 -7.50 -16.55 11.01
CA ASN B 207 -6.95 -17.15 12.21
C ASN B 207 -5.42 -17.27 12.15
N LYS B 208 -4.87 -17.60 10.98
CA LYS B 208 -3.42 -17.67 10.82
C LYS B 208 -2.82 -16.28 11.06
N VAL B 209 -3.41 -15.26 10.45
CA VAL B 209 -2.92 -13.89 10.58
C VAL B 209 -2.96 -13.49 12.04
N GLU B 210 -4.08 -13.75 12.72
CA GLU B 210 -4.25 -13.48 14.14
C GLU B 210 -3.11 -14.12 14.93
N SER B 211 -2.88 -15.42 14.70
CA SER B 211 -1.84 -16.13 15.43
C SER B 211 -0.49 -15.46 15.19
N ALA B 212 -0.25 -15.06 13.94
CA ALA B 212 0.98 -14.40 13.55
C ALA B 212 1.14 -13.09 14.31
N LEU B 213 0.07 -12.32 14.42
CA LEU B 213 0.13 -11.04 15.10
C LEU B 213 0.50 -11.25 16.57
N PHE B 214 -0.12 -12.22 17.23
CA PHE B 214 0.24 -12.57 18.60
C PHE B 214 1.74 -12.86 18.70
N ASP B 215 2.18 -13.79 17.87
CA ASP B 215 3.55 -14.26 17.90
C ASP B 215 4.48 -13.07 17.69
N PHE B 216 4.10 -12.21 16.73
CA PHE B 216 4.88 -11.03 16.43
C PHE B 216 5.04 -10.15 17.66
N TRP B 217 3.95 -9.80 18.35
CA TRP B 217 4.05 -9.01 19.57
C TRP B 217 4.96 -9.68 20.59
N LEU B 218 4.80 -10.99 20.76
CA LEU B 218 5.55 -11.72 21.76
C LEU B 218 7.03 -11.70 21.43
N ASN B 219 7.36 -11.89 20.14
CA ASN B 219 8.75 -11.95 19.71
C ASN B 219 9.38 -10.56 19.78
N SER B 220 8.58 -9.51 19.63
CA SER B 220 9.10 -8.16 19.62
C SER B 220 9.19 -7.57 21.02
N ARG B 221 8.83 -8.31 22.09
CA ARG B 221 8.82 -7.83 23.46
C ARG B 221 7.87 -6.65 23.66
N GLU B 222 6.84 -6.53 22.82
CA GLU B 222 5.93 -5.40 22.95
C GLU B 222 5.04 -5.62 24.16
N THR B 223 5.14 -4.73 25.15
CA THR B 223 4.49 -4.93 26.43
C THR B 223 2.97 -4.83 26.28
N PRO B 224 2.21 -5.50 27.18
CA PRO B 224 0.77 -5.42 27.15
C PRO B 224 0.26 -3.98 27.17
N ASP B 225 0.93 -3.09 27.92
CA ASP B 225 0.47 -1.71 28.03
C ASP B 225 0.57 -1.02 26.67
N LYS B 226 1.66 -1.24 25.94
CA LYS B 226 1.78 -0.72 24.58
C LYS B 226 0.71 -1.35 23.70
N VAL B 227 0.56 -2.67 23.81
CA VAL B 227 -0.33 -3.42 22.93
C VAL B 227 -1.78 -2.97 23.14
N MET B 228 -2.12 -2.61 24.39
CA MET B 228 -3.48 -2.20 24.69
C MET B 228 -3.90 -1.04 23.82
N ASP B 229 -3.07 -0.01 23.77
CA ASP B 229 -3.53 1.22 23.15
C ASP B 229 -3.79 0.98 21.66
N ALA B 230 -3.09 0.02 21.06
CA ALA B 230 -3.43 -0.44 19.71
C ALA B 230 -4.88 -0.93 19.62
N PHE B 231 -5.35 -1.74 20.57
CA PHE B 231 -6.76 -2.11 20.60
C PHE B 231 -7.64 -0.87 20.86
N LYS B 232 -7.18 0.02 21.77
CA LYS B 232 -7.94 1.20 22.19
C LYS B 232 -8.07 2.25 21.08
N TYR B 233 -7.26 2.14 20.03
CA TYR B 233 -7.26 3.10 18.95
C TYR B 233 -8.66 3.33 18.40
N GLY B 234 -8.95 4.60 18.09
CA GLY B 234 -10.26 4.98 17.60
C GLY B 234 -11.30 5.24 18.70
N THR B 235 -11.23 4.54 19.84
CA THR B 235 -12.37 4.46 20.76
C THR B 235 -12.09 5.25 22.03
N THR B 236 -13.17 5.60 22.73
CA THR B 236 -13.06 6.03 24.11
C THR B 236 -12.66 4.81 24.94
N THR B 237 -11.96 5.03 26.05
CA THR B 237 -11.63 3.97 26.99
C THR B 237 -12.89 3.19 27.37
N GLN B 238 -13.96 3.93 27.66
CA GLN B 238 -15.24 3.37 28.07
C GLN B 238 -15.78 2.42 27.01
N ALA B 239 -15.81 2.89 25.75
CA ALA B 239 -16.30 2.08 24.65
C ALA B 239 -15.43 0.84 24.45
N PHE B 240 -14.11 1.02 24.56
CA PHE B 240 -13.16 -0.07 24.39
C PHE B 240 -13.51 -1.20 25.36
N LEU B 241 -13.78 -0.87 26.62
CA LEU B 241 -14.11 -1.90 27.59
C LEU B 241 -15.42 -2.62 27.24
N GLY B 242 -16.39 -1.85 26.73
CA GLY B 242 -17.65 -2.42 26.25
C GLY B 242 -17.51 -3.27 24.99
N SER B 243 -16.40 -3.16 24.25
CA SER B 243 -16.19 -3.86 23.00
C SER B 243 -15.59 -5.25 23.22
N PRO B 244 -15.75 -6.16 22.22
CA PRO B 244 -15.06 -7.44 22.21
C PRO B 244 -13.54 -7.35 22.31
N ARG B 245 -12.95 -6.28 21.76
CA ARG B 245 -11.50 -6.10 21.73
C ARG B 245 -10.88 -6.21 23.13
N TRP B 246 -11.59 -5.73 24.15
CA TRP B 246 -11.14 -5.85 25.52
C TRP B 246 -10.72 -7.27 25.86
N LYS B 247 -11.63 -8.21 25.60
CA LYS B 247 -11.41 -9.62 25.90
C LYS B 247 -10.19 -10.13 25.13
N GLU B 248 -10.07 -9.68 23.88
CA GLU B 248 -8.95 -10.05 23.02
C GLU B 248 -7.64 -9.54 23.64
N TRP B 249 -7.66 -8.32 24.19
CA TRP B 249 -6.48 -7.81 24.87
C TRP B 249 -6.16 -8.62 26.13
N GLU B 250 -7.17 -9.02 26.90
CA GLU B 250 -6.96 -9.88 28.06
C GLU B 250 -6.23 -11.15 27.63
N ARG B 251 -6.66 -11.72 26.50
CA ARG B 251 -6.04 -12.92 25.95
C ARG B 251 -4.54 -12.66 25.72
N TYR B 252 -4.20 -11.49 25.19
CA TYR B 252 -2.81 -11.15 25.01
C TYR B 252 -2.10 -11.03 26.35
N LEU B 253 -2.72 -10.32 27.30
CA LEU B 253 -2.08 -10.11 28.59
C LEU B 253 -1.65 -11.45 29.17
N SER B 254 -2.59 -12.39 29.17
CA SER B 254 -2.35 -13.73 29.66
C SER B 254 -1.17 -14.37 28.93
N ALA B 255 -1.18 -14.26 27.59
CA ALA B 255 -0.13 -14.85 26.76
C ALA B 255 1.23 -14.23 27.06
N TYR B 256 1.27 -12.89 27.20
CA TYR B 256 2.50 -12.20 27.51
C TYR B 256 3.07 -12.71 28.83
N ASN B 257 2.22 -12.75 29.87
CA ASN B 257 2.62 -13.23 31.18
C ASN B 257 3.17 -14.66 31.11
N ALA B 258 2.52 -15.50 30.28
CA ALA B 258 2.92 -16.89 30.13
C ALA B 258 4.31 -17.00 29.51
N ARG B 259 4.58 -16.20 28.46
CA ARG B 259 5.87 -16.21 27.79
C ARG B 259 6.95 -15.57 28.67
N TYR B 260 6.56 -14.54 29.43
CA TYR B 260 7.50 -13.73 30.19
C TYR B 260 7.00 -13.59 31.63
N PRO B 261 7.01 -14.70 32.42
CA PRO B 261 6.49 -14.65 33.78
C PRO B 261 7.34 -13.82 34.74
N GLU B 262 8.63 -13.62 34.42
CA GLU B 262 9.49 -12.72 35.16
C GLU B 262 8.93 -11.29 35.19
N LYS B 263 8.23 -10.88 34.12
CA LYS B 263 7.58 -9.57 34.05
C LYS B 263 6.06 -9.68 34.11
N LYS B 264 5.54 -10.71 34.81
CA LYS B 264 4.10 -10.91 34.91
C LYS B 264 3.44 -9.71 35.57
N ALA B 265 2.22 -9.38 35.14
CA ALA B 265 1.42 -8.35 35.78
C ALA B 265 -0.06 -8.68 35.63
N THR B 266 -0.89 -8.20 36.59
CA THR B 266 -2.34 -8.32 36.49
C THR B 266 -2.88 -7.20 35.59
N ALA B 267 -4.15 -7.33 35.20
CA ALA B 267 -4.85 -6.31 34.44
C ALA B 267 -4.77 -4.97 35.16
N ILE B 268 -5.23 -4.96 36.41
CA ILE B 268 -5.34 -3.71 37.14
C ILE B 268 -3.96 -3.13 37.40
N GLU B 269 -2.97 -3.99 37.67
CA GLU B 269 -1.60 -3.52 37.83
C GLU B 269 -1.17 -2.77 36.57
N THR B 270 -1.41 -3.41 35.43
CA THR B 270 -1.04 -2.87 34.14
C THR B 270 -1.75 -1.52 33.93
N LEU B 271 -3.07 -1.53 34.15
CA LEU B 271 -3.89 -0.32 34.03
C LEU B 271 -3.35 0.81 34.91
N THR B 272 -2.96 0.45 36.13
CA THR B 272 -2.41 1.39 37.08
C THR B 272 -1.13 1.99 36.49
N ARG B 273 -0.20 1.14 36.05
CA ARG B 273 1.06 1.64 35.52
C ARG B 273 0.86 2.54 34.31
N LYS B 274 -0.16 2.25 33.49
CA LYS B 274 -0.46 3.10 32.35
C LYS B 274 -1.01 4.45 32.80
N TYR B 275 -2.09 4.42 33.60
CA TYR B 275 -2.93 5.60 33.76
C TYR B 275 -2.77 6.29 35.11
N GLY B 276 -2.34 5.55 36.14
CA GLY B 276 -2.36 6.02 37.51
C GLY B 276 -3.72 5.81 38.16
N ASP B 277 -3.73 5.64 39.48
CA ASP B 277 -4.89 5.14 40.20
C ASP B 277 -6.10 6.06 40.04
N ALA B 278 -5.88 7.38 40.02
CA ALA B 278 -6.98 8.32 40.01
C ALA B 278 -7.77 8.24 38.71
N GLN B 279 -7.08 8.28 37.57
CA GLN B 279 -7.76 8.18 36.28
C GLN B 279 -8.44 6.82 36.17
N LEU B 280 -7.77 5.76 36.64
CA LEU B 280 -8.34 4.43 36.62
C LEU B 280 -9.66 4.42 37.39
N LEU B 281 -9.61 5.00 38.58
CA LEU B 281 -10.79 5.08 39.41
C LEU B 281 -11.90 5.84 38.67
N ASP B 282 -11.56 7.01 38.13
CA ASP B 282 -12.48 7.81 37.33
C ASP B 282 -13.08 7.02 36.17
N THR B 283 -12.29 6.15 35.57
CA THR B 283 -12.76 5.33 34.48
C THR B 283 -13.76 4.34 35.01
N LEU B 284 -13.39 3.66 36.11
CA LEU B 284 -14.19 2.57 36.62
C LEU B 284 -15.55 3.06 37.10
N ILE B 285 -15.54 4.17 37.83
CA ILE B 285 -16.79 4.78 38.23
C ILE B 285 -17.65 5.12 37.00
N GLY B 286 -17.02 5.64 35.93
CA GLY B 286 -17.73 5.90 34.70
C GLY B 286 -18.37 4.63 34.14
N ALA B 287 -17.57 3.57 34.04
CA ALA B 287 -17.97 2.29 33.48
C ALA B 287 -19.10 1.65 34.29
N SER B 288 -19.15 1.91 35.60
CA SER B 288 -20.19 1.35 36.45
C SER B 288 -21.57 1.88 36.09
N SER B 289 -21.64 3.06 35.46
CA SER B 289 -22.89 3.72 35.16
C SER B 289 -23.60 3.11 33.95
N LYS B 290 -22.88 2.37 33.09
CA LYS B 290 -23.53 1.78 31.94
C LYS B 290 -23.70 0.28 32.10
N GLY B 291 -24.89 -0.20 31.69
CA GLY B 291 -25.23 -1.61 31.67
C GLY B 291 -24.16 -2.47 31.00
N GLU B 292 -23.65 -2.02 29.84
CA GLU B 292 -22.70 -2.77 29.04
C GLU B 292 -21.42 -3.13 29.81
N THR B 293 -20.99 -2.25 30.72
CA THR B 293 -19.67 -2.35 31.33
C THR B 293 -19.72 -2.52 32.85
N LYS B 294 -20.92 -2.42 33.44
CA LYS B 294 -21.11 -2.39 34.88
C LYS B 294 -20.39 -3.56 35.57
N THR B 295 -20.57 -4.76 35.01
CA THR B 295 -20.02 -5.99 35.57
C THR B 295 -18.51 -5.89 35.68
N LEU B 296 -17.90 -5.59 34.52
CA LEU B 296 -16.45 -5.58 34.42
C LEU B 296 -15.87 -4.53 35.35
N ALA B 297 -16.50 -3.36 35.36
CA ALA B 297 -16.11 -2.29 36.27
C ALA B 297 -16.02 -2.81 37.70
N ALA B 298 -17.08 -3.50 38.14
CA ALA B 298 -17.12 -4.00 39.51
C ALA B 298 -15.98 -4.98 39.78
N LYS B 299 -15.73 -5.87 38.81
CA LYS B 299 -14.68 -6.86 38.95
C LYS B 299 -13.34 -6.16 39.12
N LEU B 300 -13.07 -5.23 38.19
CA LEU B 300 -11.80 -4.54 38.16
C LEU B 300 -11.60 -3.74 39.44
N GLN B 301 -12.68 -3.12 39.92
CA GLN B 301 -12.61 -2.34 41.14
C GLN B 301 -12.22 -3.23 42.32
N ALA B 302 -12.81 -4.41 42.41
CA ALA B 302 -12.44 -5.36 43.44
C ALA B 302 -10.94 -5.69 43.37
N GLN B 303 -10.43 -5.90 42.16
CA GLN B 303 -9.01 -6.18 41.99
C GLN B 303 -8.17 -4.98 42.43
N GLN B 304 -8.63 -3.76 42.17
CA GLN B 304 -7.91 -2.56 42.57
C GLN B 304 -7.75 -2.53 44.09
N PHE B 305 -8.86 -2.77 44.79
CA PHE B 305 -8.81 -2.85 46.24
C PHE B 305 -7.84 -3.94 46.67
N ASP B 306 -7.92 -5.11 46.02
CA ASP B 306 -7.08 -6.23 46.39
C ASP B 306 -5.60 -5.86 46.27
N ARG B 307 -5.25 -5.09 45.24
CA ARG B 307 -3.90 -4.58 45.08
C ARG B 307 -3.52 -3.72 46.29
N TRP B 308 -4.35 -2.74 46.61
CA TRP B 308 -4.11 -1.84 47.72
C TRP B 308 -3.92 -2.61 49.03
N MET B 309 -4.74 -3.65 49.23
CA MET B 309 -4.60 -4.54 50.36
C MET B 309 -3.25 -5.25 50.37
N ASN B 310 -2.86 -5.82 49.22
CA ASN B 310 -1.60 -6.54 49.10
C ASN B 310 -0.40 -5.60 49.31
N LEU B 311 -0.57 -4.32 48.96
CA LEU B 311 0.41 -3.27 49.21
C LEU B 311 0.34 -2.74 50.63
N LYS B 312 -0.64 -3.23 51.42
CA LYS B 312 -0.78 -2.95 52.84
C LYS B 312 -1.02 -1.45 53.04
N GLU B 313 -1.82 -0.87 52.13
CA GLU B 313 -2.12 0.54 52.18
C GLU B 313 -3.42 0.74 52.97
N SER B 314 -3.33 1.51 54.06
CA SER B 314 -4.50 1.89 54.83
C SER B 314 -5.37 2.82 54.00
N PRO B 315 -6.70 2.91 54.30
CA PRO B 315 -7.56 3.86 53.60
C PRO B 315 -7.01 5.28 53.60
N LEU B 316 -6.38 5.69 54.71
CA LEU B 316 -5.81 7.02 54.77
C LEU B 316 -4.59 7.12 53.85
N ASP B 317 -3.75 6.07 53.79
CA ASP B 317 -2.64 6.04 52.85
C ASP B 317 -3.15 6.20 51.41
N VAL B 318 -4.25 5.49 51.11
CA VAL B 318 -4.84 5.53 49.78
C VAL B 318 -5.37 6.93 49.50
N TYR B 319 -5.99 7.57 50.50
CA TYR B 319 -6.43 8.95 50.37
C TYR B 319 -5.25 9.83 49.99
N ASN B 320 -4.11 9.69 50.66
CA ASN B 320 -2.94 10.51 50.39
C ASN B 320 -2.46 10.31 48.95
N ARG B 321 -2.57 9.08 48.44
CA ARG B 321 -2.20 8.79 47.07
C ARG B 321 -3.07 9.56 46.10
N LEU B 322 -4.40 9.52 46.28
CA LEU B 322 -5.30 9.96 45.24
C LEU B 322 -5.52 11.47 45.29
N ARG B 323 -5.44 12.09 46.48
CA ARG B 323 -5.82 13.48 46.62
C ARG B 323 -4.90 14.40 45.82
N SER B 324 -3.63 14.00 45.64
CA SER B 324 -2.71 14.75 44.78
C SER B 324 -3.31 15.08 43.40
N SER B 325 -4.12 14.16 42.85
CA SER B 325 -4.75 14.34 41.56
C SER B 325 -6.21 14.80 41.66
N TYR B 326 -6.98 14.28 42.63
CA TYR B 326 -8.40 14.60 42.71
C TYR B 326 -8.61 15.97 43.37
N GLY B 327 -7.80 16.26 44.39
CA GLY B 327 -8.11 17.33 45.33
C GLY B 327 -9.18 16.86 46.34
N ASP B 328 -9.09 17.35 47.57
CA ASP B 328 -9.93 16.88 48.67
C ASP B 328 -11.40 17.16 48.39
N THR B 329 -11.70 18.39 47.98
CA THR B 329 -13.09 18.85 47.86
C THR B 329 -13.86 18.01 46.84
N ALA B 330 -13.17 17.56 45.77
CA ALA B 330 -13.77 16.71 44.76
C ALA B 330 -13.96 15.30 45.31
N PHE B 331 -12.92 14.79 45.94
CA PHE B 331 -12.87 13.38 46.34
C PHE B 331 -13.94 13.03 47.36
N PHE B 332 -14.33 13.97 48.22
CA PHE B 332 -15.36 13.72 49.21
C PHE B 332 -16.76 13.77 48.62
N ASN B 333 -16.93 14.26 47.39
CA ASN B 333 -18.24 14.29 46.78
C ASN B 333 -18.62 12.90 46.27
N GLU B 334 -19.92 12.72 46.01
CA GLU B 334 -20.37 11.59 45.22
C GLU B 334 -19.79 11.73 43.83
N PRO B 335 -19.32 10.65 43.15
CA PRO B 335 -19.24 9.29 43.69
C PRO B 335 -18.01 8.96 44.53
N GLN B 336 -16.92 9.69 44.41
CA GLN B 336 -15.59 9.26 44.86
C GLN B 336 -15.57 8.79 46.31
N LEU B 337 -16.32 9.43 47.20
CA LEU B 337 -16.27 9.11 48.61
C LEU B 337 -16.84 7.72 48.88
N ASN B 338 -18.01 7.44 48.29
CA ASN B 338 -18.74 6.17 48.47
C ASN B 338 -17.81 4.97 48.33
N VAL B 339 -17.04 4.99 47.25
CA VAL B 339 -16.14 3.90 46.93
C VAL B 339 -14.98 3.85 47.93
N TRP B 340 -14.49 5.00 48.44
CA TRP B 340 -13.45 4.98 49.47
C TRP B 340 -13.92 4.23 50.70
N VAL B 341 -15.15 4.51 51.14
CA VAL B 341 -15.76 3.81 52.27
C VAL B 341 -15.91 2.33 51.93
N SER B 342 -16.17 2.01 50.65
CA SER B 342 -16.20 0.63 50.21
C SER B 342 -14.85 -0.06 50.43
N TYR B 343 -13.73 0.64 50.19
CA TYR B 343 -12.42 0.09 50.50
C TYR B 343 -12.28 -0.10 52.01
N MET B 344 -12.72 0.87 52.79
CA MET B 344 -12.59 0.81 54.24
C MET B 344 -13.29 -0.43 54.77
N ASN B 345 -14.47 -0.72 54.23
CA ASN B 345 -15.25 -1.88 54.59
C ASN B 345 -14.44 -3.17 54.40
N VAL B 346 -13.84 -3.33 53.23
CA VAL B 346 -13.06 -4.54 52.96
C VAL B 346 -11.76 -4.53 53.76
N PHE B 347 -11.14 -3.36 53.94
CA PHE B 347 -9.91 -3.26 54.72
C PHE B 347 -10.12 -3.82 56.12
N VAL B 348 -11.25 -3.49 56.74
CA VAL B 348 -11.58 -3.98 58.07
C VAL B 348 -12.08 -5.43 58.02
N ASP B 349 -12.70 -5.86 56.93
CA ASP B 349 -13.03 -7.28 56.79
C ASP B 349 -11.79 -8.16 56.92
N LYS B 350 -10.63 -7.68 56.46
CA LYS B 350 -9.38 -8.39 56.64
C LYS B 350 -8.59 -7.90 57.86
N ASN B 351 -8.94 -6.72 58.41
CA ASN B 351 -8.30 -6.21 59.62
C ASN B 351 -9.35 -5.76 60.64
N PRO B 352 -10.16 -6.70 61.19
CA PRO B 352 -11.25 -6.32 62.10
C PRO B 352 -10.77 -5.69 63.40
N SER B 353 -9.60 -6.11 63.87
CA SER B 353 -8.96 -5.56 65.06
C SER B 353 -8.65 -4.07 64.94
N LYS B 354 -8.45 -3.59 63.71
CA LYS B 354 -7.96 -2.25 63.47
C LYS B 354 -9.07 -1.23 63.15
N VAL B 355 -10.35 -1.64 63.22
CA VAL B 355 -11.46 -0.75 62.87
C VAL B 355 -11.42 0.51 63.74
N ASP B 356 -11.19 0.34 65.05
CA ASP B 356 -11.13 1.46 65.96
C ASP B 356 -9.95 2.36 65.62
N LYS B 357 -8.77 1.75 65.41
CA LYS B 357 -7.56 2.49 65.06
C LYS B 357 -7.81 3.37 63.84
N MET B 358 -8.44 2.79 62.81
CA MET B 358 -8.72 3.49 61.57
C MET B 358 -9.60 4.71 61.86
N PHE B 359 -10.76 4.47 62.46
CA PHE B 359 -11.69 5.54 62.76
C PHE B 359 -11.06 6.64 63.62
N LEU B 360 -10.22 6.26 64.58
CA LEU B 360 -9.52 7.22 65.42
C LEU B 360 -8.64 8.11 64.55
N GLU B 361 -7.84 7.51 63.67
CA GLU B 361 -6.93 8.26 62.81
C GLU B 361 -7.70 9.24 61.93
N LEU B 362 -8.84 8.80 61.39
CA LEU B 362 -9.67 9.65 60.56
C LEU B 362 -10.15 10.85 61.37
N GLY B 363 -10.67 10.57 62.57
CA GLY B 363 -11.16 11.58 63.48
C GLY B 363 -10.10 12.63 63.82
N ASP B 364 -8.88 12.17 64.10
CA ASP B 364 -7.76 13.03 64.44
C ASP B 364 -7.34 13.89 63.25
N THR B 365 -7.47 13.36 62.04
CA THR B 365 -6.97 13.99 60.83
C THR B 365 -7.96 15.03 60.33
N PHE B 366 -9.26 14.77 60.51
CA PHE B 366 -10.26 15.49 59.74
C PHE B 366 -11.20 16.29 60.63
N GLY B 367 -11.68 17.37 60.01
CA GLY B 367 -12.68 18.22 60.61
C GLY B 367 -14.03 17.52 60.66
N ASP B 368 -14.87 18.00 61.58
CA ASP B 368 -16.10 17.32 61.96
C ASP B 368 -16.97 17.02 60.74
N MET B 369 -17.22 18.02 59.88
CA MET B 369 -18.13 17.82 58.77
C MET B 369 -17.67 16.66 57.89
N ARG B 370 -16.36 16.60 57.63
CA ARG B 370 -15.79 15.55 56.80
C ARG B 370 -16.01 14.20 57.47
N LEU B 371 -15.70 14.13 58.77
CA LEU B 371 -15.82 12.91 59.53
C LEU B 371 -17.26 12.40 59.49
N PHE B 372 -18.23 13.30 59.66
CA PHE B 372 -19.64 12.94 59.63
C PHE B 372 -20.05 12.40 58.28
N ARG B 373 -19.62 13.06 57.20
CA ARG B 373 -20.04 12.64 55.88
C ARG B 373 -19.61 11.19 55.63
N VAL B 374 -18.37 10.90 56.02
CA VAL B 374 -17.81 9.55 55.97
C VAL B 374 -18.70 8.60 56.75
N LEU B 375 -19.02 8.97 57.98
CA LEU B 375 -19.77 8.08 58.86
C LEU B 375 -21.18 7.87 58.34
N GLY B 376 -21.79 8.91 57.76
CA GLY B 376 -23.10 8.78 57.12
C GLY B 376 -23.12 7.66 56.06
N GLU B 377 -22.03 7.53 55.30
CA GLU B 377 -21.89 6.43 54.36
C GLU B 377 -21.53 5.13 55.07
N ALA B 378 -20.61 5.20 56.04
CA ALA B 378 -20.04 4.00 56.65
C ALA B 378 -21.11 3.12 57.29
N LYS B 379 -22.17 3.73 57.83
CA LYS B 379 -23.21 2.97 58.50
C LYS B 379 -23.94 2.01 57.55
N LYS B 380 -23.86 2.23 56.23
CA LYS B 380 -24.53 1.31 55.31
C LYS B 380 -23.81 -0.04 55.23
N PHE B 381 -22.52 -0.10 55.59
CA PHE B 381 -21.76 -1.34 55.57
C PHE B 381 -21.92 -2.13 56.88
N PRO B 382 -22.39 -3.40 56.84
CA PRO B 382 -22.51 -4.24 58.03
C PRO B 382 -21.26 -4.25 58.91
N ASN B 383 -20.07 -4.36 58.29
CA ASN B 383 -18.82 -4.47 59.02
C ASN B 383 -18.56 -3.24 59.87
N LEU B 384 -18.97 -2.08 59.35
CA LEU B 384 -18.64 -0.79 59.94
C LEU B 384 -19.75 -0.24 60.84
N GLU B 385 -20.98 -0.72 60.65
CA GLU B 385 -22.18 -0.09 61.16
C GLU B 385 -22.07 0.23 62.65
N SER B 386 -21.63 -0.76 63.43
CA SER B 386 -21.48 -0.64 64.87
C SER B 386 -20.51 0.47 65.25
N THR B 387 -19.24 0.37 64.80
CA THR B 387 -18.21 1.32 65.19
C THR B 387 -18.57 2.73 64.71
N ALA B 388 -19.10 2.81 63.50
CA ALA B 388 -19.58 4.07 62.95
C ALA B 388 -20.67 4.66 63.84
N THR B 389 -21.69 3.86 64.17
CA THR B 389 -22.81 4.30 65.00
C THR B 389 -22.29 4.87 66.32
N LYS B 390 -21.37 4.17 66.97
CA LYS B 390 -20.83 4.64 68.24
C LYS B 390 -20.23 6.03 68.06
N LEU B 391 -19.27 6.12 67.14
CA LEU B 391 -18.48 7.32 66.94
C LEU B 391 -19.38 8.50 66.58
N GLN B 392 -20.27 8.30 65.61
CA GLN B 392 -21.11 9.38 65.12
C GLN B 392 -22.01 9.92 66.22
N MET B 393 -22.51 9.06 67.11
CA MET B 393 -23.33 9.55 68.22
C MET B 393 -22.50 10.33 69.24
N GLU B 394 -21.30 9.86 69.59
CA GLU B 394 -20.46 10.57 70.53
C GLU B 394 -20.20 12.00 70.06
N LYS B 395 -19.85 12.15 68.78
CA LYS B 395 -19.63 13.46 68.19
C LYS B 395 -20.93 14.27 68.17
N ALA B 396 -22.03 13.64 67.75
CA ALA B 396 -23.31 14.34 67.67
C ALA B 396 -23.70 14.92 69.03
N SER B 397 -23.54 14.11 70.08
CA SER B 397 -23.78 14.54 71.45
C SER B 397 -22.95 15.78 71.79
N THR B 398 -21.67 15.75 71.41
CA THR B 398 -20.76 16.86 71.65
C THR B 398 -21.28 18.12 70.96
N LEU B 399 -21.70 17.96 69.70
CA LEU B 399 -22.21 19.07 68.92
C LEU B 399 -23.49 19.63 69.52
N PHE B 400 -24.41 18.76 69.95
CA PHE B 400 -25.63 19.20 70.62
C PHE B 400 -25.29 19.99 71.89
N ALA B 401 -24.29 19.54 72.65
CA ALA B 401 -23.88 20.22 73.88
C ALA B 401 -23.30 21.62 73.64
N SER B 402 -22.88 21.94 72.41
CA SER B 402 -22.29 23.24 72.09
C SER B 402 -23.31 24.38 72.09
N GLY B 403 -24.57 24.08 71.77
CA GLY B 403 -25.60 25.10 71.67
C GLY B 403 -25.49 25.92 70.38
N LYS B 404 -24.81 25.39 69.35
CA LYS B 404 -24.70 26.08 68.07
C LYS B 404 -26.06 26.10 67.35
N SER B 405 -26.14 26.89 66.26
CA SER B 405 -27.34 26.96 65.45
C SER B 405 -27.66 25.58 64.84
N PRO B 406 -28.94 25.14 64.86
CA PRO B 406 -29.35 23.93 64.16
C PRO B 406 -28.92 23.90 62.69
N GLU B 407 -29.00 25.05 62.01
CA GLU B 407 -28.53 25.19 60.64
C GLU B 407 -27.08 24.74 60.51
N GLY B 408 -26.22 25.29 61.37
CA GLY B 408 -24.81 24.97 61.32
C GLY B 408 -24.56 23.50 61.61
N ILE B 409 -25.24 22.97 62.64
CA ILE B 409 -25.09 21.60 63.06
C ILE B 409 -25.55 20.66 61.94
N PHE B 410 -26.70 20.93 61.32
CA PHE B 410 -27.29 20.06 60.31
C PHE B 410 -26.31 19.74 59.19
N LYS B 411 -25.57 20.75 58.73
CA LYS B 411 -24.53 20.59 57.72
C LYS B 411 -23.37 19.77 58.24
N VAL B 412 -22.90 20.05 59.47
CA VAL B 412 -21.77 19.33 60.04
C VAL B 412 -22.11 17.85 60.19
N LEU B 413 -23.37 17.54 60.53
CA LEU B 413 -23.82 16.16 60.65
C LEU B 413 -24.01 15.48 59.30
N ALA B 414 -23.82 16.22 58.19
CA ALA B 414 -23.89 15.68 56.84
C ALA B 414 -25.30 15.16 56.55
N LEU B 415 -26.32 15.78 57.13
CA LEU B 415 -27.70 15.32 56.98
C LEU B 415 -28.18 15.56 55.55
N ASP B 416 -27.62 16.57 54.90
CA ASP B 416 -27.83 16.87 53.49
C ASP B 416 -27.39 15.77 52.53
N ASN B 417 -26.60 14.79 52.98
CA ASN B 417 -26.07 13.73 52.12
C ASN B 417 -26.57 12.33 52.47
N VAL B 418 -27.60 12.21 53.32
CA VAL B 418 -28.19 10.92 53.65
C VAL B 418 -28.96 10.34 52.46
N GLY B 419 -29.57 11.21 51.65
CA GLY B 419 -30.33 10.79 50.47
C GLY B 419 -31.81 10.66 50.81
N ASP B 420 -32.51 9.76 50.11
CA ASP B 420 -33.96 9.75 50.12
C ASP B 420 -34.54 9.24 51.43
N ASP B 421 -33.75 8.43 52.17
CA ASP B 421 -34.25 7.73 53.35
C ASP B 421 -33.98 8.48 54.65
N ILE B 422 -33.69 9.79 54.59
CA ILE B 422 -33.37 10.59 55.76
C ILE B 422 -34.38 10.44 56.90
N LEU B 423 -35.66 10.21 56.55
CA LEU B 423 -36.74 10.16 57.52
C LEU B 423 -36.59 8.98 58.48
N SER B 424 -35.92 7.93 58.01
CA SER B 424 -35.58 6.76 58.82
C SER B 424 -34.38 7.00 59.72
N ASN B 425 -33.51 7.96 59.35
CA ASN B 425 -32.15 8.02 59.85
C ASN B 425 -32.11 8.47 61.30
N THR B 426 -31.31 7.78 62.12
CA THR B 426 -31.27 7.98 63.57
C THR B 426 -30.84 9.41 63.91
N LEU B 427 -29.80 9.93 63.23
CA LEU B 427 -29.28 11.25 63.53
C LEU B 427 -30.33 12.32 63.32
N PHE B 428 -31.08 12.21 62.22
CA PHE B 428 -32.14 13.15 61.90
C PHE B 428 -33.13 13.29 63.06
N HIS B 429 -33.50 12.17 63.72
CA HIS B 429 -34.38 12.21 64.88
C HIS B 429 -33.74 12.95 66.05
N LYS B 430 -32.45 12.71 66.31
CA LYS B 430 -31.75 13.44 67.35
C LYS B 430 -31.69 14.93 67.01
N TRP B 431 -31.48 15.26 65.73
CA TRP B 431 -31.40 16.64 65.30
C TRP B 431 -32.74 17.34 65.52
N LEU B 432 -33.86 16.73 65.11
CA LEU B 432 -35.15 17.38 65.31
C LEU B 432 -35.44 17.53 66.81
N ALA B 433 -34.96 16.61 67.64
CA ALA B 433 -35.08 16.76 69.08
C ALA B 433 -34.32 18.00 69.54
N TYR B 434 -33.06 18.13 69.10
CA TYR B 434 -32.26 19.28 69.43
C TYR B 434 -32.91 20.56 68.91
N LEU B 435 -33.47 20.53 67.69
CA LEU B 435 -34.08 21.70 67.11
C LEU B 435 -35.23 22.18 67.99
N GLN B 436 -36.10 21.27 68.42
CA GLN B 436 -37.23 21.67 69.25
C GLN B 436 -36.73 22.26 70.57
N LYS B 437 -35.71 21.64 71.18
CA LYS B 437 -35.14 22.18 72.40
C LYS B 437 -34.57 23.57 72.16
N PHE B 438 -33.78 23.71 71.10
CA PHE B 438 -33.25 25.00 70.67
C PHE B 438 -34.38 26.01 70.48
N ASN B 439 -35.47 25.61 69.81
CA ASN B 439 -36.56 26.51 69.46
C ASN B 439 -37.25 27.04 70.73
N LYS B 440 -37.46 26.19 71.74
CA LYS B 440 -38.09 26.65 72.96
C LYS B 440 -37.14 27.57 73.73
N GLU B 441 -35.84 27.28 73.68
CA GLU B 441 -34.82 28.10 74.34
C GLU B 441 -34.59 29.43 73.63
N HIS B 442 -34.79 29.46 72.30
CA HIS B 442 -34.61 30.66 71.50
C HIS B 442 -35.92 31.04 70.79
N PRO B 443 -36.96 31.45 71.53
CA PRO B 443 -38.28 31.67 70.93
C PRO B 443 -38.32 32.83 69.94
N ASN B 444 -37.42 33.80 70.11
CA ASN B 444 -37.33 34.94 69.20
C ASN B 444 -36.51 34.64 67.96
N ASN B 445 -35.79 33.50 67.94
CA ASN B 445 -34.79 33.23 66.93
C ASN B 445 -34.89 31.77 66.47
N GLN B 446 -36.10 31.31 66.15
CA GLN B 446 -36.35 29.88 65.89
C GLN B 446 -35.87 29.49 64.49
N GLU B 447 -35.67 28.18 64.28
CA GLU B 447 -35.26 27.63 62.98
C GLU B 447 -36.24 26.54 62.53
N SER B 448 -36.27 26.30 61.22
CA SER B 448 -37.31 25.48 60.58
C SER B 448 -36.72 24.18 60.05
N TRP B 449 -37.29 23.02 60.44
CA TRP B 449 -36.75 21.75 59.99
C TRP B 449 -36.89 21.60 58.47
N PHE B 450 -38.03 22.04 57.93
CA PHE B 450 -38.32 21.87 56.52
C PHE B 450 -37.39 22.76 55.69
N ASP B 451 -37.00 23.95 56.19
CA ASP B 451 -36.04 24.78 55.49
C ASP B 451 -34.74 24.01 55.22
N MET B 452 -34.26 23.30 56.24
CA MET B 452 -33.01 22.58 56.10
C MET B 452 -33.15 21.47 55.06
N LEU B 453 -34.29 20.77 55.04
CA LEU B 453 -34.51 19.73 54.06
C LEU B 453 -34.64 20.34 52.66
N ARG B 454 -35.46 21.39 52.53
CA ARG B 454 -35.69 22.06 51.27
C ARG B 454 -34.38 22.57 50.67
N ILE B 455 -33.53 23.22 51.48
CA ILE B 455 -32.31 23.84 50.99
C ILE B 455 -31.32 22.77 50.59
N SER B 456 -31.19 21.71 51.39
CA SER B 456 -30.16 20.71 51.15
C SER B 456 -30.52 19.81 49.97
N TYR B 457 -31.77 19.35 49.89
CA TYR B 457 -32.15 18.34 48.91
C TYR B 457 -32.86 18.93 47.69
N GLN B 458 -33.23 20.22 47.73
CA GLN B 458 -33.81 20.91 46.58
C GLN B 458 -35.19 20.31 46.25
N PRO B 459 -36.03 20.96 45.41
CA PRO B 459 -37.40 20.51 45.24
C PRO B 459 -37.52 19.07 44.74
N PHE B 460 -36.57 18.66 43.89
CA PHE B 460 -36.60 17.34 43.27
C PHE B 460 -36.29 16.28 44.32
N GLY B 461 -35.25 16.55 45.13
CA GLY B 461 -34.83 15.64 46.18
C GLY B 461 -35.88 15.51 47.28
N VAL B 462 -36.46 16.65 47.66
CA VAL B 462 -37.59 16.69 48.58
C VAL B 462 -38.69 15.75 48.09
N GLU B 463 -39.03 15.84 46.79
CA GLU B 463 -40.10 15.03 46.23
C GLU B 463 -39.77 13.54 46.35
N ARG B 464 -38.53 13.14 46.08
CA ARG B 464 -38.11 11.76 46.25
C ARG B 464 -38.17 11.33 47.71
N ILE B 465 -37.76 12.23 48.61
CA ILE B 465 -37.73 11.92 50.03
C ILE B 465 -39.14 11.60 50.51
N ILE B 466 -40.14 12.39 50.11
CA ILE B 466 -41.50 12.11 50.54
C ILE B 466 -41.99 10.80 49.91
N GLU B 467 -41.68 10.53 48.63
CA GLU B 467 -42.04 9.24 48.05
C GLU B 467 -41.41 8.07 48.81
N THR B 468 -40.18 8.26 49.30
CA THR B 468 -39.47 7.25 50.09
C THR B 468 -40.13 7.10 51.46
N GLY B 469 -40.45 8.23 52.10
CA GLY B 469 -41.07 8.24 53.41
C GLY B 469 -42.44 7.57 53.43
N ARG B 470 -43.24 7.75 52.36
CA ARG B 470 -44.59 7.22 52.32
C ARG B 470 -44.59 5.69 52.29
N LYS B 471 -43.72 5.10 51.49
CA LYS B 471 -43.69 3.65 51.33
C LYS B 471 -43.37 2.93 52.64
N ASN B 472 -42.47 3.50 53.47
CA ASN B 472 -42.15 2.97 54.78
C ASN B 472 -43.21 3.43 55.80
N PRO B 473 -43.94 2.52 56.49
CA PRO B 473 -44.94 2.93 57.48
C PRO B 473 -44.41 3.77 58.64
N LEU B 474 -43.20 3.46 59.13
CA LEU B 474 -42.62 4.23 60.22
C LEU B 474 -42.44 5.70 59.84
N THR B 475 -42.06 5.97 58.59
CA THR B 475 -41.82 7.32 58.12
C THR B 475 -43.07 7.97 57.50
N ARG B 476 -44.17 7.20 57.37
CA ARG B 476 -45.33 7.66 56.59
C ARG B 476 -45.87 8.98 57.11
N LEU B 477 -46.11 9.07 58.43
CA LEU B 477 -46.71 10.27 58.99
C LEU B 477 -45.73 11.45 58.88
N MET B 478 -44.43 11.19 59.07
CA MET B 478 -43.41 12.21 58.89
C MET B 478 -43.46 12.76 57.47
N ALA B 479 -43.74 11.90 56.48
CA ALA B 479 -43.82 12.30 55.09
C ALA B 479 -45.08 13.15 54.84
N GLU B 480 -46.21 12.75 55.44
CA GLU B 480 -47.47 13.47 55.29
C GLU B 480 -47.37 14.93 55.72
N LYS B 481 -46.47 15.25 56.65
CA LYS B 481 -46.23 16.60 57.12
C LYS B 481 -46.04 17.59 55.99
N VAL B 482 -45.39 17.18 54.90
CA VAL B 482 -45.23 18.08 53.77
C VAL B 482 -45.71 17.47 52.45
N GLU B 483 -46.41 16.33 52.49
CA GLU B 483 -47.00 15.72 51.31
C GLU B 483 -47.87 16.72 50.58
N ASN B 484 -48.75 17.41 51.32
CA ASN B 484 -49.73 18.30 50.71
C ASN B 484 -49.28 19.76 50.78
N ALA B 485 -47.97 20.05 50.83
CA ALA B 485 -47.47 21.36 51.26
C ALA B 485 -47.62 22.40 50.15
N TYR B 486 -48.71 22.34 49.39
CA TYR B 486 -48.86 23.14 48.20
C TYR B 486 -50.31 23.16 47.73
N HIS B 487 -51.21 22.24 48.10
CA HIS B 487 -52.61 22.47 47.77
C HIS B 487 -53.11 23.78 48.38
N ASN B 488 -52.67 24.07 49.60
CA ASN B 488 -52.94 25.34 50.22
C ASN B 488 -51.93 26.39 49.77
N TYR B 489 -50.64 26.03 49.75
CA TYR B 489 -49.61 27.05 49.49
C TYR B 489 -49.74 27.59 48.06
N TRP B 490 -50.24 26.79 47.10
CA TRP B 490 -50.58 27.29 45.78
C TRP B 490 -51.72 28.31 45.81
N LEU B 491 -52.73 28.13 46.68
CA LEU B 491 -53.76 29.15 46.87
C LEU B 491 -53.18 30.45 47.42
N ASP B 492 -52.17 30.37 48.30
CA ASP B 492 -51.50 31.55 48.83
C ASP B 492 -50.67 32.27 47.75
N ILE B 493 -49.85 31.54 46.98
CA ILE B 493 -49.09 32.15 45.90
C ILE B 493 -49.94 32.40 44.64
N LYS B 494 -51.24 32.07 44.70
CA LYS B 494 -52.21 32.32 43.65
C LYS B 494 -51.79 31.61 42.36
N MET B 495 -51.38 30.35 42.48
CA MET B 495 -51.10 29.54 41.31
C MET B 495 -52.40 29.35 40.50
N GLU B 496 -52.34 29.72 39.22
CA GLU B 496 -53.45 29.55 38.31
C GLU B 496 -53.80 28.06 38.21
N PRO B 497 -55.09 27.67 38.26
CA PRO B 497 -55.49 26.28 37.99
C PRO B 497 -54.88 25.70 36.71
N LYS B 498 -54.74 26.52 35.66
CA LYS B 498 -54.07 26.07 34.43
C LYS B 498 -52.66 25.57 34.72
N THR B 499 -51.94 26.31 35.56
CA THR B 499 -50.59 25.93 35.95
C THR B 499 -50.62 24.72 36.87
N ALA B 500 -51.57 24.69 37.80
CA ALA B 500 -51.73 23.58 38.72
C ALA B 500 -51.93 22.26 37.96
N PHE B 501 -52.67 22.29 36.83
CA PHE B 501 -52.89 21.12 35.98
C PHE B 501 -51.56 20.49 35.57
N ARG B 502 -50.66 21.32 35.04
CA ARG B 502 -49.35 20.89 34.60
C ARG B 502 -48.51 20.40 35.79
N SER B 503 -48.61 21.09 36.93
CA SER B 503 -47.84 20.74 38.12
C SER B 503 -48.24 19.38 38.66
N LEU B 504 -49.47 18.94 38.37
CA LEU B 504 -49.96 17.64 38.73
C LEU B 504 -49.78 16.61 37.60
N HIS B 505 -49.03 16.96 36.55
CA HIS B 505 -48.53 16.03 35.54
C HIS B 505 -49.65 15.49 34.67
N LEU B 506 -50.74 16.27 34.54
CA LEU B 506 -51.97 15.75 33.99
C LEU B 506 -51.93 15.75 32.47
N ASP B 507 -51.04 16.56 31.87
CA ASP B 507 -50.83 16.53 30.42
C ASP B 507 -50.47 15.11 29.93
N GLU B 508 -49.63 14.43 30.72
CA GLU B 508 -49.14 13.11 30.37
C GLU B 508 -50.23 12.03 30.39
N SER B 509 -51.31 12.22 31.18
CA SER B 509 -52.37 11.24 31.35
C SER B 509 -53.14 10.97 30.06
N GLY B 510 -53.16 11.95 29.14
CA GLY B 510 -53.66 11.72 27.80
C GLY B 510 -55.15 11.33 27.79
N GLU B 511 -55.46 10.12 27.29
CA GLU B 511 -56.83 9.63 27.12
C GLU B 511 -57.53 9.43 28.46
N LYS B 512 -56.78 8.92 29.46
CA LYS B 512 -57.34 8.57 30.74
C LYS B 512 -57.31 9.74 31.73
N LEU B 513 -57.42 10.97 31.22
CA LEU B 513 -57.39 12.19 32.02
C LEU B 513 -58.44 12.15 33.13
N LEU B 514 -59.71 11.96 32.74
CA LEU B 514 -60.83 12.00 33.68
C LEU B 514 -60.73 10.86 34.69
N ALA B 515 -60.15 9.72 34.27
CA ALA B 515 -59.99 8.55 35.10
C ALA B 515 -58.88 8.72 36.15
N ASP B 516 -57.93 9.63 35.92
CA ASP B 516 -56.75 9.73 36.76
C ASP B 516 -57.14 10.22 38.17
N PRO B 517 -56.69 9.55 39.26
CA PRO B 517 -56.96 10.04 40.61
C PRO B 517 -56.60 11.50 40.87
N LYS B 518 -55.49 11.98 40.29
CA LYS B 518 -55.07 13.36 40.51
C LYS B 518 -56.04 14.36 39.88
N PHE B 519 -56.82 13.94 38.87
CA PHE B 519 -57.84 14.79 38.29
C PHE B 519 -58.78 15.33 39.38
N ASN B 520 -59.20 14.45 40.28
CA ASN B 520 -60.03 14.81 41.42
C ASN B 520 -59.33 15.87 42.27
N THR B 521 -58.02 15.69 42.52
CA THR B 521 -57.26 16.65 43.31
C THR B 521 -57.25 18.01 42.64
N TRP B 522 -57.13 18.04 41.29
CA TRP B 522 -57.10 19.30 40.55
C TRP B 522 -58.45 20.02 40.66
N VAL B 523 -59.56 19.29 40.47
CA VAL B 523 -60.88 19.91 40.51
C VAL B 523 -61.12 20.52 41.89
N GLN B 524 -60.73 19.81 42.96
CA GLN B 524 -60.88 20.32 44.31
C GLN B 524 -60.05 21.61 44.50
N TYR B 525 -58.82 21.63 43.97
CA TYR B 525 -58.02 22.85 44.00
C TYR B 525 -58.72 23.97 43.23
N LEU B 526 -59.20 23.67 42.02
CA LEU B 526 -59.87 24.64 41.17
C LEU B 526 -61.06 25.28 41.88
N LYS B 527 -61.88 24.45 42.54
CA LYS B 527 -63.00 24.95 43.32
C LYS B 527 -62.50 25.85 44.45
N THR B 528 -61.48 25.42 45.20
CA THR B 528 -60.96 26.18 46.32
C THR B 528 -60.37 27.52 45.86
N PHE B 529 -59.66 27.49 44.73
CA PHE B 529 -59.12 28.69 44.12
C PHE B 529 -60.24 29.68 43.82
N ASN B 530 -61.28 29.20 43.16
CA ASN B 530 -62.42 30.04 42.81
C ASN B 530 -63.07 30.65 44.05
N ASP B 531 -63.18 29.85 45.14
CA ASP B 531 -63.71 30.34 46.40
C ASP B 531 -62.86 31.47 46.97
N ARG B 532 -61.53 31.36 46.88
CA ARG B 532 -60.63 32.38 47.40
C ARG B 532 -60.54 33.58 46.47
N TYR B 533 -60.68 33.36 45.15
CA TYR B 533 -60.57 34.41 44.16
C TYR B 533 -61.79 34.37 43.23
N PRO B 534 -62.98 34.80 43.70
CA PRO B 534 -64.18 34.75 42.88
C PRO B 534 -64.18 35.73 41.71
N ASN B 535 -63.36 36.79 41.79
CA ASN B 535 -63.21 37.73 40.69
C ASN B 535 -62.45 37.09 39.51
N GLU B 536 -61.51 36.16 39.80
CA GLU B 536 -60.80 35.43 38.77
C GLU B 536 -61.24 33.97 38.71
N LYS B 537 -62.53 33.71 38.89
CA LYS B 537 -63.06 32.35 38.94
C LYS B 537 -63.02 31.71 37.56
N THR B 538 -62.56 30.44 37.49
CA THR B 538 -62.39 29.72 36.23
C THR B 538 -63.09 28.36 36.30
N THR B 539 -63.75 27.94 35.20
CA THR B 539 -64.43 26.65 35.15
C THR B 539 -63.42 25.55 34.87
N VAL B 540 -63.88 24.32 35.10
CA VAL B 540 -63.10 23.13 34.78
C VAL B 540 -62.95 23.04 33.26
N ILE B 541 -64.05 23.25 32.51
CA ILE B 541 -63.98 23.17 31.06
C ILE B 541 -62.98 24.20 30.51
N ASP B 542 -62.95 25.42 31.08
CA ASP B 542 -61.93 26.40 30.71
C ASP B 542 -60.53 25.89 31.04
N GLY B 543 -60.33 25.39 32.26
CA GLY B 543 -59.04 24.84 32.66
C GLY B 543 -58.55 23.71 31.74
N LEU B 544 -59.49 22.90 31.24
CA LEU B 544 -59.16 21.87 30.28
C LEU B 544 -58.88 22.45 28.89
N ARG B 545 -59.74 23.37 28.44
CA ARG B 545 -59.58 24.03 27.16
C ARG B 545 -58.27 24.81 27.06
N ASP B 546 -57.84 25.43 28.17
CA ASP B 546 -56.54 26.07 28.25
C ASP B 546 -55.41 25.05 28.03
N ASN B 547 -55.56 23.86 28.62
CA ASN B 547 -54.54 22.83 28.59
C ASN B 547 -54.54 22.02 27.28
N SER B 548 -55.66 21.99 26.53
CA SER B 548 -55.71 21.28 25.26
C SER B 548 -56.91 21.71 24.41
N HIS B 549 -56.79 21.53 23.08
CA HIS B 549 -57.79 21.96 22.12
C HIS B 549 -58.92 20.95 22.03
N ASP B 550 -60.03 21.38 21.42
CA ASP B 550 -61.29 20.67 21.38
C ASP B 550 -61.13 19.23 20.89
N ILE B 551 -60.30 19.03 19.86
CA ILE B 551 -60.13 17.72 19.26
C ILE B 551 -59.64 16.69 20.29
N ALA B 552 -58.74 17.10 21.19
CA ALA B 552 -58.26 16.24 22.25
C ALA B 552 -59.37 16.00 23.27
N LEU B 553 -60.10 17.05 23.62
CA LEU B 553 -61.19 16.95 24.57
C LEU B 553 -62.26 15.96 24.09
N LEU B 554 -62.68 16.08 22.83
CA LEU B 554 -63.58 15.13 22.19
C LEU B 554 -63.13 13.68 22.35
N ARG B 555 -61.84 13.45 22.08
CA ARG B 555 -61.21 12.14 22.21
C ARG B 555 -61.33 11.65 23.65
N MET B 556 -60.99 12.52 24.60
CA MET B 556 -61.03 12.22 26.02
C MET B 556 -62.45 11.93 26.47
N PHE B 557 -63.45 12.61 25.87
CA PHE B 557 -64.83 12.46 26.28
C PHE B 557 -65.42 11.18 25.69
N SER B 558 -65.21 10.89 24.40
CA SER B 558 -65.76 9.67 23.82
C SER B 558 -65.29 8.43 24.58
N ALA B 559 -64.00 8.40 24.92
CA ALA B 559 -63.44 7.37 25.78
C ALA B 559 -64.10 7.32 27.15
N ALA B 560 -64.12 8.47 27.85
CA ALA B 560 -64.66 8.54 29.19
C ALA B 560 -66.18 8.29 29.25
N LYS B 561 -66.88 8.41 28.10
CA LYS B 561 -68.28 8.04 27.99
C LYS B 561 -68.48 6.54 28.13
N ASN B 562 -67.60 5.74 27.50
CA ASN B 562 -67.77 4.29 27.58
C ASN B 562 -67.31 3.73 28.93
N ASP B 563 -66.61 4.52 29.77
CA ASP B 563 -66.37 4.19 31.18
C ASP B 563 -67.51 4.70 32.07
N PRO B 564 -68.26 3.79 32.75
CA PRO B 564 -69.36 4.19 33.61
C PRO B 564 -69.01 5.20 34.70
N SER B 565 -67.82 5.08 35.32
CA SER B 565 -67.47 5.96 36.42
C SER B 565 -67.25 7.41 35.97
N THR B 566 -66.96 7.60 34.68
CA THR B 566 -66.77 8.93 34.11
C THR B 566 -67.85 9.31 33.09
N GLU B 567 -68.88 8.48 32.89
CA GLU B 567 -69.84 8.69 31.80
C GLU B 567 -70.56 10.03 31.96
N LYS B 568 -71.15 10.25 33.12
CA LYS B 568 -71.89 11.48 33.35
C LYS B 568 -70.95 12.68 33.26
N LEU B 569 -69.77 12.54 33.87
CA LEU B 569 -68.76 13.59 33.91
C LEU B 569 -68.40 14.02 32.49
N ALA B 570 -68.04 13.06 31.66
CA ALA B 570 -67.73 13.31 30.26
C ALA B 570 -68.89 14.02 29.57
N THR B 571 -70.13 13.55 29.82
CA THR B 571 -71.29 14.13 29.17
C THR B 571 -71.48 15.58 29.61
N ASP B 572 -71.30 15.88 30.91
CA ASP B 572 -71.47 17.26 31.37
C ASP B 572 -70.37 18.15 30.81
N LEU B 573 -69.16 17.63 30.60
CA LEU B 573 -68.08 18.40 29.98
C LEU B 573 -68.32 18.62 28.49
N GLN B 574 -68.83 17.59 27.78
CA GLN B 574 -69.30 17.76 26.41
C GLN B 574 -70.29 18.92 26.34
N SER B 575 -71.26 18.90 27.26
CA SER B 575 -72.26 19.94 27.36
C SER B 575 -71.59 21.29 27.59
N ALA B 576 -70.65 21.36 28.53
CA ALA B 576 -69.95 22.61 28.82
C ALA B 576 -69.17 23.11 27.60
N LEU B 577 -68.59 22.18 26.82
CA LEU B 577 -67.90 22.55 25.59
C LEU B 577 -68.89 23.15 24.59
N ILE B 578 -70.04 22.48 24.40
CA ILE B 578 -71.05 22.94 23.48
C ILE B 578 -71.49 24.36 23.87
N LEU B 579 -71.63 24.63 25.17
CA LEU B 579 -71.93 25.96 25.68
C LEU B 579 -70.89 26.99 25.21
N LYS B 580 -69.60 26.63 25.27
CA LYS B 580 -68.56 27.52 24.78
C LYS B 580 -68.67 27.77 23.28
N TRP B 581 -69.08 26.77 22.50
CA TRP B 581 -69.32 26.95 21.07
C TRP B 581 -70.44 27.97 20.84
N GLN B 582 -71.55 27.84 21.58
CA GLN B 582 -72.65 28.79 21.49
C GLN B 582 -72.19 30.19 21.92
N ASP B 583 -71.41 30.30 23.00
CA ASP B 583 -70.82 31.56 23.42
C ASP B 583 -70.01 32.18 22.27
N ALA B 584 -69.25 31.33 21.58
CA ALA B 584 -68.40 31.76 20.49
C ALA B 584 -69.16 31.90 19.16
N LYS B 585 -70.45 31.47 19.11
CA LYS B 585 -71.31 31.54 17.93
C LYS B 585 -70.68 30.85 16.72
N LYS B 586 -69.92 29.77 16.97
CA LYS B 586 -69.32 29.00 15.88
C LYS B 586 -70.40 28.40 15.00
N THR B 587 -70.28 28.49 13.65
CA THR B 587 -71.26 27.83 12.79
C THR B 587 -70.98 26.32 12.80
N PRO B 588 -72.04 25.47 12.75
CA PRO B 588 -71.84 24.03 12.57
C PRO B 588 -70.95 23.68 11.39
N GLU B 589 -71.04 24.44 10.29
CA GLU B 589 -70.31 24.13 9.07
C GLU B 589 -68.81 24.28 9.31
N GLU B 590 -68.42 25.31 10.09
CA GLU B 590 -67.03 25.47 10.49
C GLU B 590 -66.56 24.26 11.29
N LEU B 591 -67.31 23.95 12.35
CA LEU B 591 -66.94 22.89 13.27
C LEU B 591 -66.86 21.55 12.52
N LYS B 592 -67.81 21.31 11.60
CA LYS B 592 -67.84 20.13 10.78
C LYS B 592 -66.57 20.00 9.95
N ARG B 593 -66.23 21.06 9.22
CA ARG B 593 -65.13 21.01 8.27
C ARG B 593 -63.79 20.83 9.00
N VAL B 594 -63.66 21.40 10.19
CA VAL B 594 -62.40 21.38 10.91
C VAL B 594 -62.23 20.05 11.65
N PHE B 595 -63.31 19.48 12.21
CA PHE B 595 -63.22 18.31 13.07
C PHE B 595 -63.53 17.01 12.33
N VAL B 596 -63.34 16.97 11.01
CA VAL B 596 -63.64 15.76 10.24
C VAL B 596 -62.75 14.62 10.73
N GLY B 597 -63.36 13.47 11.04
CA GLY B 597 -62.63 12.23 11.30
C GLY B 597 -62.18 12.11 12.75
N VAL B 598 -63.08 12.47 13.68
CA VAL B 598 -62.82 12.29 15.10
C VAL B 598 -64.07 11.71 15.76
N PRO B 599 -63.91 10.71 16.66
CA PRO B 599 -65.02 10.19 17.47
C PRO B 599 -65.81 11.26 18.24
N ALA B 600 -67.12 11.03 18.33
CA ALA B 600 -68.10 11.88 19.00
C ALA B 600 -68.23 13.27 18.37
N ALA B 601 -67.57 13.51 17.22
CA ALA B 601 -67.68 14.80 16.57
C ALA B 601 -69.11 15.02 16.10
N ASP B 602 -69.63 14.06 15.33
CA ASP B 602 -70.98 14.16 14.81
C ASP B 602 -72.04 14.20 15.90
N GLU B 603 -71.85 13.46 17.00
CA GLU B 603 -72.78 13.49 18.13
C GLU B 603 -72.94 14.92 18.64
N MET B 604 -71.81 15.57 18.95
CA MET B 604 -71.83 16.92 19.50
C MET B 604 -72.30 17.93 18.45
N LEU B 605 -71.96 17.73 17.17
CA LEU B 605 -72.45 18.57 16.09
C LEU B 605 -73.98 18.51 15.98
N ASP B 606 -74.53 17.30 16.00
CA ASP B 606 -75.98 17.11 15.91
C ASP B 606 -76.67 17.75 17.10
N ARG B 607 -76.10 17.57 18.31
CA ARG B 607 -76.60 18.23 19.51
C ARG B 607 -76.60 19.75 19.35
N TYR B 608 -75.47 20.28 18.84
CA TYR B 608 -75.32 21.71 18.66
C TYR B 608 -76.28 22.23 17.60
N ILE B 609 -76.48 21.48 16.51
CA ILE B 609 -77.42 21.85 15.45
C ILE B 609 -78.85 21.94 16.00
N LYS B 610 -79.25 20.96 16.84
CA LYS B 610 -80.56 21.00 17.47
C LYS B 610 -80.67 22.23 18.38
N LEU B 611 -79.64 22.49 19.20
CA LEU B 611 -79.65 23.64 20.09
C LEU B 611 -79.71 24.96 19.30
N LEU B 612 -79.12 25.01 18.10
CA LEU B 612 -79.28 26.12 17.18
C LEU B 612 -80.72 26.29 16.71
N ALA B 613 -81.41 25.18 16.41
CA ALA B 613 -82.79 25.20 15.97
C ALA B 613 -83.74 25.69 17.07
N VAL B 614 -83.40 25.47 18.35
CA VAL B 614 -84.16 25.95 19.50
C VAL B 614 -84.25 27.48 19.49
N ALA B 615 -83.26 28.17 18.93
CA ALA B 615 -83.27 29.62 18.83
C ALA B 615 -84.46 30.13 18.03
N SER B 616 -84.92 29.39 17.01
CA SER B 616 -86.14 29.73 16.31
C SER B 616 -87.37 29.34 17.14
N MET C 3 4.56 35.59 30.85
CA MET C 3 3.81 36.37 29.83
C MET C 3 4.11 35.76 28.46
N VAL C 4 4.70 36.53 27.54
CA VAL C 4 4.84 36.18 26.13
C VAL C 4 5.68 34.92 25.95
N ASN C 5 6.69 34.74 26.81
CA ASN C 5 7.57 33.57 26.80
C ASN C 5 6.75 32.28 26.74
N SER C 6 5.62 32.22 27.46
CA SER C 6 4.74 31.06 27.43
C SER C 6 4.33 30.74 26.00
N MET C 7 3.90 31.75 25.25
CA MET C 7 3.45 31.56 23.87
C MET C 7 4.58 30.96 23.04
N VAL C 8 5.77 31.53 23.22
CA VAL C 8 6.94 31.11 22.46
C VAL C 8 7.23 29.65 22.76
N GLU C 9 7.28 29.33 24.06
CA GLU C 9 7.59 27.98 24.53
C GLU C 9 6.60 26.98 23.95
N ARG C 10 5.30 27.29 24.04
CA ARG C 10 4.27 26.38 23.54
C ARG C 10 4.38 26.26 22.03
N ALA C 11 4.60 27.39 21.35
CA ALA C 11 4.77 27.40 19.91
C ALA C 11 6.03 26.65 19.46
N THR C 12 6.96 26.38 20.40
CA THR C 12 8.17 25.64 20.09
C THR C 12 8.30 24.38 20.96
N SER C 13 7.18 23.85 21.48
CA SER C 13 7.21 22.70 22.37
C SER C 13 7.48 21.43 21.55
N ASP C 14 8.30 20.54 22.11
CA ASP C 14 8.57 19.24 21.54
C ASP C 14 7.29 18.39 21.38
N MET C 15 6.21 18.75 22.09
CA MET C 15 4.95 18.05 22.00
C MET C 15 4.25 18.23 20.65
N LEU C 16 4.54 19.32 19.94
CA LEU C 16 4.00 19.47 18.58
C LEU C 16 4.70 18.52 17.62
N ILE C 17 3.95 17.92 16.69
CA ILE C 17 4.56 17.17 15.61
C ILE C 17 4.95 18.12 14.48
N GLY C 18 4.17 19.21 14.32
CA GLY C 18 4.38 20.17 13.25
C GLY C 18 4.18 21.59 13.77
N PRO C 19 4.60 22.62 13.02
CA PRO C 19 4.37 23.99 13.47
C PRO C 19 2.90 24.38 13.49
N ASP C 20 2.45 25.00 14.58
CA ASP C 20 1.10 25.55 14.61
C ASP C 20 1.09 26.91 13.90
N TRP C 21 0.82 26.87 12.59
CA TRP C 21 0.91 28.06 11.76
C TRP C 21 -0.08 29.13 12.23
N ALA C 22 -1.29 28.72 12.64
CA ALA C 22 -2.28 29.66 13.10
C ALA C 22 -1.78 30.40 14.34
N MET C 23 -1.20 29.65 15.28
CA MET C 23 -0.60 30.25 16.46
C MET C 23 0.51 31.22 16.05
N ASN C 24 1.34 30.82 15.07
CA ASN C 24 2.42 31.67 14.61
C ASN C 24 1.87 32.99 14.08
N ILE C 25 0.81 32.92 13.26
CA ILE C 25 0.19 34.13 12.71
C ILE C 25 -0.39 34.97 13.84
N GLU C 26 -1.05 34.31 14.81
CA GLU C 26 -1.63 35.04 15.92
C GLU C 26 -0.54 35.84 16.64
N ILE C 27 0.63 35.23 16.80
CA ILE C 27 1.77 35.91 17.40
C ILE C 27 2.17 37.09 16.53
N CYS C 28 2.21 36.89 15.21
CA CYS C 28 2.53 37.99 14.32
C CYS C 28 1.58 39.17 14.51
N ASP C 29 0.28 38.89 14.66
CA ASP C 29 -0.72 39.92 14.84
C ASP C 29 -0.41 40.74 16.10
N ILE C 30 -0.12 40.05 17.22
CA ILE C 30 0.09 40.83 18.42
C ILE C 30 1.40 41.62 18.30
N CYS C 31 2.41 41.10 17.59
CA CYS C 31 3.63 41.87 17.38
C CYS C 31 3.39 43.13 16.57
N ASN C 32 2.43 43.10 15.65
CA ASN C 32 2.03 44.31 14.95
C ASN C 32 1.24 45.26 15.84
N HIS C 33 0.66 44.77 16.95
CA HIS C 33 -0.10 45.64 17.83
C HIS C 33 0.80 46.26 18.90
N ASP C 34 1.61 45.41 19.52
CA ASP C 34 2.38 45.79 20.69
C ASP C 34 3.87 45.52 20.46
N PRO C 35 4.64 46.57 20.10
CA PRO C 35 6.07 46.40 19.86
C PRO C 35 6.85 46.00 21.11
N ALA C 36 6.37 46.38 22.29
CA ALA C 36 7.03 45.97 23.53
C ALA C 36 7.03 44.46 23.66
N GLN C 37 5.87 43.86 23.39
CA GLN C 37 5.75 42.42 23.45
C GLN C 37 6.62 41.76 22.38
N ALA C 38 6.74 42.44 21.25
CA ALA C 38 7.58 41.93 20.18
C ALA C 38 9.02 41.71 20.64
N LYS C 39 9.59 42.62 21.46
CA LYS C 39 10.93 42.43 22.02
C LYS C 39 11.01 41.06 22.68
N ASP C 40 10.03 40.82 23.56
CA ASP C 40 10.03 39.64 24.41
C ASP C 40 9.95 38.39 23.54
N VAL C 41 9.18 38.45 22.45
CA VAL C 41 9.03 37.32 21.55
C VAL C 41 10.39 36.91 21.02
N VAL C 42 11.12 37.86 20.43
CA VAL C 42 12.37 37.51 19.77
C VAL C 42 13.35 36.99 20.83
N LYS C 43 13.34 37.57 22.03
CA LYS C 43 14.23 37.12 23.11
C LYS C 43 13.91 35.68 23.50
N GLY C 44 12.63 35.32 23.53
CA GLY C 44 12.22 33.97 23.78
C GLY C 44 12.73 33.02 22.71
N ILE C 45 12.63 33.44 21.43
CA ILE C 45 13.03 32.59 20.32
C ILE C 45 14.50 32.22 20.48
N LYS C 46 15.36 33.21 20.78
CA LYS C 46 16.78 32.98 21.00
C LYS C 46 17.00 31.85 22.02
N ARG C 47 16.27 31.92 23.13
CA ARG C 47 16.40 30.94 24.20
C ARG C 47 16.04 29.54 23.68
N ARG C 48 14.93 29.44 22.96
CA ARG C 48 14.44 28.15 22.45
C ARG C 48 15.37 27.61 21.36
N LEU C 49 15.96 28.50 20.55
CA LEU C 49 17.01 28.06 19.63
C LEU C 49 18.18 27.41 20.36
N GLY C 50 18.46 27.91 21.58
CA GLY C 50 19.47 27.36 22.45
C GLY C 50 19.20 25.93 22.94
N SER C 51 17.96 25.43 22.80
CA SER C 51 17.65 24.03 23.09
C SER C 51 18.50 23.09 22.23
N LYS C 52 18.92 21.97 22.83
CA LYS C 52 19.59 20.87 22.14
C LYS C 52 18.72 20.26 21.04
N ASN C 53 17.39 20.31 21.21
CA ASN C 53 16.48 19.51 20.42
C ASN C 53 16.30 20.11 19.02
N PRO C 54 16.75 19.42 17.93
CA PRO C 54 16.61 19.95 16.59
C PRO C 54 15.17 20.26 16.18
N LYS C 55 14.23 19.46 16.69
CA LYS C 55 12.82 19.72 16.42
C LYS C 55 12.44 21.09 16.95
N VAL C 56 12.81 21.36 18.21
CA VAL C 56 12.56 22.66 18.82
C VAL C 56 13.21 23.76 17.97
N GLN C 57 14.45 23.51 17.56
CA GLN C 57 15.19 24.47 16.75
C GLN C 57 14.42 24.77 15.45
N LEU C 58 13.97 23.71 14.76
CA LEU C 58 13.23 23.87 13.52
C LEU C 58 11.98 24.70 13.72
N LEU C 59 11.24 24.39 14.78
CA LEU C 59 10.01 25.11 15.10
C LEU C 59 10.32 26.60 15.32
N ALA C 60 11.39 26.85 16.07
CA ALA C 60 11.82 28.21 16.38
C ALA C 60 12.20 28.95 15.10
N LEU C 61 12.99 28.29 14.24
CA LEU C 61 13.37 28.86 12.94
C LEU C 61 12.13 29.18 12.13
N THR C 62 11.15 28.26 12.16
CA THR C 62 9.97 28.40 11.32
C THR C 62 9.14 29.57 11.83
N LEU C 63 8.97 29.69 13.15
CA LEU C 63 8.30 30.84 13.73
C LEU C 63 9.02 32.12 13.31
N LEU C 64 10.34 32.12 13.48
CA LEU C 64 11.16 33.28 13.21
C LEU C 64 10.96 33.73 11.76
N GLU C 65 11.01 32.77 10.83
CA GLU C 65 10.73 33.03 9.42
C GLU C 65 9.41 33.78 9.29
N THR C 66 8.39 33.26 9.99
CA THR C 66 7.06 33.81 9.91
C THR C 66 7.05 35.27 10.38
N ILE C 67 7.49 35.53 11.62
CA ILE C 67 7.42 36.90 12.16
C ILE C 67 8.24 37.87 11.34
N VAL C 68 9.40 37.44 10.84
CA VAL C 68 10.25 38.29 10.03
C VAL C 68 9.49 38.74 8.79
N LYS C 69 8.83 37.81 8.10
CA LYS C 69 8.12 38.17 6.88
C LYS C 69 6.90 39.02 7.17
N ASN C 70 6.30 38.86 8.34
CA ASN C 70 4.99 39.43 8.61
C ASN C 70 5.11 40.78 9.33
N CYS C 71 6.00 40.89 10.31
CA CYS C 71 5.94 42.01 11.23
C CYS C 71 6.95 43.10 10.88
N GLY C 72 6.87 44.20 11.64
CA GLY C 72 7.49 45.45 11.29
C GLY C 72 8.94 45.56 11.72
N ASP C 73 9.53 46.71 11.38
CA ASP C 73 10.97 46.94 11.41
C ASP C 73 11.56 46.78 12.81
N ILE C 74 10.77 47.06 13.84
CA ILE C 74 11.14 46.83 15.23
C ILE C 74 11.66 45.43 15.44
N VAL C 75 11.00 44.42 14.86
CA VAL C 75 11.38 43.05 15.14
C VAL C 75 12.72 42.81 14.45
N HIS C 76 12.89 43.36 13.24
CA HIS C 76 14.12 43.20 12.49
C HIS C 76 15.29 43.78 13.30
N MET C 77 15.05 44.96 13.86
CA MET C 77 16.01 45.61 14.73
C MET C 77 16.36 44.70 15.91
N HIS C 78 15.35 44.15 16.60
CA HIS C 78 15.59 43.28 17.74
C HIS C 78 16.43 42.08 17.33
N VAL C 79 16.04 41.45 16.23
CA VAL C 79 16.71 40.24 15.78
C VAL C 79 18.20 40.50 15.61
N ALA C 80 18.54 41.58 14.89
CA ALA C 80 19.93 41.95 14.69
C ALA C 80 20.62 42.32 16.01
N GLU C 81 19.96 43.16 16.82
CA GLU C 81 20.55 43.78 17.99
C GLU C 81 20.78 42.78 19.12
N LYS C 82 19.96 41.73 19.19
CA LYS C 82 20.11 40.69 20.20
C LYS C 82 21.07 39.60 19.73
N ASP C 83 21.84 39.82 18.65
CA ASP C 83 22.85 38.88 18.17
C ASP C 83 22.25 37.48 17.98
N LEU C 84 20.94 37.41 17.69
CA LEU C 84 20.25 36.15 17.47
C LEU C 84 20.95 35.44 16.31
N LEU C 85 21.30 36.24 15.29
CA LEU C 85 22.00 35.79 14.11
C LEU C 85 23.30 35.07 14.46
N HIS C 86 24.05 35.62 15.42
CA HIS C 86 25.31 35.03 15.86
C HIS C 86 25.08 33.62 16.41
N GLU C 87 24.00 33.42 17.18
CA GLU C 87 23.66 32.10 17.67
C GLU C 87 23.37 31.16 16.49
N MET C 88 22.62 31.65 15.50
CA MET C 88 22.27 30.85 14.33
C MET C 88 23.54 30.37 13.61
N VAL C 89 24.48 31.29 13.38
CA VAL C 89 25.80 30.96 12.84
C VAL C 89 26.42 29.82 13.66
N LYS C 90 26.38 29.99 14.99
CA LYS C 90 27.00 29.05 15.91
C LYS C 90 26.40 27.65 15.77
N ILE C 91 25.09 27.55 15.45
CA ILE C 91 24.46 26.27 15.20
C ILE C 91 25.17 25.58 14.03
N VAL C 92 25.41 26.33 12.96
CA VAL C 92 26.07 25.79 11.77
C VAL C 92 27.50 25.36 12.10
N LYS C 93 28.17 26.08 13.01
CA LYS C 93 29.56 25.84 13.36
C LYS C 93 29.77 24.53 14.11
N LYS C 94 28.69 23.88 14.59
CA LYS C 94 28.79 22.58 15.24
C LYS C 94 29.50 21.58 14.33
N LYS C 95 30.21 20.62 14.95
CA LYS C 95 30.94 19.61 14.20
C LYS C 95 29.95 18.70 13.45
N GLN C 96 28.95 18.19 14.18
CA GLN C 96 27.86 17.42 13.63
C GLN C 96 26.53 18.10 13.93
N PRO C 97 26.14 19.11 13.11
CA PRO C 97 24.84 19.74 13.22
C PRO C 97 23.76 18.87 12.60
N ASP C 98 22.50 19.17 12.93
CA ASP C 98 21.41 18.50 12.25
C ASP C 98 21.28 19.05 10.83
N LEU C 99 21.05 18.16 9.87
CA LEU C 99 21.12 18.54 8.47
C LEU C 99 19.93 19.42 8.08
N HIS C 100 18.73 19.12 8.60
CA HIS C 100 17.54 19.90 8.27
C HIS C 100 17.65 21.30 8.86
N VAL C 101 18.09 21.37 10.12
CA VAL C 101 18.33 22.64 10.77
C VAL C 101 19.30 23.46 9.93
N LYS C 102 20.44 22.86 9.59
CA LYS C 102 21.49 23.51 8.82
C LYS C 102 20.90 24.08 7.53
N GLU C 103 20.17 23.23 6.79
CA GLU C 103 19.56 23.66 5.55
C GLU C 103 18.63 24.84 5.77
N LYS C 104 17.83 24.79 6.84
CA LYS C 104 16.84 25.81 7.14
C LYS C 104 17.54 27.13 7.39
N VAL C 105 18.53 27.16 8.29
CA VAL C 105 19.22 28.39 8.62
C VAL C 105 19.84 28.98 7.35
N LEU C 106 20.52 28.15 6.56
CA LEU C 106 21.18 28.61 5.35
C LEU C 106 20.21 29.34 4.43
N ILE C 107 19.04 28.73 4.19
CA ILE C 107 18.05 29.30 3.29
C ILE C 107 17.56 30.65 3.84
N LEU C 108 17.26 30.69 5.14
CA LEU C 108 16.76 31.88 5.80
C LEU C 108 17.73 33.04 5.65
N ILE C 109 18.99 32.81 6.04
CA ILE C 109 19.99 33.85 6.06
C ILE C 109 20.24 34.35 4.62
N ASP C 110 20.29 33.42 3.64
CA ASP C 110 20.41 33.82 2.25
C ASP C 110 19.25 34.70 1.80
N THR C 111 18.02 34.33 2.18
CA THR C 111 16.82 35.09 1.86
C THR C 111 16.94 36.52 2.41
N TRP C 112 17.34 36.60 3.67
CA TRP C 112 17.26 37.83 4.42
C TRP C 112 18.31 38.84 3.96
N GLN C 113 19.56 38.39 3.80
CA GLN C 113 20.60 39.31 3.38
C GLN C 113 20.28 39.90 2.02
N GLU C 114 19.64 39.13 1.13
CA GLU C 114 19.14 39.65 -0.14
C GLU C 114 18.02 40.64 0.12
N ALA C 115 17.03 40.24 0.93
CA ALA C 115 15.80 41.00 1.16
C ALA C 115 16.10 42.37 1.75
N PHE C 116 17.07 42.43 2.68
CA PHE C 116 17.44 43.67 3.33
C PHE C 116 18.43 44.51 2.55
N GLY C 117 19.02 44.02 1.45
CA GLY C 117 19.88 44.85 0.62
C GLY C 117 21.35 44.74 0.99
N GLY C 118 21.75 43.57 1.52
CA GLY C 118 23.14 43.19 1.61
C GLY C 118 23.95 44.13 2.50
N PRO C 119 25.12 44.66 2.05
CA PRO C 119 25.98 45.47 2.90
C PRO C 119 25.43 46.84 3.25
N ARG C 120 24.65 47.43 2.33
CA ARG C 120 23.98 48.70 2.57
C ARG C 120 22.66 48.53 3.32
N ALA C 121 22.33 47.30 3.75
CA ALA C 121 21.22 47.07 4.66
C ALA C 121 21.38 47.91 5.92
N ARG C 122 20.28 48.51 6.39
CA ARG C 122 20.30 49.24 7.65
C ARG C 122 20.53 48.29 8.84
N TYR C 123 20.31 46.97 8.63
CA TYR C 123 20.76 45.94 9.56
C TYR C 123 21.78 45.05 8.86
N PRO C 124 23.04 45.51 8.72
CA PRO C 124 24.02 44.78 7.94
C PRO C 124 24.45 43.46 8.55
N GLN C 125 24.03 43.23 9.81
CA GLN C 125 24.25 42.00 10.53
C GLN C 125 23.85 40.77 9.70
N PHE C 126 22.73 40.88 8.97
CA PHE C 126 22.25 39.78 8.12
C PHE C 126 23.32 39.41 7.09
N TYR C 127 23.84 40.43 6.39
CA TYR C 127 24.89 40.21 5.41
C TYR C 127 26.17 39.71 6.11
N GLY C 128 26.50 40.29 7.28
CA GLY C 128 27.69 39.87 8.03
C GLY C 128 27.67 38.38 8.34
N ALA C 129 26.53 37.89 8.83
CA ALA C 129 26.35 36.48 9.11
C ALA C 129 26.53 35.67 7.82
N TYR C 130 25.90 36.14 6.75
CA TYR C 130 25.97 35.43 5.48
C TYR C 130 27.42 35.34 4.97
N GLN C 131 28.19 36.41 5.13
CA GLN C 131 29.57 36.43 4.67
C GLN C 131 30.45 35.53 5.54
N GLU C 132 30.20 35.47 6.85
CA GLU C 132 30.90 34.55 7.74
C GLU C 132 30.75 33.12 7.21
N LEU C 133 29.49 32.74 6.92
CA LEU C 133 29.14 31.46 6.34
C LEU C 133 29.91 31.18 5.05
N LEU C 134 29.92 32.18 4.16
CA LEU C 134 30.66 32.08 2.91
C LEU C 134 32.14 31.82 3.16
N ARG C 135 32.74 32.44 4.18
CA ARG C 135 34.16 32.26 4.47
C ARG C 135 34.46 30.82 4.87
N ILE C 136 33.51 30.14 5.53
CA ILE C 136 33.68 28.74 5.90
C ILE C 136 33.43 27.82 4.70
N GLY C 137 32.81 28.35 3.64
CA GLY C 137 32.63 27.64 2.39
C GLY C 137 31.27 26.94 2.31
N ALA C 138 30.29 27.44 3.05
CA ALA C 138 28.95 26.89 2.95
C ALA C 138 28.33 27.28 1.61
N VAL C 139 27.44 26.41 1.10
CA VAL C 139 26.70 26.64 -0.14
C VAL C 139 25.28 26.15 0.09
N PHE C 140 24.28 26.93 -0.35
CA PHE C 140 22.88 26.60 -0.13
C PHE C 140 22.52 25.31 -0.89
N ASN D 5 40.91 -10.41 -11.40
CA ASN D 5 40.57 -8.98 -11.18
C ASN D 5 39.26 -8.63 -11.88
N SER D 6 39.04 -9.17 -13.09
CA SER D 6 37.79 -8.98 -13.81
C SER D 6 36.59 -9.42 -12.96
N MET D 7 36.69 -10.59 -12.33
CA MET D 7 35.61 -11.09 -11.49
C MET D 7 35.33 -10.14 -10.33
N VAL D 8 36.39 -9.65 -9.72
CA VAL D 8 36.28 -8.73 -8.60
C VAL D 8 35.58 -7.45 -9.07
N GLU D 9 36.00 -6.94 -10.23
CA GLU D 9 35.49 -5.69 -10.77
C GLU D 9 33.99 -5.80 -11.01
N ARG D 10 33.55 -6.85 -11.71
CA ARG D 10 32.14 -6.98 -12.04
C ARG D 10 31.30 -7.22 -10.80
N ALA D 11 31.83 -7.97 -9.83
CA ALA D 11 31.15 -8.15 -8.55
C ALA D 11 30.94 -6.83 -7.79
N THR D 12 31.72 -5.78 -8.14
CA THR D 12 31.56 -4.48 -7.51
C THR D 12 31.29 -3.37 -8.53
N SER D 13 30.80 -3.72 -9.73
CA SER D 13 30.63 -2.74 -10.79
C SER D 13 29.50 -1.77 -10.47
N ASP D 14 29.63 -0.53 -10.92
CA ASP D 14 28.55 0.44 -10.88
C ASP D 14 27.30 -0.02 -11.64
N MET D 15 27.44 -0.96 -12.60
CA MET D 15 26.33 -1.42 -13.40
C MET D 15 25.32 -2.24 -12.61
N LEU D 16 25.75 -2.90 -11.53
CA LEU D 16 24.87 -3.76 -10.77
C LEU D 16 24.33 -3.01 -9.56
N ILE D 17 23.14 -3.41 -9.08
CA ILE D 17 22.38 -2.57 -8.16
C ILE D 17 22.43 -3.15 -6.73
N GLY D 18 22.48 -4.48 -6.61
CA GLY D 18 22.69 -5.15 -5.34
C GLY D 18 23.68 -6.29 -5.50
N PRO D 19 24.20 -6.90 -4.42
CA PRO D 19 25.24 -7.91 -4.57
C PRO D 19 24.78 -9.14 -5.34
N ASP D 20 25.62 -9.62 -6.26
CA ASP D 20 25.36 -10.90 -6.90
C ASP D 20 25.89 -12.01 -6.00
N TRP D 21 25.00 -12.55 -5.15
CA TRP D 21 25.34 -13.59 -4.18
C TRP D 21 26.01 -14.77 -4.84
N ALA D 22 25.41 -15.24 -5.94
CA ALA D 22 25.91 -16.41 -6.66
C ALA D 22 27.34 -16.17 -7.12
N MET D 23 27.60 -14.99 -7.68
CA MET D 23 28.94 -14.63 -8.10
C MET D 23 29.88 -14.62 -6.90
N ASN D 24 29.41 -14.04 -5.79
CA ASN D 24 30.22 -13.95 -4.57
C ASN D 24 30.63 -15.36 -4.13
N ILE D 25 29.69 -16.31 -4.16
CA ILE D 25 29.98 -17.67 -3.76
C ILE D 25 30.93 -18.34 -4.76
N GLU D 26 30.68 -18.12 -6.06
CA GLU D 26 31.51 -18.75 -7.08
C GLU D 26 32.97 -18.35 -6.87
N ILE D 27 33.20 -17.07 -6.56
CA ILE D 27 34.51 -16.56 -6.20
C ILE D 27 35.04 -17.33 -4.99
N CYS D 28 34.22 -17.49 -3.95
CA CYS D 28 34.66 -18.22 -2.78
C CYS D 28 35.11 -19.64 -3.14
N ASP D 29 34.37 -20.32 -4.01
CA ASP D 29 34.73 -21.67 -4.42
C ASP D 29 36.11 -21.68 -5.05
N ILE D 30 36.36 -20.75 -5.98
CA ILE D 30 37.64 -20.69 -6.62
C ILE D 30 38.75 -20.35 -5.61
N CYS D 31 38.47 -19.46 -4.65
CA CYS D 31 39.44 -19.10 -3.63
C CYS D 31 39.83 -20.31 -2.78
N ASN D 32 38.89 -21.24 -2.55
CA ASN D 32 39.18 -22.45 -1.81
C ASN D 32 40.04 -23.42 -2.62
N HIS D 33 39.92 -23.38 -3.95
CA HIS D 33 40.64 -24.30 -4.82
C HIS D 33 42.05 -23.81 -5.14
N ASP D 34 42.16 -22.52 -5.50
CA ASP D 34 43.41 -21.98 -5.99
C ASP D 34 43.88 -20.81 -5.14
N PRO D 35 44.81 -21.03 -4.17
CA PRO D 35 45.38 -19.96 -3.36
C PRO D 35 46.04 -18.83 -4.14
N ALA D 36 46.60 -19.11 -5.33
CA ALA D 36 47.18 -18.07 -6.16
C ALA D 36 46.11 -17.07 -6.57
N GLN D 37 44.97 -17.60 -7.01
CA GLN D 37 43.89 -16.76 -7.47
C GLN D 37 43.27 -16.02 -6.28
N ALA D 38 43.23 -16.67 -5.12
CA ALA D 38 42.79 -16.00 -3.90
C ALA D 38 43.61 -14.74 -3.63
N LYS D 39 44.93 -14.82 -3.78
CA LYS D 39 45.82 -13.68 -3.58
C LYS D 39 45.42 -12.53 -4.49
N ASP D 40 45.13 -12.85 -5.75
CA ASP D 40 44.76 -11.87 -6.76
C ASP D 40 43.43 -11.21 -6.39
N VAL D 41 42.48 -12.01 -5.90
CA VAL D 41 41.19 -11.50 -5.49
C VAL D 41 41.37 -10.39 -4.47
N VAL D 42 42.15 -10.65 -3.42
CA VAL D 42 42.35 -9.69 -2.35
C VAL D 42 42.97 -8.40 -2.90
N LYS D 43 43.92 -8.49 -3.84
CA LYS D 43 44.52 -7.30 -4.45
C LYS D 43 43.46 -6.51 -5.21
N GLY D 44 42.62 -7.22 -5.97
CA GLY D 44 41.51 -6.60 -6.67
C GLY D 44 40.56 -5.87 -5.73
N ILE D 45 40.24 -6.50 -4.59
CA ILE D 45 39.35 -5.92 -3.60
C ILE D 45 39.92 -4.57 -3.16
N LYS D 46 41.21 -4.54 -2.82
CA LYS D 46 41.83 -3.32 -2.31
C LYS D 46 41.64 -2.17 -3.30
N ARG D 47 41.83 -2.46 -4.60
CA ARG D 47 41.67 -1.47 -5.64
C ARG D 47 40.24 -0.94 -5.66
N ARG D 48 39.26 -1.86 -5.70
CA ARG D 48 37.86 -1.48 -5.82
C ARG D 48 37.34 -0.80 -4.57
N LEU D 49 37.83 -1.21 -3.41
CA LEU D 49 37.57 -0.51 -2.17
C LEU D 49 38.02 0.96 -2.26
N GLY D 50 39.10 1.21 -3.00
CA GLY D 50 39.59 2.55 -3.27
C GLY D 50 38.67 3.42 -4.14
N SER D 51 37.73 2.80 -4.88
CA SER D 51 36.85 3.55 -5.76
C SER D 51 35.97 4.49 -4.97
N LYS D 52 35.74 5.70 -5.51
CA LYS D 52 35.06 6.75 -4.77
C LYS D 52 33.55 6.52 -4.69
N ASN D 53 33.01 5.60 -5.51
CA ASN D 53 31.58 5.31 -5.52
C ASN D 53 31.18 4.45 -4.31
N PRO D 54 30.34 4.94 -3.36
CA PRO D 54 29.95 4.16 -2.20
C PRO D 54 29.29 2.83 -2.54
N LYS D 55 28.55 2.78 -3.64
CA LYS D 55 27.95 1.53 -4.09
C LYS D 55 29.04 0.49 -4.31
N VAL D 56 30.06 0.86 -5.08
CA VAL D 56 31.18 -0.02 -5.39
C VAL D 56 31.81 -0.52 -4.09
N GLN D 57 32.04 0.43 -3.17
CA GLN D 57 32.62 0.09 -1.89
C GLN D 57 31.75 -0.92 -1.15
N LEU D 58 30.44 -0.66 -1.06
CA LEU D 58 29.53 -1.55 -0.36
C LEU D 58 29.60 -2.97 -0.93
N LEU D 59 29.58 -3.06 -2.26
CA LEU D 59 29.66 -4.34 -2.93
C LEU D 59 30.96 -5.05 -2.57
N ALA D 60 32.06 -4.29 -2.60
CA ALA D 60 33.37 -4.80 -2.28
C ALA D 60 33.40 -5.34 -0.85
N LEU D 61 32.88 -4.54 0.09
CA LEU D 61 32.80 -4.92 1.49
C LEU D 61 31.98 -6.20 1.63
N THR D 62 30.87 -6.27 0.89
CA THR D 62 29.97 -7.39 1.00
C THR D 62 30.64 -8.66 0.48
N LEU D 63 31.32 -8.55 -0.66
CA LEU D 63 32.10 -9.65 -1.18
C LEU D 63 33.14 -10.09 -0.16
N LEU D 64 33.88 -9.11 0.37
CA LEU D 64 34.96 -9.37 1.30
C LEU D 64 34.42 -10.15 2.50
N GLU D 65 33.31 -9.66 3.08
CA GLU D 65 32.65 -10.35 4.18
C GLU D 65 32.43 -11.82 3.84
N THR D 66 31.91 -12.03 2.63
CA THR D 66 31.60 -13.37 2.16
C THR D 66 32.87 -14.23 2.12
N ILE D 67 33.90 -13.82 1.37
CA ILE D 67 35.10 -14.64 1.22
C ILE D 67 35.81 -14.88 2.56
N VAL D 68 35.81 -13.88 3.44
CA VAL D 68 36.43 -14.03 4.75
C VAL D 68 35.73 -15.14 5.51
N LYS D 69 34.39 -15.12 5.51
CA LYS D 69 33.59 -16.11 6.20
C LYS D 69 33.68 -17.48 5.54
N ASN D 70 33.83 -17.51 4.21
CA ASN D 70 33.64 -18.71 3.42
C ASN D 70 34.96 -19.46 3.26
N CYS D 71 36.07 -18.73 3.00
CA CYS D 71 37.30 -19.37 2.60
C CYS D 71 38.28 -19.42 3.76
N GLY D 72 39.38 -20.14 3.52
CA GLY D 72 40.25 -20.62 4.59
C GLY D 72 41.35 -19.63 4.95
N ASP D 73 42.28 -20.17 5.75
CA ASP D 73 43.34 -19.46 6.46
C ASP D 73 44.19 -18.60 5.53
N ILE D 74 44.38 -19.07 4.30
CA ILE D 74 45.13 -18.38 3.27
C ILE D 74 44.62 -16.96 3.05
N VAL D 75 43.29 -16.82 2.90
CA VAL D 75 42.76 -15.51 2.54
C VAL D 75 42.88 -14.60 3.76
N HIS D 76 42.69 -15.17 4.96
CA HIS D 76 42.78 -14.43 6.21
C HIS D 76 44.19 -13.88 6.38
N MET D 77 45.20 -14.68 6.04
CA MET D 77 46.58 -14.22 5.99
C MET D 77 46.70 -13.05 5.02
N HIS D 78 46.22 -13.23 3.78
CA HIS D 78 46.41 -12.24 2.74
C HIS D 78 45.84 -10.89 3.15
N VAL D 79 44.62 -10.90 3.69
CA VAL D 79 43.95 -9.68 4.10
C VAL D 79 44.84 -8.90 5.06
N ALA D 80 45.33 -9.58 6.11
CA ALA D 80 46.18 -8.96 7.12
C ALA D 80 47.50 -8.46 6.52
N GLU D 81 48.16 -9.31 5.73
CA GLU D 81 49.50 -9.05 5.21
C GLU D 81 49.52 -7.95 4.15
N LYS D 82 48.44 -7.84 3.36
CA LYS D 82 48.35 -6.82 2.32
C LYS D 82 47.92 -5.45 2.88
N ASP D 83 47.90 -5.27 4.21
CA ASP D 83 47.46 -4.05 4.89
C ASP D 83 46.15 -3.53 4.31
N LEU D 84 45.29 -4.46 3.89
CA LEU D 84 44.00 -4.10 3.35
C LEU D 84 43.18 -3.46 4.47
N LEU D 85 43.32 -4.01 5.67
CA LEU D 85 42.71 -3.49 6.88
C LEU D 85 43.09 -2.03 7.13
N HIS D 86 44.36 -1.68 6.87
CA HIS D 86 44.80 -0.30 7.01
C HIS D 86 44.03 0.63 6.07
N GLU D 87 43.80 0.19 4.83
CA GLU D 87 43.01 0.97 3.89
C GLU D 87 41.59 1.15 4.41
N MET D 88 40.99 0.07 4.95
CA MET D 88 39.65 0.14 5.54
C MET D 88 39.62 1.23 6.63
N VAL D 89 40.58 1.17 7.54
CA VAL D 89 40.75 2.15 8.60
C VAL D 89 40.83 3.56 7.99
N LYS D 90 41.59 3.68 6.90
CA LYS D 90 41.82 4.95 6.23
C LYS D 90 40.51 5.53 5.67
N ILE D 91 39.59 4.67 5.21
CA ILE D 91 38.26 5.12 4.78
C ILE D 91 37.59 5.84 5.94
N VAL D 92 37.68 5.27 7.15
CA VAL D 92 37.06 5.83 8.34
C VAL D 92 37.70 7.17 8.69
N LYS D 93 39.03 7.29 8.50
CA LYS D 93 39.80 8.47 8.89
C LYS D 93 39.43 9.70 8.04
N LYS D 94 38.77 9.51 6.88
CA LYS D 94 38.34 10.65 6.09
C LYS D 94 37.45 11.58 6.90
N LYS D 95 37.51 12.89 6.61
CA LYS D 95 36.79 13.88 7.39
C LYS D 95 35.28 13.73 7.19
N GLN D 96 34.85 13.43 5.94
CA GLN D 96 33.45 13.23 5.59
C GLN D 96 33.28 11.90 4.86
N PRO D 97 33.29 10.75 5.60
CA PRO D 97 33.02 9.46 5.00
C PRO D 97 31.52 9.23 4.82
N ASP D 98 31.17 8.24 4.00
CA ASP D 98 29.77 7.86 3.88
C ASP D 98 29.41 6.97 5.06
N LEU D 99 28.20 7.19 5.56
CA LEU D 99 27.80 6.67 6.85
C LEU D 99 27.54 5.16 6.78
N HIS D 100 27.01 4.67 5.65
CA HIS D 100 26.68 3.27 5.53
C HIS D 100 27.96 2.44 5.47
N VAL D 101 28.90 2.89 4.64
CA VAL D 101 30.15 2.19 4.51
C VAL D 101 30.87 2.22 5.85
N LYS D 102 30.92 3.39 6.50
CA LYS D 102 31.53 3.54 7.82
C LYS D 102 31.00 2.46 8.76
N GLU D 103 29.67 2.39 8.88
CA GLU D 103 29.03 1.43 9.77
C GLU D 103 29.41 0.00 9.39
N LYS D 104 29.45 -0.29 8.09
CA LYS D 104 29.73 -1.63 7.58
C LYS D 104 31.14 -2.03 7.98
N VAL D 105 32.14 -1.20 7.68
CA VAL D 105 33.53 -1.53 7.99
C VAL D 105 33.65 -1.75 9.51
N LEU D 106 33.07 -0.85 10.30
CA LEU D 106 33.12 -0.95 11.76
C LEU D 106 32.68 -2.33 12.25
N ILE D 107 31.51 -2.75 11.78
CA ILE D 107 30.92 -4.00 12.21
C ILE D 107 31.80 -5.18 11.79
N LEU D 108 32.29 -5.15 10.54
CA LEU D 108 33.13 -6.21 10.01
C LEU D 108 34.39 -6.40 10.87
N ILE D 109 35.11 -5.29 11.12
CA ILE D 109 36.34 -5.31 11.89
C ILE D 109 36.06 -5.84 13.30
N ASP D 110 35.01 -5.31 13.93
CA ASP D 110 34.61 -5.76 15.27
C ASP D 110 34.34 -7.27 15.30
N THR D 111 33.66 -7.78 14.26
CA THR D 111 33.35 -9.21 14.15
C THR D 111 34.63 -10.03 14.06
N TRP D 112 35.51 -9.63 13.14
CA TRP D 112 36.69 -10.41 12.81
C TRP D 112 37.69 -10.44 13.96
N GLN D 113 37.93 -9.29 14.58
CA GLN D 113 38.86 -9.17 15.71
C GLN D 113 38.48 -10.14 16.82
N GLU D 114 37.18 -10.23 17.10
CA GLU D 114 36.68 -11.18 18.07
C GLU D 114 36.85 -12.60 17.56
N ALA D 115 36.47 -12.84 16.29
CA ALA D 115 36.40 -14.17 15.70
C ALA D 115 37.77 -14.85 15.66
N PHE D 116 38.83 -14.08 15.40
CA PHE D 116 40.16 -14.68 15.30
C PHE D 116 40.90 -14.72 16.63
N GLY D 117 40.32 -14.23 17.73
CA GLY D 117 40.90 -14.40 19.05
C GLY D 117 41.65 -13.16 19.52
N GLY D 118 41.29 -11.98 18.98
CA GLY D 118 41.76 -10.70 19.49
C GLY D 118 43.29 -10.59 19.47
N PRO D 119 43.96 -10.28 20.61
CA PRO D 119 45.40 -10.06 20.64
C PRO D 119 46.23 -11.32 20.44
N ARG D 120 45.72 -12.47 20.90
CA ARG D 120 46.37 -13.76 20.66
C ARG D 120 46.04 -14.34 19.28
N ALA D 121 45.32 -13.58 18.44
CA ALA D 121 45.10 -13.98 17.05
C ALA D 121 46.43 -14.19 16.33
N ARG D 122 46.49 -15.26 15.53
CA ARG D 122 47.62 -15.54 14.66
C ARG D 122 47.80 -14.45 13.60
N TYR D 123 46.72 -13.67 13.30
CA TYR D 123 46.83 -12.43 12.55
C TYR D 123 46.36 -11.29 13.46
N PRO D 124 47.20 -10.80 14.40
CA PRO D 124 46.76 -9.78 15.34
C PRO D 124 46.50 -8.42 14.68
N GLN D 125 46.79 -8.29 13.37
CA GLN D 125 46.46 -7.10 12.60
C GLN D 125 44.98 -6.71 12.75
N PHE D 126 44.07 -7.70 12.80
CA PHE D 126 42.65 -7.42 12.94
C PHE D 126 42.39 -6.69 14.25
N TYR D 127 42.97 -7.21 15.33
CA TYR D 127 42.88 -6.56 16.64
C TYR D 127 43.56 -5.19 16.63
N GLY D 128 44.72 -5.08 15.99
CA GLY D 128 45.41 -3.80 15.85
C GLY D 128 44.56 -2.74 15.15
N ALA D 129 43.88 -3.12 14.07
CA ALA D 129 42.99 -2.22 13.36
C ALA D 129 41.83 -1.81 14.26
N TYR D 130 41.25 -2.80 14.94
CA TYR D 130 40.17 -2.54 15.89
C TYR D 130 40.61 -1.54 16.97
N GLN D 131 41.85 -1.68 17.48
CA GLN D 131 42.36 -0.80 18.51
C GLN D 131 42.63 0.61 17.98
N GLU D 132 43.08 0.74 16.72
CA GLU D 132 43.22 2.06 16.11
C GLU D 132 41.88 2.80 16.16
N LEU D 133 40.82 2.10 15.75
CA LEU D 133 39.46 2.61 15.75
C LEU D 133 39.02 3.03 17.15
N LEU D 134 39.31 2.19 18.14
CA LEU D 134 39.03 2.53 19.53
C LEU D 134 39.76 3.82 19.93
N ARG D 135 41.02 3.99 19.50
CA ARG D 135 41.85 5.11 19.90
C ARG D 135 41.28 6.43 19.36
N ILE D 136 40.75 6.40 18.13
CA ILE D 136 40.12 7.58 17.55
C ILE D 136 38.69 7.73 18.08
N GLY D 137 38.17 6.71 18.78
CA GLY D 137 36.94 6.82 19.55
C GLY D 137 35.71 6.49 18.72
N ALA D 138 35.89 5.64 17.69
CA ALA D 138 34.76 5.25 16.87
C ALA D 138 33.83 4.35 17.69
N VAL D 139 32.53 4.45 17.38
CA VAL D 139 31.47 3.90 18.20
C VAL D 139 30.97 2.60 17.56
N PHE D 140 31.14 1.49 18.28
CA PHE D 140 30.66 0.20 17.82
C PHE D 140 29.22 0.02 18.28
#